data_3E6U
#
_entry.id   3E6U
#
_cell.length_a   194.278
_cell.length_b   194.278
_cell.length_c   211.829
_cell.angle_alpha   90.00
_cell.angle_beta   90.00
_cell.angle_gamma   120.00
#
_symmetry.space_group_name_H-M   'P 32 2 1'
#
loop_
_entity.id
_entity.type
_entity.pdbx_description
1 polymer 'LanC-like protein 1'
2 non-polymer 'ZINC ION'
3 water water
#
_entity_poly.entity_id   1
_entity_poly.type   'polypeptide(L)'
_entity_poly.pdbx_seq_one_letter_code
;HHHHHHSMDIEFMAQRAFPNPYADYNKSLAEGYFDAAGRLTPEFSQRLTNKIRELLQQMERGLKSADPRDGTGYTGWAGI
AVLYLHLYDVFGDPAYLQLAHGYVKQSLNCLTKRSITFLCGDAGPLAVAAVLYHKMNNEKQAEDCITRLIHLNKIDPHAP
NEMLYGRIGYIYALLFVNKNFGVEKIPQSHIQQICETILTSGENLARKRNFTAKSPLMYEWYQEYYVGAAHGLAGIYYYL
MQPSLQVSQGKLHSLVKPSVDYVCQLKFPSGNYPPCIGDNRDLLVHWCHGAPGVIYMLIQAYKVFREEKYLCDAYQCADV
IWQYGLLKKGYGLCHGSAGNAYAFLTLYNLTQDMKYLYRACKFAEWCLEYGEHGCRTPDTPFSLFEGMAGTIYFLADLLV
PTKARFPAFEL
;
_entity_poly.pdbx_strand_id   A,C,B,D
#
# COMPACT_ATOMS: atom_id res chain seq x y z
N HIS A 3 -0.06 15.18 -12.17
CA HIS A 3 0.06 13.85 -12.86
C HIS A 3 -0.95 12.82 -12.34
N HIS A 4 -1.07 11.72 -13.09
CA HIS A 4 -2.17 10.75 -12.91
C HIS A 4 -2.23 9.80 -11.67
N HIS A 5 -1.35 8.80 -11.43
CA HIS A 5 0.03 8.55 -11.91
C HIS A 5 0.95 8.58 -10.72
N HIS A 6 1.76 9.66 -10.66
CA HIS A 6 2.63 9.96 -9.53
C HIS A 6 2.45 11.42 -9.11
N SER A 7 1.44 11.66 -8.28
CA SER A 7 1.31 12.97 -7.65
C SER A 7 1.99 12.86 -6.29
N MET A 8 2.72 13.89 -5.91
CA MET A 8 3.45 13.86 -4.66
C MET A 8 2.57 14.36 -3.51
N ASP A 9 1.30 14.62 -3.83
CA ASP A 9 0.31 15.07 -2.86
C ASP A 9 -0.28 13.85 -2.15
N ILE A 10 0.54 13.26 -1.29
CA ILE A 10 0.29 11.95 -0.72
C ILE A 10 0.46 11.96 0.81
N GLU A 11 1.19 12.96 1.30
CA GLU A 11 1.63 13.00 2.69
C GLU A 11 0.61 13.61 3.66
N PHE A 12 0.04 14.75 3.29
CA PHE A 12 -0.94 15.44 4.15
C PHE A 12 -1.86 16.35 3.36
N MET A 13 -3.05 16.61 3.93
CA MET A 13 -4.14 17.26 3.21
C MET A 13 -3.89 18.67 2.67
N ALA A 14 -3.03 19.46 3.30
CA ALA A 14 -2.68 20.76 2.73
C ALA A 14 -2.16 20.70 1.28
N GLN A 15 -1.55 19.59 0.89
CA GLN A 15 -1.01 19.43 -0.45
C GLN A 15 -2.14 19.30 -1.45
N ARG A 16 -3.25 18.72 -0.99
CA ARG A 16 -4.39 18.44 -1.89
C ARG A 16 -5.32 19.63 -2.16
N ALA A 17 -5.12 20.72 -1.41
CA ALA A 17 -5.98 21.91 -1.51
C ALA A 17 -5.23 23.16 -1.95
N PHE A 18 -5.94 24.07 -2.62
CA PHE A 18 -5.43 25.43 -2.82
C PHE A 18 -5.59 26.18 -1.52
N PRO A 19 -4.70 27.12 -1.24
CA PRO A 19 -4.91 27.95 -0.05
C PRO A 19 -6.16 28.83 -0.20
N ASN A 20 -7.03 28.80 0.79
CA ASN A 20 -8.27 29.57 0.76
C ASN A 20 -7.96 31.06 0.79
N PRO A 21 -8.24 31.79 -0.31
CA PRO A 21 -7.79 33.18 -0.32
C PRO A 21 -8.84 34.15 0.22
N TYR A 22 -9.98 33.64 0.65
CA TYR A 22 -11.07 34.50 1.08
C TYR A 22 -10.90 34.92 2.53
N ALA A 23 -11.18 36.19 2.82
CA ALA A 23 -11.26 36.62 4.21
C ALA A 23 -12.42 35.89 4.89
N ASP A 24 -12.29 35.65 6.19
CA ASP A 24 -13.37 34.98 6.92
C ASP A 24 -14.47 35.98 7.28
N TYR A 25 -15.59 35.46 7.76
CA TYR A 25 -16.82 36.18 8.01
C TYR A 25 -16.68 37.44 8.86
N ASN A 26 -17.32 38.51 8.40
CA ASN A 26 -17.68 39.65 9.25
C ASN A 26 -18.84 40.41 8.60
N LYS A 27 -19.53 41.23 9.40
CA LYS A 27 -20.75 41.91 8.92
C LYS A 27 -20.59 42.62 7.57
N SER A 28 -19.51 43.40 7.43
CA SER A 28 -19.23 44.12 6.18
C SER A 28 -19.15 43.24 4.94
N LEU A 29 -18.36 42.19 5.02
CA LEU A 29 -18.14 41.31 3.87
C LEU A 29 -19.40 40.51 3.56
N ALA A 30 -20.15 40.15 4.60
CA ALA A 30 -21.43 39.43 4.48
C ALA A 30 -22.53 40.21 3.75
N GLU A 31 -22.70 41.48 4.12
CA GLU A 31 -23.64 42.40 3.46
C GLU A 31 -23.78 42.16 1.95
N GLY A 32 -22.64 42.14 1.25
CA GLY A 32 -22.58 41.86 -0.20
C GLY A 32 -23.25 40.58 -0.67
N TYR A 33 -23.24 39.53 0.15
CA TYR A 33 -23.85 38.27 -0.23
C TYR A 33 -25.28 38.10 0.26
N PHE A 34 -25.58 38.61 1.45
CA PHE A 34 -26.94 38.47 1.99
C PHE A 34 -27.33 39.51 3.02
N ASP A 35 -28.62 39.79 3.10
CA ASP A 35 -29.09 40.69 4.14
C ASP A 35 -29.28 39.89 5.42
N ALA A 36 -29.60 40.60 6.49
CA ALA A 36 -29.78 40.00 7.82
C ALA A 36 -30.80 38.86 7.84
N ALA A 37 -31.73 38.84 6.90
CA ALA A 37 -32.74 37.79 6.85
C ALA A 37 -32.17 36.55 6.21
N GLY A 38 -30.88 36.63 5.86
CA GLY A 38 -30.20 35.55 5.16
C GLY A 38 -30.75 35.30 3.77
N ARG A 39 -31.22 36.36 3.11
CA ARG A 39 -31.50 36.26 1.68
C ARG A 39 -30.31 36.74 0.82
N LEU A 40 -30.08 36.04 -0.27
CA LEU A 40 -28.99 36.44 -1.13
C LEU A 40 -29.35 37.73 -1.85
N THR A 41 -28.41 38.67 -1.85
CA THR A 41 -28.59 39.91 -2.57
C THR A 41 -28.86 39.54 -4.02
N PRO A 42 -29.83 40.24 -4.65
CA PRO A 42 -30.19 40.00 -6.05
C PRO A 42 -28.98 40.11 -6.96
N GLU A 43 -28.08 41.05 -6.65
CA GLU A 43 -26.81 41.14 -7.34
C GLU A 43 -26.14 39.77 -7.36
N PHE A 44 -25.86 39.24 -6.18
CA PHE A 44 -25.23 37.93 -6.03
C PHE A 44 -26.01 36.78 -6.72
N SER A 45 -27.31 36.69 -6.48
CA SER A 45 -28.13 35.67 -7.13
C SER A 45 -27.99 35.79 -8.63
N GLN A 46 -27.99 37.02 -9.11
CA GLN A 46 -27.86 37.25 -10.54
C GLN A 46 -26.61 36.59 -11.11
N ARG A 47 -25.49 36.69 -10.39
CA ARG A 47 -24.26 36.06 -10.85
C ARG A 47 -24.42 34.54 -10.85
N LEU A 48 -24.99 34.01 -9.78
CA LEU A 48 -25.17 32.57 -9.66
C LEU A 48 -26.00 32.11 -10.84
N THR A 49 -27.15 32.74 -11.00
CA THR A 49 -28.09 32.34 -12.02
C THR A 49 -27.41 32.44 -13.37
N ASN A 50 -26.69 33.52 -13.59
CA ASN A 50 -25.99 33.67 -14.85
C ASN A 50 -24.98 32.55 -15.13
N LYS A 51 -24.20 32.18 -14.11
CA LYS A 51 -23.28 31.05 -14.23
C LYS A 51 -24.02 29.74 -14.46
N ILE A 52 -25.08 29.49 -13.69
CA ILE A 52 -25.91 28.31 -13.85
C ILE A 52 -26.35 28.18 -15.30
N ARG A 53 -26.92 29.26 -15.85
CA ARG A 53 -27.46 29.28 -17.20
C ARG A 53 -26.42 28.85 -18.21
N GLU A 54 -25.19 29.32 -18.00
CA GLU A 54 -24.15 29.15 -18.99
C GLU A 54 -23.49 27.78 -18.84
N LEU A 55 -23.16 27.39 -17.61
CA LEU A 55 -22.67 26.03 -17.40
C LEU A 55 -23.55 24.97 -18.06
N LEU A 56 -24.88 25.06 -17.86
CA LEU A 56 -25.84 24.23 -18.59
C LEU A 56 -25.60 24.13 -20.11
N GLN A 57 -25.24 25.22 -20.78
CA GLN A 57 -24.92 25.09 -22.21
C GLN A 57 -23.75 24.14 -22.41
N GLN A 58 -22.71 24.35 -21.62
CA GLN A 58 -21.53 23.51 -21.70
C GLN A 58 -21.93 22.07 -21.43
N MET A 59 -22.73 21.88 -20.38
CA MET A 59 -23.16 20.55 -19.95
C MET A 59 -23.97 19.90 -21.05
N GLU A 60 -25.06 20.56 -21.43
CA GLU A 60 -25.96 20.07 -22.45
C GLU A 60 -25.18 19.68 -23.68
N ARG A 61 -24.18 20.49 -24.03
CA ARG A 61 -23.31 20.21 -25.17
C ARG A 61 -22.47 18.95 -24.91
N GLY A 62 -21.73 18.94 -23.80
CA GLY A 62 -20.94 17.77 -23.41
C GLY A 62 -21.71 16.46 -23.32
N LEU A 63 -22.87 16.50 -22.67
CA LEU A 63 -23.74 15.31 -22.53
C LEU A 63 -24.07 14.59 -23.85
N LYS A 64 -23.95 15.31 -24.96
CA LYS A 64 -24.03 14.69 -26.28
C LYS A 64 -22.94 13.63 -26.52
N SER A 65 -21.91 13.60 -25.66
CA SER A 65 -20.84 12.61 -25.81
C SER A 65 -20.79 11.58 -24.70
N ALA A 66 -21.54 11.81 -23.63
CA ALA A 66 -21.63 10.86 -22.51
C ALA A 66 -21.95 9.44 -23.00
N ASP A 67 -21.48 8.45 -22.25
CA ASP A 67 -21.77 7.05 -22.54
C ASP A 67 -23.28 6.80 -22.53
N PRO A 68 -23.82 6.37 -23.69
CA PRO A 68 -25.26 6.11 -23.72
C PRO A 68 -25.68 5.02 -22.73
N ARG A 69 -24.77 4.12 -22.37
CA ARG A 69 -25.11 2.92 -21.60
C ARG A 69 -25.27 3.18 -20.09
N ASP A 70 -24.60 4.22 -19.59
CA ASP A 70 -24.57 4.50 -18.16
C ASP A 70 -25.71 5.38 -17.73
N GLY A 71 -26.68 4.81 -17.02
CA GLY A 71 -27.88 5.52 -16.61
C GLY A 71 -27.97 5.83 -15.13
N THR A 72 -26.86 5.68 -14.42
CA THR A 72 -26.83 5.77 -12.96
C THR A 72 -27.06 7.20 -12.45
N GLY A 73 -27.11 7.39 -11.14
CA GLY A 73 -27.31 8.73 -10.60
C GLY A 73 -25.93 9.32 -10.53
N TYR A 74 -25.11 8.71 -9.70
CA TYR A 74 -23.68 8.86 -9.81
C TYR A 74 -23.39 8.69 -11.29
N THR A 75 -22.75 9.68 -11.91
CA THR A 75 -22.21 9.54 -13.29
C THR A 75 -23.23 9.49 -14.43
N GLY A 76 -24.27 8.67 -14.33
CA GLY A 76 -25.17 8.44 -15.48
C GLY A 76 -26.31 9.41 -15.76
N TRP A 77 -27.24 9.00 -16.64
CA TRP A 77 -28.42 9.81 -17.00
C TRP A 77 -29.33 10.21 -15.84
N ALA A 78 -29.73 9.24 -15.00
CA ALA A 78 -30.65 9.56 -13.91
C ALA A 78 -30.16 10.73 -13.09
N GLY A 79 -28.84 10.84 -12.97
CA GLY A 79 -28.21 11.94 -12.24
C GLY A 79 -28.55 13.29 -12.84
N ILE A 80 -28.53 13.36 -14.17
CA ILE A 80 -28.91 14.58 -14.89
C ILE A 80 -30.38 14.90 -14.72
N ALA A 81 -31.21 13.88 -14.87
CA ALA A 81 -32.63 13.97 -14.52
C ALA A 81 -32.80 14.56 -13.11
N VAL A 82 -32.08 14.01 -12.14
CA VAL A 82 -32.18 14.51 -10.77
C VAL A 82 -31.97 16.03 -10.78
N LEU A 83 -30.89 16.48 -11.41
CA LEU A 83 -30.53 17.91 -11.46
C LEU A 83 -31.64 18.74 -12.08
N TYR A 84 -32.14 18.28 -13.22
CA TYR A 84 -33.12 19.07 -13.94
C TYR A 84 -34.39 19.25 -13.14
N LEU A 85 -34.90 18.16 -12.59
CA LEU A 85 -36.04 18.25 -11.64
C LEU A 85 -35.83 19.26 -10.54
N HIS A 86 -34.61 19.34 -10.01
CA HIS A 86 -34.31 20.28 -8.94
C HIS A 86 -34.36 21.71 -9.48
N LEU A 87 -33.76 21.91 -10.66
CA LEU A 87 -33.78 23.17 -11.40
C LEU A 87 -35.20 23.67 -11.72
N TYR A 88 -36.02 22.78 -12.26
CA TYR A 88 -37.44 23.08 -12.44
C TYR A 88 -38.08 23.52 -11.13
N ASP A 89 -37.62 22.99 -10.00
CA ASP A 89 -38.19 23.45 -8.76
C ASP A 89 -37.69 24.81 -8.35
N VAL A 90 -36.44 25.13 -8.62
CA VAL A 90 -36.01 26.45 -8.20
C VAL A 90 -36.37 27.55 -9.21
N PHE A 91 -36.35 27.24 -10.51
CA PHE A 91 -36.60 28.27 -11.53
C PHE A 91 -37.98 28.28 -12.15
N GLY A 92 -38.75 27.19 -11.97
CA GLY A 92 -40.10 27.11 -12.52
C GLY A 92 -40.16 26.96 -14.02
N ASP A 93 -39.01 26.95 -14.68
CA ASP A 93 -38.97 26.90 -16.15
C ASP A 93 -39.40 25.53 -16.70
N PRO A 94 -40.52 25.50 -17.46
CA PRO A 94 -41.01 24.25 -18.03
C PRO A 94 -40.02 23.44 -18.86
N ALA A 95 -39.06 24.11 -19.51
CA ALA A 95 -38.07 23.41 -20.35
C ALA A 95 -37.29 22.37 -19.55
N TYR A 96 -36.99 22.74 -18.31
CA TYR A 96 -36.29 21.86 -17.37
C TYR A 96 -37.05 20.57 -17.08
N LEU A 97 -38.35 20.68 -16.87
CA LEU A 97 -39.17 19.49 -16.72
C LEU A 97 -39.11 18.62 -17.98
N GLN A 98 -39.02 19.26 -19.16
CA GLN A 98 -38.93 18.50 -20.42
C GLN A 98 -37.58 17.83 -20.60
N LEU A 99 -36.51 18.54 -20.26
CA LEU A 99 -35.18 17.92 -20.22
C LEU A 99 -35.17 16.70 -19.29
N ALA A 100 -35.59 16.89 -18.05
CA ALA A 100 -35.74 15.81 -17.06
C ALA A 100 -36.52 14.59 -17.57
N HIS A 101 -37.64 14.82 -18.25
CA HIS A 101 -38.36 13.73 -18.89
C HIS A 101 -37.42 12.96 -19.83
N GLY A 102 -36.79 13.69 -20.76
CA GLY A 102 -35.91 13.11 -21.78
C GLY A 102 -34.76 12.28 -21.24
N TYR A 103 -34.16 12.76 -20.15
CA TYR A 103 -33.06 12.01 -19.52
C TYR A 103 -33.55 10.76 -18.79
N VAL A 104 -34.62 10.89 -18.00
CA VAL A 104 -35.29 9.73 -17.40
C VAL A 104 -35.53 8.64 -18.45
N LYS A 105 -36.10 9.02 -19.57
CA LYS A 105 -36.34 8.04 -20.61
C LYS A 105 -35.05 7.29 -20.97
N GLN A 106 -33.95 8.01 -21.17
CA GLN A 106 -32.69 7.36 -21.49
C GLN A 106 -32.28 6.42 -20.36
N SER A 107 -32.34 6.92 -19.13
CA SER A 107 -31.92 6.13 -17.98
C SER A 107 -32.76 4.87 -17.82
N LEU A 108 -33.97 4.85 -18.36
CA LEU A 108 -34.77 3.65 -18.26
C LEU A 108 -34.30 2.53 -19.18
N ASN A 109 -33.57 2.84 -20.23
CA ASN A 109 -32.99 1.80 -21.07
C ASN A 109 -31.61 1.28 -20.61
N CYS A 110 -31.26 1.56 -19.36
CA CYS A 110 -29.96 1.20 -18.82
C CYS A 110 -30.05 0.27 -17.61
N LEU A 111 -31.24 -0.26 -17.36
CA LEU A 111 -31.45 -1.17 -16.22
C LEU A 111 -30.65 -2.46 -16.37
N THR A 112 -30.10 -2.95 -15.26
CA THR A 112 -29.30 -4.18 -15.29
C THR A 112 -29.61 -5.15 -14.15
N LYS A 113 -30.59 -4.81 -13.32
CA LYS A 113 -30.91 -5.61 -12.13
C LYS A 113 -29.66 -6.03 -11.35
N ARG A 114 -28.58 -5.25 -11.48
CA ARG A 114 -27.33 -5.52 -10.77
C ARG A 114 -27.32 -4.93 -9.36
N SER A 115 -27.59 -3.64 -9.24
CA SER A 115 -27.47 -3.00 -7.94
C SER A 115 -28.78 -2.38 -7.44
N ILE A 116 -28.92 -2.23 -6.12
CA ILE A 116 -30.15 -1.69 -5.53
C ILE A 116 -30.15 -0.18 -5.21
N THR A 117 -29.04 0.52 -5.44
CA THR A 117 -28.93 1.89 -4.95
C THR A 117 -29.52 2.93 -5.88
N PHE A 118 -29.75 4.10 -5.29
CA PHE A 118 -30.12 5.29 -6.02
C PHE A 118 -28.92 5.74 -6.87
N LEU A 119 -27.75 5.86 -6.25
CA LEU A 119 -26.61 6.42 -6.97
C LEU A 119 -26.06 5.52 -8.10
N CYS A 120 -25.91 4.22 -7.84
CA CYS A 120 -25.31 3.29 -8.80
C CYS A 120 -26.17 2.11 -9.23
N GLY A 121 -27.40 2.03 -8.73
CA GLY A 121 -28.26 0.91 -9.08
C GLY A 121 -29.48 1.31 -9.87
N ASP A 122 -30.39 0.36 -10.06
CA ASP A 122 -31.62 0.58 -10.82
C ASP A 122 -32.63 1.44 -10.08
N ALA A 123 -32.42 1.64 -8.78
CA ALA A 123 -33.37 2.41 -8.00
C ALA A 123 -33.32 3.86 -8.44
N GLY A 124 -32.13 4.29 -8.89
CA GLY A 124 -31.93 5.62 -9.45
C GLY A 124 -32.94 5.89 -10.54
N PRO A 125 -32.80 5.21 -11.68
CA PRO A 125 -33.76 5.43 -12.76
C PRO A 125 -35.21 5.28 -12.30
N LEU A 126 -35.51 4.25 -11.50
CA LEU A 126 -36.88 3.96 -11.04
C LEU A 126 -37.50 5.09 -10.21
N ALA A 127 -36.89 5.41 -9.08
CA ALA A 127 -37.39 6.47 -8.22
C ALA A 127 -37.57 7.78 -8.97
N VAL A 128 -36.50 8.22 -9.64
CA VAL A 128 -36.50 9.45 -10.41
C VAL A 128 -37.58 9.44 -11.49
N ALA A 129 -37.74 8.33 -12.19
CA ALA A 129 -38.82 8.19 -13.17
C ALA A 129 -40.19 8.38 -12.50
N ALA A 130 -40.41 7.65 -11.40
CA ALA A 130 -41.67 7.72 -10.68
C ALA A 130 -42.10 9.15 -10.33
N VAL A 131 -41.18 9.96 -9.80
CA VAL A 131 -41.56 11.31 -9.46
C VAL A 131 -41.77 12.14 -10.73
N LEU A 132 -40.94 11.90 -11.75
CA LEU A 132 -41.02 12.68 -12.98
C LEU A 132 -42.35 12.44 -13.68
N TYR A 133 -42.81 11.19 -13.69
CA TYR A 133 -44.12 10.88 -14.22
C TYR A 133 -45.23 11.51 -13.36
N HIS A 134 -45.06 11.47 -12.04
CA HIS A 134 -46.01 12.12 -11.15
C HIS A 134 -46.20 13.58 -11.52
N LYS A 135 -45.10 14.27 -11.77
CA LYS A 135 -45.18 15.68 -12.10
C LYS A 135 -45.78 15.94 -13.48
N MET A 136 -45.74 14.93 -14.35
CA MET A 136 -46.44 15.02 -15.64
C MET A 136 -47.77 14.27 -15.59
N ASN A 137 -48.43 14.32 -14.43
CA ASN A 137 -49.72 13.65 -14.14
C ASN A 137 -49.96 12.30 -14.81
N ASN A 138 -48.96 11.41 -14.74
CA ASN A 138 -48.98 10.14 -15.45
C ASN A 138 -48.93 8.96 -14.48
N GLU A 139 -50.06 8.72 -13.79
CA GLU A 139 -50.14 7.67 -12.77
C GLU A 139 -50.00 6.24 -13.29
N LYS A 140 -50.17 6.04 -14.61
CA LYS A 140 -49.91 4.76 -15.26
C LYS A 140 -48.47 4.30 -15.00
N GLN A 141 -47.54 5.07 -15.53
CA GLN A 141 -46.11 4.77 -15.42
C GLN A 141 -45.64 4.89 -13.99
N ALA A 142 -45.91 6.03 -13.37
CA ALA A 142 -45.45 6.30 -12.01
C ALA A 142 -45.82 5.17 -11.05
N GLU A 143 -47.08 4.75 -11.09
CA GLU A 143 -47.56 3.71 -10.19
C GLU A 143 -46.82 2.40 -10.47
N ASP A 144 -46.78 2.02 -11.74
CA ASP A 144 -46.06 0.81 -12.15
C ASP A 144 -44.55 0.85 -11.79
N CYS A 145 -43.92 2.00 -11.99
CA CYS A 145 -42.54 2.25 -11.55
C CYS A 145 -42.29 1.95 -10.09
N ILE A 146 -43.23 2.38 -9.27
CA ILE A 146 -43.10 2.26 -7.83
C ILE A 146 -43.02 0.79 -7.44
N THR A 147 -43.89 -0.03 -8.01
CA THR A 147 -43.81 -1.46 -7.76
C THR A 147 -42.45 -2.01 -8.23
N ARG A 148 -42.06 -1.67 -9.45
CA ARG A 148 -40.77 -2.11 -10.01
C ARG A 148 -39.60 -1.81 -9.08
N LEU A 149 -39.68 -0.69 -8.36
CA LEU A 149 -38.73 -0.32 -7.31
C LEU A 149 -38.93 -1.09 -5.99
N ILE A 150 -40.19 -1.40 -5.65
CA ILE A 150 -40.49 -2.16 -4.43
C ILE A 150 -39.93 -3.58 -4.55
N HIS A 151 -40.20 -4.20 -5.69
CA HIS A 151 -39.69 -5.53 -6.07
C HIS A 151 -38.16 -5.56 -6.07
N LEU A 152 -37.56 -4.41 -6.33
CA LEU A 152 -36.13 -4.33 -6.65
C LEU A 152 -35.19 -4.95 -5.61
N ASN A 153 -35.53 -4.87 -4.33
CA ASN A 153 -34.62 -5.38 -3.29
C ASN A 153 -34.42 -6.90 -3.29
N LYS A 154 -35.43 -7.63 -3.78
CA LYS A 154 -35.37 -9.09 -3.80
C LYS A 154 -34.11 -9.61 -4.50
N ILE A 155 -33.55 -8.82 -5.40
CA ILE A 155 -32.41 -9.23 -6.25
C ILE A 155 -31.01 -9.22 -5.60
N ASP A 156 -30.92 -8.96 -4.30
CA ASP A 156 -29.66 -9.03 -3.58
C ASP A 156 -29.87 -9.13 -2.05
N PRO A 157 -30.16 -10.34 -1.56
CA PRO A 157 -30.33 -10.54 -0.11
C PRO A 157 -29.07 -10.33 0.75
N HIS A 158 -27.89 -10.32 0.10
CA HIS A 158 -26.60 -10.14 0.79
C HIS A 158 -25.90 -8.85 0.38
N ALA A 159 -26.70 -7.81 0.19
CA ALA A 159 -26.24 -6.47 -0.16
C ALA A 159 -25.39 -5.89 0.96
N PRO A 160 -24.44 -4.99 0.63
CA PRO A 160 -23.75 -4.25 1.67
C PRO A 160 -24.73 -3.33 2.37
N ASN A 161 -24.25 -2.40 3.18
CA ASN A 161 -25.17 -1.54 3.92
C ASN A 161 -24.94 -0.06 3.68
N GLU A 162 -24.02 0.28 2.78
CA GLU A 162 -23.57 1.66 2.67
C GLU A 162 -24.32 2.39 1.55
N MET A 163 -23.88 3.59 1.19
CA MET A 163 -24.64 4.43 0.27
C MET A 163 -24.58 4.04 -1.21
N LEU A 164 -23.38 3.84 -1.73
CA LEU A 164 -23.22 3.69 -3.18
C LEU A 164 -23.67 2.33 -3.68
N TYR A 165 -23.51 1.29 -2.86
CA TYR A 165 -23.98 -0.06 -3.20
C TYR A 165 -24.91 -0.73 -2.18
N GLY A 166 -25.09 -0.11 -1.00
CA GLY A 166 -25.72 -0.78 0.12
C GLY A 166 -27.20 -0.52 0.38
N ARG A 167 -27.67 -0.96 1.53
CA ARG A 167 -29.10 -0.89 1.85
C ARG A 167 -29.60 0.54 2.00
N ILE A 168 -28.87 1.35 2.77
CA ILE A 168 -29.25 2.74 2.93
C ILE A 168 -29.39 3.44 1.58
N GLY A 169 -28.39 3.31 0.71
CA GLY A 169 -28.49 3.82 -0.66
C GLY A 169 -29.77 3.42 -1.38
N TYR A 170 -30.38 2.30 -0.97
CA TYR A 170 -31.66 1.87 -1.50
C TYR A 170 -32.82 2.57 -0.80
N ILE A 171 -32.68 2.78 0.50
CA ILE A 171 -33.72 3.47 1.25
C ILE A 171 -33.84 4.92 0.76
N TYR A 172 -32.73 5.50 0.30
CA TYR A 172 -32.83 6.85 -0.24
C TYR A 172 -33.80 6.89 -1.42
N ALA A 173 -33.63 5.99 -2.38
CA ALA A 173 -34.59 5.85 -3.45
C ALA A 173 -35.98 5.81 -2.84
N LEU A 174 -36.14 5.03 -1.78
CA LEU A 174 -37.44 4.87 -1.15
C LEU A 174 -37.98 6.18 -0.57
N LEU A 175 -37.14 6.93 0.14
CA LEU A 175 -37.55 8.22 0.73
C LEU A 175 -37.85 9.27 -0.34
N PHE A 176 -36.95 9.36 -1.32
CA PHE A 176 -37.14 10.23 -2.47
C PHE A 176 -38.58 10.21 -2.93
N VAL A 177 -39.05 9.02 -3.32
CA VAL A 177 -40.44 8.86 -3.75
C VAL A 177 -41.45 9.36 -2.72
N ASN A 178 -41.41 8.82 -1.51
CA ASN A 178 -42.31 9.26 -0.45
C ASN A 178 -42.37 10.77 -0.26
N LYS A 179 -41.20 11.41 -0.17
CA LYS A 179 -41.14 12.84 0.10
C LYS A 179 -41.72 13.64 -1.05
N ASN A 180 -41.31 13.29 -2.27
CA ASN A 180 -41.76 13.99 -3.47
C ASN A 180 -43.20 13.72 -3.86
N PHE A 181 -43.79 12.63 -3.38
CA PHE A 181 -45.20 12.40 -3.67
C PHE A 181 -46.11 13.12 -2.68
N GLY A 182 -45.70 13.19 -1.42
CA GLY A 182 -46.52 13.79 -0.37
C GLY A 182 -47.09 12.75 0.59
N VAL A 183 -47.85 11.80 0.04
CA VAL A 183 -48.38 10.67 0.83
C VAL A 183 -47.34 9.52 0.84
N GLU A 184 -47.54 8.59 1.78
CA GLU A 184 -46.69 7.40 1.93
C GLU A 184 -46.94 6.41 0.79
N LYS A 185 -46.25 6.61 -0.33
CA LYS A 185 -46.42 5.73 -1.49
C LYS A 185 -45.68 4.42 -1.32
N ILE A 186 -44.66 4.40 -0.47
CA ILE A 186 -43.99 3.17 -0.12
C ILE A 186 -44.36 2.86 1.33
N PRO A 187 -44.89 1.65 1.59
CA PRO A 187 -45.30 1.29 2.95
C PRO A 187 -44.15 1.40 3.95
N GLN A 188 -44.42 2.03 5.09
CA GLN A 188 -43.41 2.18 6.14
C GLN A 188 -42.92 0.82 6.66
N SER A 189 -43.73 -0.22 6.48
CA SER A 189 -43.30 -1.58 6.80
C SER A 189 -42.08 -1.98 5.96
N HIS A 190 -42.20 -1.85 4.64
CA HIS A 190 -41.10 -2.11 3.71
C HIS A 190 -39.81 -1.40 4.16
N ILE A 191 -39.95 -0.21 4.74
CA ILE A 191 -38.78 0.56 5.15
C ILE A 191 -38.15 0.01 6.41
N GLN A 192 -38.98 -0.24 7.41
CA GLN A 192 -38.47 -0.62 8.73
C GLN A 192 -37.81 -1.99 8.64
N GLN A 193 -38.44 -2.91 7.91
CA GLN A 193 -37.93 -4.26 7.88
C GLN A 193 -36.55 -4.29 7.23
N ILE A 194 -36.34 -3.49 6.18
CA ILE A 194 -34.99 -3.39 5.64
C ILE A 194 -34.06 -2.74 6.67
N CYS A 195 -34.52 -1.70 7.34
CA CYS A 195 -33.77 -1.11 8.44
C CYS A 195 -33.43 -2.16 9.51
N GLU A 196 -34.43 -2.98 9.88
CA GLU A 196 -34.27 -4.06 10.85
C GLU A 196 -33.13 -4.99 10.42
N THR A 197 -33.20 -5.48 9.18
CA THR A 197 -32.13 -6.32 8.65
C THR A 197 -30.76 -5.60 8.60
N ILE A 198 -30.71 -4.29 8.71
CA ILE A 198 -29.40 -3.64 8.73
C ILE A 198 -28.85 -3.41 10.14
N LEU A 199 -29.75 -3.29 11.11
CA LEU A 199 -29.35 -3.26 12.51
C LEU A 199 -28.78 -4.62 12.92
N THR A 200 -29.61 -5.66 12.83
CA THR A 200 -29.20 -6.99 13.25
C THR A 200 -27.94 -7.43 12.52
N SER A 201 -27.83 -7.10 11.24
CA SER A 201 -26.61 -7.36 10.47
C SER A 201 -25.40 -6.62 11.02
N GLY A 202 -25.64 -5.51 11.71
CA GLY A 202 -24.56 -4.67 12.20
C GLY A 202 -24.05 -5.13 13.54
N GLU A 203 -24.88 -5.83 14.29
CA GLU A 203 -24.45 -6.36 15.59
C GLU A 203 -23.83 -7.74 15.46
N ASN A 204 -24.36 -8.55 14.54
CA ASN A 204 -23.70 -9.79 14.13
C ASN A 204 -22.25 -9.57 13.71
N LEU A 205 -22.02 -8.58 12.86
CA LEU A 205 -20.67 -8.33 12.40
C LEU A 205 -19.76 -7.84 13.54
N ALA A 206 -20.31 -7.10 14.50
CA ALA A 206 -19.47 -6.57 15.57
C ALA A 206 -19.10 -7.63 16.60
N ARG A 207 -19.77 -8.78 16.50
CA ARG A 207 -19.60 -9.93 17.39
C ARG A 207 -18.70 -11.01 16.76
N LYS A 208 -18.90 -11.27 15.47
CA LYS A 208 -17.98 -12.09 14.68
C LYS A 208 -16.60 -11.43 14.72
N ARG A 209 -16.60 -10.12 14.88
CA ARG A 209 -15.38 -9.42 15.21
C ARG A 209 -15.50 -9.05 16.70
N ASN A 210 -14.42 -8.60 17.34
CA ASN A 210 -14.55 -8.21 18.73
C ASN A 210 -14.59 -6.69 18.84
N PHE A 211 -15.57 -6.12 18.14
CA PHE A 211 -15.87 -4.70 18.23
C PHE A 211 -16.95 -4.50 19.27
N THR A 212 -17.73 -5.56 19.47
CA THR A 212 -18.93 -5.52 20.33
C THR A 212 -18.80 -4.66 21.60
N ALA A 213 -17.66 -4.79 22.30
CA ALA A 213 -17.36 -3.90 23.43
C ALA A 213 -17.23 -2.44 23.01
N LYS A 214 -16.22 -2.18 22.17
CA LYS A 214 -15.87 -0.86 21.60
C LYS A 214 -16.96 -0.14 20.78
N SER A 215 -17.77 -0.91 20.04
CA SER A 215 -18.85 -0.36 19.22
C SER A 215 -19.88 -1.44 18.89
N PRO A 216 -21.07 -1.35 19.50
CA PRO A 216 -22.13 -2.36 19.35
C PRO A 216 -22.52 -2.72 17.92
N LEU A 217 -22.21 -1.84 16.97
CA LEU A 217 -22.50 -2.07 15.55
C LEU A 217 -21.25 -1.94 14.67
N MET A 218 -21.20 -2.72 13.59
CA MET A 218 -20.08 -2.64 12.67
C MET A 218 -20.43 -3.08 11.26
N TYR A 219 -19.81 -2.42 10.30
CA TYR A 219 -20.12 -2.64 8.89
C TYR A 219 -18.84 -2.57 8.05
N GLU A 220 -18.84 -3.28 6.93
CA GLU A 220 -17.68 -3.26 6.07
C GLU A 220 -18.10 -3.30 4.61
N TRP A 221 -17.34 -2.64 3.77
CA TRP A 221 -17.59 -2.77 2.35
C TRP A 221 -16.27 -3.07 1.66
N TYR A 222 -16.29 -4.06 0.78
CA TYR A 222 -15.16 -4.41 -0.07
C TYR A 222 -13.88 -4.45 0.77
N GLN A 223 -13.91 -5.34 1.75
CA GLN A 223 -12.76 -5.68 2.59
C GLN A 223 -12.24 -4.55 3.48
N GLU A 224 -13.10 -3.59 3.78
CA GLU A 224 -12.74 -2.54 4.75
C GLU A 224 -13.92 -2.08 5.62
N TYR A 225 -13.55 -1.57 6.79
CA TYR A 225 -14.47 -0.93 7.73
C TYR A 225 -14.49 0.55 7.38
N TYR A 226 -15.31 0.92 6.40
CA TYR A 226 -15.31 2.29 5.91
C TYR A 226 -15.96 3.24 6.91
N VAL A 227 -15.28 4.36 7.14
CA VAL A 227 -15.72 5.38 8.09
C VAL A 227 -16.66 6.40 7.45
N GLY A 228 -16.26 6.91 6.30
CA GLY A 228 -16.97 7.99 5.64
C GLY A 228 -18.42 7.82 5.23
N ALA A 229 -18.93 8.87 4.59
CA ALA A 229 -20.30 8.93 4.10
C ALA A 229 -20.58 8.01 2.91
N ALA A 230 -19.72 8.06 1.90
CA ALA A 230 -19.99 7.33 0.67
C ALA A 230 -20.17 5.84 0.91
N HIS A 231 -19.20 5.25 1.59
CA HIS A 231 -19.14 3.80 1.76
C HIS A 231 -19.19 3.32 3.20
N GLY A 232 -19.25 4.24 4.16
CA GLY A 232 -19.00 3.85 5.56
C GLY A 232 -19.99 4.14 6.68
N LEU A 233 -19.44 4.16 7.90
CA LEU A 233 -20.24 4.20 9.11
C LEU A 233 -21.02 5.49 9.22
N ALA A 234 -20.33 6.63 9.12
CA ALA A 234 -21.00 7.92 9.25
C ALA A 234 -22.17 7.94 8.29
N GLY A 235 -21.96 7.40 7.10
CA GLY A 235 -23.06 7.17 6.17
C GLY A 235 -24.23 6.46 6.82
N ILE A 236 -23.95 5.30 7.41
CA ILE A 236 -25.01 4.40 7.87
C ILE A 236 -25.71 4.90 9.12
N TYR A 237 -24.93 5.40 10.07
CA TYR A 237 -25.48 5.88 11.33
C TYR A 237 -26.34 7.13 11.12
N TYR A 238 -25.85 8.05 10.30
CA TYR A 238 -26.66 9.19 9.88
C TYR A 238 -28.06 8.73 9.49
N TYR A 239 -28.11 7.67 8.69
CA TYR A 239 -29.38 7.15 8.24
C TYR A 239 -30.17 6.48 9.35
N LEU A 240 -29.47 5.98 10.37
CA LEU A 240 -30.14 5.20 11.39
C LEU A 240 -30.76 6.13 12.41
N MET A 241 -30.10 7.29 12.59
CA MET A 241 -30.58 8.34 13.50
C MET A 241 -31.61 9.21 12.82
N GLN A 242 -32.01 8.84 11.61
CA GLN A 242 -33.06 9.56 10.89
C GLN A 242 -34.44 9.09 11.37
N PRO A 243 -35.31 10.04 11.80
CA PRO A 243 -36.61 9.65 12.35
C PRO A 243 -37.46 8.86 11.35
N SER A 244 -37.33 9.22 10.08
CA SER A 244 -37.99 8.51 8.97
C SER A 244 -37.84 7.00 9.10
N LEU A 245 -36.66 6.58 9.53
CA LEU A 245 -36.36 5.15 9.64
C LEU A 245 -36.88 4.50 10.92
N GLN A 246 -37.27 5.34 11.89
CA GLN A 246 -37.90 4.90 13.16
C GLN A 246 -37.23 3.85 14.03
N VAL A 247 -35.97 4.01 14.36
CA VAL A 247 -35.36 3.08 15.29
C VAL A 247 -35.86 3.34 16.72
N SER A 248 -36.43 2.31 17.32
CA SER A 248 -36.92 2.41 18.71
C SER A 248 -35.93 3.19 19.57
N GLN A 249 -36.45 4.22 20.25
CA GLN A 249 -35.69 5.01 21.22
C GLN A 249 -34.73 4.14 22.03
N GLY A 250 -35.17 2.92 22.34
CA GLY A 250 -34.37 1.95 23.10
C GLY A 250 -33.08 1.63 22.37
N LYS A 251 -33.21 0.87 21.28
CA LYS A 251 -32.08 0.50 20.39
C LYS A 251 -31.24 1.69 19.95
N LEU A 252 -31.90 2.83 19.75
CA LEU A 252 -31.22 4.07 19.41
C LEU A 252 -30.09 4.42 20.39
N HIS A 253 -30.36 4.27 21.68
CA HIS A 253 -29.40 4.61 22.73
C HIS A 253 -28.42 3.48 23.07
N SER A 254 -28.84 2.24 22.89
CA SER A 254 -28.03 1.09 23.30
C SER A 254 -27.14 0.55 22.20
N LEU A 255 -27.55 0.75 20.95
CA LEU A 255 -26.80 0.25 19.79
C LEU A 255 -26.09 1.37 19.03
N VAL A 256 -26.85 2.34 18.52
CA VAL A 256 -26.27 3.31 17.59
C VAL A 256 -25.50 4.45 18.24
N LYS A 257 -25.99 4.96 19.36
CA LYS A 257 -25.26 6.07 19.98
C LYS A 257 -23.76 5.77 20.18
N PRO A 258 -23.41 4.64 20.85
CA PRO A 258 -21.98 4.42 21.10
C PRO A 258 -21.20 4.03 19.85
N SER A 259 -21.88 3.41 18.88
CA SER A 259 -21.32 3.21 17.55
C SER A 259 -20.84 4.53 16.96
N VAL A 260 -21.69 5.56 17.08
CA VAL A 260 -21.37 6.91 16.62
C VAL A 260 -20.21 7.47 17.42
N ASP A 261 -20.30 7.33 18.75
CA ASP A 261 -19.23 7.78 19.64
C ASP A 261 -17.89 7.14 19.30
N TYR A 262 -17.94 5.90 18.82
CA TYR A 262 -16.75 5.20 18.37
C TYR A 262 -16.14 5.98 17.23
N VAL A 263 -16.96 6.25 16.22
CA VAL A 263 -16.53 7.01 15.06
C VAL A 263 -15.92 8.35 15.48
N CYS A 264 -16.60 9.12 16.32
CA CYS A 264 -16.11 10.45 16.68
C CYS A 264 -14.69 10.36 17.20
N GLN A 265 -14.46 9.31 17.98
CA GLN A 265 -13.19 9.11 18.65
C GLN A 265 -12.09 8.71 17.66
N LEU A 266 -12.48 8.37 16.43
CA LEU A 266 -11.50 8.11 15.38
C LEU A 266 -10.89 9.38 14.80
N LYS A 267 -11.46 10.54 15.11
CA LYS A 267 -11.02 11.80 14.51
C LYS A 267 -9.51 11.99 14.57
N PHE A 268 -8.92 12.52 13.51
CA PHE A 268 -7.52 12.90 13.59
C PHE A 268 -7.35 14.08 14.54
N PRO A 269 -6.11 14.31 14.98
CA PRO A 269 -5.76 15.57 15.65
C PRO A 269 -6.18 16.83 14.85
N SER A 270 -6.36 16.71 13.54
CA SER A 270 -6.64 17.89 12.74
C SER A 270 -8.12 18.19 12.81
N GLY A 271 -8.91 17.16 13.09
CA GLY A 271 -10.36 17.30 13.14
C GLY A 271 -11.00 16.53 12.00
N ASN A 272 -10.15 16.19 11.03
CA ASN A 272 -10.53 15.33 9.90
C ASN A 272 -10.76 13.87 10.32
N TYR A 273 -11.14 12.99 9.37
CA TYR A 273 -11.45 11.61 9.71
C TYR A 273 -10.84 10.66 8.69
N PRO A 274 -10.30 9.51 9.14
CA PRO A 274 -9.67 8.52 8.26
C PRO A 274 -10.63 7.85 7.30
N PRO A 275 -10.17 7.56 6.07
CA PRO A 275 -10.98 6.78 5.15
C PRO A 275 -11.51 5.49 5.81
N CYS A 276 -10.62 4.65 6.35
CA CYS A 276 -11.02 3.49 7.16
C CYS A 276 -10.29 3.41 8.48
N ILE A 277 -10.86 2.62 9.38
CA ILE A 277 -10.30 2.36 10.70
C ILE A 277 -8.85 1.88 10.54
N GLY A 278 -7.93 2.49 11.28
CA GLY A 278 -6.54 2.10 11.16
C GLY A 278 -5.72 2.99 10.25
N ASP A 279 -6.37 3.62 9.27
CA ASP A 279 -5.68 4.56 8.43
C ASP A 279 -4.95 5.60 9.25
N ASN A 280 -3.79 6.01 8.77
CA ASN A 280 -2.92 6.92 9.49
C ASN A 280 -2.65 8.14 8.65
N ARG A 281 -2.88 7.99 7.35
CA ARG A 281 -2.69 9.08 6.41
C ARG A 281 -3.89 10.01 6.51
N ASP A 282 -3.65 11.25 6.91
CA ASP A 282 -4.71 12.24 7.04
C ASP A 282 -4.75 13.23 5.88
N LEU A 283 -5.39 12.85 4.78
CA LEU A 283 -5.40 13.72 3.59
C LEU A 283 -6.64 13.90 2.69
N LEU A 284 -7.61 13.01 2.76
CA LEU A 284 -8.79 13.20 1.93
C LEU A 284 -9.81 14.08 2.60
N VAL A 285 -10.08 15.24 2.00
CA VAL A 285 -11.14 16.12 2.46
C VAL A 285 -12.36 16.10 1.53
N HIS A 286 -12.96 14.94 1.42
CA HIS A 286 -14.09 14.70 0.51
C HIS A 286 -15.39 14.43 1.25
N TRP A 287 -16.49 14.46 0.50
CA TRP A 287 -17.75 13.93 0.97
C TRP A 287 -17.55 12.43 1.18
N CYS A 288 -17.24 11.71 0.10
CA CYS A 288 -16.99 10.26 0.19
C CYS A 288 -16.10 9.85 1.38
N HIS A 289 -14.94 10.50 1.51
CA HIS A 289 -14.04 10.27 2.65
C HIS A 289 -13.59 11.55 3.34
N GLY A 290 -13.67 11.58 4.65
CA GLY A 290 -13.18 12.73 5.39
C GLY A 290 -14.30 13.46 6.09
N ALA A 291 -13.96 14.63 6.64
CA ALA A 291 -14.90 15.54 7.29
C ALA A 291 -16.22 15.80 6.54
N PRO A 292 -16.13 16.19 5.25
CA PRO A 292 -17.37 16.60 4.59
C PRO A 292 -18.50 15.57 4.57
N GLY A 293 -18.22 14.29 4.80
CA GLY A 293 -19.28 13.30 4.85
C GLY A 293 -19.63 12.91 6.27
N VAL A 294 -18.64 13.02 7.14
CA VAL A 294 -18.79 12.64 8.54
C VAL A 294 -19.66 13.66 9.27
N ILE A 295 -19.62 14.90 8.79
CA ILE A 295 -20.30 16.00 9.45
C ILE A 295 -21.82 15.80 9.55
N TYR A 296 -22.42 15.17 8.54
CA TYR A 296 -23.86 14.93 8.53
C TYR A 296 -24.22 14.06 9.71
N MET A 297 -23.32 13.12 10.03
CA MET A 297 -23.52 12.21 11.16
C MET A 297 -23.46 13.01 12.46
N LEU A 298 -22.45 13.84 12.59
CA LEU A 298 -22.33 14.65 13.79
C LEU A 298 -23.57 15.54 13.99
N ILE A 299 -23.98 16.27 12.96
CA ILE A 299 -25.10 17.22 13.12
C ILE A 299 -26.37 16.46 13.47
N GLN A 300 -26.55 15.28 12.89
CA GLN A 300 -27.76 14.55 13.19
C GLN A 300 -27.72 14.06 14.62
N ALA A 301 -26.57 13.53 15.04
CA ALA A 301 -26.40 13.06 16.41
C ALA A 301 -26.76 14.18 17.37
N TYR A 302 -26.34 15.38 17.06
CA TYR A 302 -26.71 16.50 17.89
C TYR A 302 -28.22 16.65 17.93
N LYS A 303 -28.86 16.69 16.78
CA LYS A 303 -30.29 16.91 16.74
C LYS A 303 -30.97 15.84 17.60
N VAL A 304 -30.45 14.62 17.54
CA VAL A 304 -31.13 13.51 18.19
C VAL A 304 -30.82 13.39 19.68
N PHE A 305 -29.58 13.62 20.08
CA PHE A 305 -29.15 13.45 21.47
C PHE A 305 -28.83 14.74 22.20
N ARG A 306 -28.92 15.87 21.51
CA ARG A 306 -28.67 17.18 22.11
C ARG A 306 -27.47 17.21 23.05
N GLU A 307 -26.31 16.78 22.56
CA GLU A 307 -25.11 16.80 23.39
C GLU A 307 -24.02 17.68 22.80
N GLU A 308 -23.50 18.58 23.65
CA GLU A 308 -22.57 19.62 23.22
C GLU A 308 -21.42 19.11 22.37
N LYS A 309 -20.97 17.89 22.62
CA LYS A 309 -19.77 17.39 21.96
C LYS A 309 -20.00 17.07 20.48
N TYR A 310 -21.22 16.70 20.12
CA TYR A 310 -21.53 16.40 18.73
C TYR A 310 -21.45 17.68 17.90
N LEU A 311 -22.36 18.62 18.20
CA LEU A 311 -22.31 19.98 17.65
C LEU A 311 -20.88 20.50 17.58
N CYS A 312 -20.16 20.31 18.68
CA CYS A 312 -18.82 20.82 18.84
C CYS A 312 -17.84 20.19 17.87
N ASP A 313 -17.99 18.89 17.66
CA ASP A 313 -17.20 18.18 16.66
C ASP A 313 -17.52 18.67 15.25
N ALA A 314 -18.81 18.89 14.96
CA ALA A 314 -19.24 19.38 13.66
C ALA A 314 -18.67 20.76 13.32
N TYR A 315 -18.52 21.62 14.32
CA TYR A 315 -17.90 22.93 14.16
C TYR A 315 -16.47 22.77 13.68
N GLN A 316 -15.83 21.74 14.22
CA GLN A 316 -14.45 21.41 13.96
C GLN A 316 -14.27 20.98 12.49
N CYS A 317 -15.19 20.15 12.01
CA CYS A 317 -15.25 19.79 10.60
C CYS A 317 -15.23 21.03 9.73
N ALA A 318 -16.24 21.87 9.94
CA ALA A 318 -16.42 23.08 9.15
C ALA A 318 -15.10 23.79 8.99
N ASP A 319 -14.35 23.84 10.09
CA ASP A 319 -13.10 24.58 10.14
C ASP A 319 -12.00 23.95 9.28
N VAL A 320 -11.89 22.63 9.38
CA VAL A 320 -11.04 21.83 8.50
C VAL A 320 -11.39 22.14 7.04
N ILE A 321 -12.66 21.95 6.70
CA ILE A 321 -13.12 22.16 5.35
C ILE A 321 -12.89 23.58 4.85
N TRP A 322 -12.99 24.56 5.76
CA TRP A 322 -12.71 25.94 5.39
C TRP A 322 -11.24 26.13 5.01
N GLN A 323 -10.36 25.41 5.67
CA GLN A 323 -8.94 25.60 5.45
C GLN A 323 -8.47 24.74 4.28
N TYR A 324 -9.16 23.62 4.04
CA TYR A 324 -8.67 22.57 3.14
C TYR A 324 -9.67 21.99 2.14
N GLY A 325 -10.84 22.61 2.01
CA GLY A 325 -11.91 22.07 1.15
C GLY A 325 -11.96 22.53 -0.30
N LEU A 326 -11.02 23.35 -0.72
CA LEU A 326 -10.96 23.71 -2.13
C LEU A 326 -10.01 22.76 -2.83
N LEU A 327 -10.50 21.66 -3.39
CA LEU A 327 -9.58 20.63 -3.80
C LEU A 327 -8.93 20.85 -5.17
N LYS A 328 -7.71 20.37 -5.33
CA LYS A 328 -7.13 20.36 -6.65
C LYS A 328 -7.88 19.31 -7.47
N LYS A 329 -8.63 18.48 -6.77
CA LYS A 329 -9.41 17.43 -7.42
C LYS A 329 -10.57 17.96 -8.28
N GLY A 330 -10.99 19.21 -8.04
CA GLY A 330 -12.05 19.80 -8.85
C GLY A 330 -13.28 20.21 -8.04
N TYR A 331 -14.40 20.36 -8.73
CA TYR A 331 -15.52 21.14 -8.22
C TYR A 331 -16.73 20.27 -7.85
N GLY A 332 -16.53 18.96 -7.84
CA GLY A 332 -17.62 18.01 -7.77
C GLY A 332 -18.34 17.84 -6.45
N LEU A 333 -19.39 17.03 -6.47
CA LEU A 333 -20.07 16.67 -5.23
C LEU A 333 -19.36 15.59 -4.40
N CYS A 334 -19.02 14.46 -5.02
CA CYS A 334 -18.41 13.33 -4.33
C CYS A 334 -17.09 13.72 -3.64
N HIS A 335 -16.22 14.37 -4.39
CA HIS A 335 -14.94 14.76 -3.86
C HIS A 335 -14.47 16.02 -4.57
N GLY A 336 -15.10 17.13 -4.19
CA GLY A 336 -14.77 18.43 -4.77
C GLY A 336 -15.31 19.61 -3.98
N SER A 337 -14.99 20.80 -4.47
CA SER A 337 -15.34 22.01 -3.75
C SER A 337 -16.84 22.16 -3.48
N ALA A 338 -17.69 21.86 -4.46
CA ALA A 338 -19.14 22.00 -4.30
C ALA A 338 -19.74 21.11 -3.19
N GLY A 339 -19.46 19.81 -3.26
CA GLY A 339 -19.90 18.89 -2.21
C GLY A 339 -19.39 19.33 -0.86
N ASN A 340 -18.18 19.89 -0.83
CA ASN A 340 -17.62 20.34 0.42
C ASN A 340 -18.43 21.49 1.00
N ALA A 341 -18.90 22.40 0.14
CA ALA A 341 -19.62 23.56 0.63
C ALA A 341 -20.95 23.19 1.29
N TYR A 342 -21.55 22.09 0.88
CA TYR A 342 -22.81 21.65 1.47
C TYR A 342 -22.64 21.46 2.97
N ALA A 343 -21.40 21.24 3.38
CA ALA A 343 -21.11 21.00 4.79
C ALA A 343 -21.39 22.27 5.59
N PHE A 344 -21.05 23.42 5.02
CA PHE A 344 -21.37 24.72 5.60
C PHE A 344 -22.89 24.95 5.65
N LEU A 345 -23.55 24.71 4.54
CA LEU A 345 -24.99 24.91 4.50
C LEU A 345 -25.67 24.09 5.59
N THR A 346 -25.25 22.84 5.73
CA THR A 346 -25.83 21.94 6.72
C THR A 346 -25.67 22.49 8.13
N LEU A 347 -24.49 23.04 8.40
CA LEU A 347 -24.23 23.60 9.72
C LEU A 347 -25.14 24.82 9.89
N TYR A 348 -25.05 25.74 8.93
CA TYR A 348 -25.89 26.92 8.90
C TYR A 348 -27.38 26.60 9.17
N ASN A 349 -27.94 25.61 8.49
CA ASN A 349 -29.35 25.31 8.68
C ASN A 349 -29.68 24.67 10.02
N LEU A 350 -28.68 24.40 10.82
CA LEU A 350 -28.90 23.85 12.14
C LEU A 350 -28.73 25.00 13.11
N THR A 351 -27.75 25.82 12.81
CA THR A 351 -27.30 26.86 13.74
C THR A 351 -27.95 28.23 13.53
N GLN A 352 -28.15 28.61 12.26
CA GLN A 352 -28.49 29.99 11.84
C GLN A 352 -27.30 30.93 11.97
N ASP A 353 -26.10 30.37 12.14
CA ASP A 353 -24.93 31.22 12.22
C ASP A 353 -24.48 31.65 10.82
N MET A 354 -24.71 32.92 10.52
CA MET A 354 -24.46 33.49 9.21
C MET A 354 -23.02 33.32 8.74
N LYS A 355 -22.14 33.02 9.70
CA LYS A 355 -20.76 32.65 9.40
C LYS A 355 -20.75 31.55 8.36
N TYR A 356 -21.66 30.59 8.51
CA TYR A 356 -21.59 29.39 7.67
C TYR A 356 -22.25 29.55 6.31
N LEU A 357 -23.36 30.30 6.26
CA LEU A 357 -23.86 30.75 4.96
C LEU A 357 -22.75 31.51 4.22
N TYR A 358 -22.02 32.36 4.94
CA TYR A 358 -20.98 33.14 4.29
C TYR A 358 -19.94 32.25 3.60
N ARG A 359 -19.55 31.17 4.26
CA ARG A 359 -18.51 30.31 3.73
C ARG A 359 -18.98 29.61 2.47
N ALA A 360 -20.18 29.06 2.51
CA ALA A 360 -20.77 28.51 1.30
C ALA A 360 -20.67 29.49 0.12
N CYS A 361 -21.02 30.76 0.36
CA CYS A 361 -21.03 31.75 -0.69
C CYS A 361 -19.63 31.96 -1.25
N LYS A 362 -18.63 31.84 -0.39
CA LYS A 362 -17.26 32.04 -0.85
C LYS A 362 -16.76 30.85 -1.64
N PHE A 363 -17.22 29.66 -1.27
CA PHE A 363 -16.93 28.48 -2.07
C PHE A 363 -17.62 28.62 -3.41
N ALA A 364 -18.93 28.85 -3.37
CA ALA A 364 -19.69 29.22 -4.57
C ALA A 364 -18.89 30.20 -5.44
N GLU A 365 -18.28 31.18 -4.78
CA GLU A 365 -17.48 32.19 -5.41
C GLU A 365 -16.34 31.51 -6.17
N TRP A 366 -15.73 30.50 -5.55
CA TRP A 366 -14.64 29.74 -6.15
C TRP A 366 -15.12 29.02 -7.41
N CYS A 367 -16.36 28.56 -7.36
CA CYS A 367 -16.94 27.89 -8.50
C CYS A 367 -17.33 28.79 -9.65
N LEU A 368 -17.52 30.08 -9.40
CA LEU A 368 -17.86 30.95 -10.50
C LEU A 368 -16.64 31.10 -11.38
N GLU A 369 -15.50 30.67 -10.85
CA GLU A 369 -14.27 30.60 -11.60
C GLU A 369 -14.02 29.19 -12.13
N TYR A 370 -15.05 28.39 -12.22
CA TYR A 370 -14.92 27.04 -12.74
C TYR A 370 -13.90 26.95 -13.87
N GLY A 371 -12.82 26.20 -13.66
CA GLY A 371 -11.87 25.95 -14.73
C GLY A 371 -10.72 26.94 -14.84
N GLU A 372 -10.63 27.88 -13.90
CA GLU A 372 -9.52 28.84 -13.85
C GLU A 372 -8.33 28.37 -13.03
N HIS A 373 -8.58 27.48 -12.09
CA HIS A 373 -7.59 27.11 -11.10
C HIS A 373 -6.60 26.05 -11.60
N GLY A 374 -6.84 25.54 -12.80
CA GLY A 374 -5.98 24.51 -13.37
C GLY A 374 -6.21 23.10 -12.87
N CYS A 375 -7.41 22.80 -12.38
CA CYS A 375 -7.75 21.44 -11.98
C CYS A 375 -7.86 20.45 -13.11
N ARG A 376 -7.55 19.19 -12.80
CA ARG A 376 -7.95 18.06 -13.64
C ARG A 376 -9.44 18.12 -14.03
N THR A 377 -9.71 17.65 -15.26
CA THR A 377 -11.05 17.44 -15.78
C THR A 377 -11.47 16.08 -15.26
N PRO A 378 -12.67 15.98 -14.64
CA PRO A 378 -13.13 14.72 -14.03
C PRO A 378 -13.45 13.66 -15.08
N ASP A 379 -13.56 12.41 -14.64
CA ASP A 379 -13.65 11.30 -15.57
C ASP A 379 -14.95 11.27 -16.38
N THR A 380 -16.08 11.49 -15.70
CA THR A 380 -17.32 11.85 -16.38
C THR A 380 -17.56 13.37 -16.19
N PRO A 381 -17.01 14.20 -17.09
CA PRO A 381 -16.89 15.63 -16.85
C PRO A 381 -18.20 16.36 -16.68
N PHE A 382 -19.32 15.70 -16.89
CA PHE A 382 -20.58 16.42 -16.84
C PHE A 382 -21.59 15.74 -15.93
N SER A 383 -21.12 14.78 -15.14
CA SER A 383 -22.01 14.00 -14.30
C SER A 383 -22.37 14.68 -12.97
N LEU A 384 -23.41 14.17 -12.33
CA LEU A 384 -23.88 14.70 -11.06
C LEU A 384 -22.82 14.65 -9.96
N PHE A 385 -22.19 13.50 -9.77
CA PHE A 385 -21.23 13.34 -8.67
C PHE A 385 -19.76 13.51 -9.00
N GLU A 386 -19.35 13.29 -10.24
CA GLU A 386 -17.97 13.55 -10.63
C GLU A 386 -17.76 14.90 -11.32
N GLY A 387 -18.79 15.39 -12.00
CA GLY A 387 -18.63 16.54 -12.89
C GLY A 387 -19.56 17.73 -12.70
N MET A 388 -19.69 18.49 -13.79
CA MET A 388 -20.40 19.75 -13.80
C MET A 388 -21.83 19.77 -13.23
N ALA A 389 -22.61 18.74 -13.51
CA ALA A 389 -24.00 18.74 -13.04
C ALA A 389 -24.13 19.01 -11.54
N GLY A 390 -23.30 18.37 -10.74
CA GLY A 390 -23.31 18.60 -9.30
C GLY A 390 -22.98 20.05 -8.94
N THR A 391 -21.93 20.58 -9.57
CA THR A 391 -21.57 21.96 -9.32
C THR A 391 -22.74 22.91 -9.59
N ILE A 392 -23.36 22.75 -10.75
CA ILE A 392 -24.55 23.52 -11.06
C ILE A 392 -25.57 23.26 -9.98
N TYR A 393 -25.77 21.99 -9.65
CA TYR A 393 -26.82 21.61 -8.72
C TYR A 393 -26.64 22.43 -7.45
N PHE A 394 -25.40 22.56 -7.01
CA PHE A 394 -25.17 23.19 -5.74
C PHE A 394 -25.48 24.67 -5.87
N LEU A 395 -24.95 25.29 -6.92
CA LEU A 395 -25.19 26.72 -7.16
C LEU A 395 -26.68 27.04 -7.11
N ALA A 396 -27.47 26.30 -7.88
CA ALA A 396 -28.91 26.48 -7.87
C ALA A 396 -29.46 26.28 -6.48
N ASP A 397 -29.00 25.25 -5.78
CA ASP A 397 -29.51 24.93 -4.45
C ASP A 397 -29.17 26.07 -3.48
N LEU A 398 -28.05 26.73 -3.72
CA LEU A 398 -27.62 27.84 -2.84
C LEU A 398 -28.59 29.01 -2.87
N LEU A 399 -29.27 29.21 -4.01
CA LEU A 399 -30.23 30.29 -4.20
C LEU A 399 -31.27 30.43 -3.07
N VAL A 400 -31.76 29.31 -2.55
CA VAL A 400 -32.58 29.35 -1.37
C VAL A 400 -31.87 28.54 -0.29
N PRO A 401 -30.92 29.18 0.42
CA PRO A 401 -30.06 28.45 1.35
C PRO A 401 -30.85 27.56 2.30
N THR A 402 -31.87 28.12 2.92
CA THR A 402 -32.69 27.36 3.87
C THR A 402 -33.18 25.97 3.38
N LYS A 403 -33.44 25.82 2.09
CA LYS A 403 -34.01 24.58 1.54
C LYS A 403 -32.96 23.65 0.93
N ALA A 404 -31.69 24.01 1.09
CA ALA A 404 -30.62 23.25 0.45
C ALA A 404 -30.32 21.92 1.14
N ARG A 405 -30.33 20.85 0.36
CA ARG A 405 -29.88 19.52 0.78
C ARG A 405 -28.79 19.01 -0.15
N PHE A 406 -27.81 18.28 0.41
CA PHE A 406 -26.83 17.55 -0.41
C PHE A 406 -27.60 16.45 -1.14
N PRO A 407 -27.52 16.44 -2.49
CA PRO A 407 -28.49 15.62 -3.20
C PRO A 407 -28.14 14.13 -3.24
N ALA A 408 -29.19 13.32 -3.44
CA ALA A 408 -29.10 11.88 -3.46
C ALA A 408 -28.63 11.28 -2.10
N PHE A 409 -28.50 12.15 -1.10
CA PHE A 409 -28.03 11.72 0.20
C PHE A 409 -28.72 12.30 1.42
N GLU A 410 -28.82 13.64 1.47
CA GLU A 410 -29.04 14.30 2.75
C GLU A 410 -30.37 14.10 3.48
N LEU A 411 -31.49 14.24 2.81
CA LEU A 411 -32.74 14.00 3.53
C LEU A 411 -32.96 15.01 4.70
N HIS B 3 -15.49 4.07 -12.26
CA HIS B 3 -15.32 4.86 -10.99
C HIS B 3 -13.87 5.28 -10.73
N HIS B 4 -13.72 6.32 -9.90
CA HIS B 4 -12.43 7.04 -9.77
C HIS B 4 -11.56 6.73 -8.57
N HIS B 5 -12.18 6.72 -7.39
CA HIS B 5 -11.44 6.44 -6.14
C HIS B 5 -11.42 4.94 -5.84
N HIS B 6 -12.41 4.23 -6.40
CA HIS B 6 -12.52 2.77 -6.25
C HIS B 6 -12.68 2.04 -7.59
N SER B 7 -11.61 1.35 -7.97
CA SER B 7 -11.60 0.43 -9.10
C SER B 7 -11.61 -1.00 -8.58
N MET B 8 -12.50 -1.81 -9.12
CA MET B 8 -12.42 -3.25 -8.98
C MET B 8 -11.19 -3.82 -9.71
N ASP B 9 -10.68 -3.02 -10.66
CA ASP B 9 -9.68 -3.45 -11.63
C ASP B 9 -8.30 -3.11 -11.13
N ILE B 10 -7.90 -3.80 -10.07
CA ILE B 10 -6.60 -3.60 -9.42
C ILE B 10 -5.92 -4.94 -9.13
N GLU B 11 -6.58 -6.03 -9.51
CA GLU B 11 -6.14 -7.38 -9.16
C GLU B 11 -5.21 -8.02 -10.22
N PHE B 12 -5.59 -7.90 -11.49
CA PHE B 12 -4.78 -8.40 -12.62
C PHE B 12 -5.08 -7.74 -13.95
N MET B 13 -4.14 -7.89 -14.88
CA MET B 13 -4.12 -7.27 -16.21
C MET B 13 -5.41 -7.22 -17.03
N ALA B 14 -6.11 -8.35 -17.11
CA ALA B 14 -7.29 -8.45 -17.96
C ALA B 14 -8.38 -7.49 -17.54
N GLN B 15 -8.40 -7.15 -16.26
CA GLN B 15 -9.41 -6.25 -15.72
C GLN B 15 -9.28 -4.85 -16.32
N ARG B 16 -8.04 -4.44 -16.59
CA ARG B 16 -7.75 -3.11 -17.14
C ARG B 16 -7.99 -2.96 -18.65
N ALA B 17 -8.45 -4.02 -19.30
CA ALA B 17 -8.51 -4.04 -20.75
C ALA B 17 -9.86 -4.45 -21.32
N PHE B 18 -10.26 -3.85 -22.43
CA PHE B 18 -11.35 -4.43 -23.18
C PHE B 18 -10.81 -5.66 -23.91
N PRO B 19 -11.63 -6.72 -24.01
CA PRO B 19 -11.29 -7.89 -24.82
C PRO B 19 -10.98 -7.47 -26.25
N ASN B 20 -9.90 -7.96 -26.82
CA ASN B 20 -9.58 -7.56 -28.19
C ASN B 20 -10.59 -8.17 -29.16
N PRO B 21 -11.40 -7.34 -29.84
CA PRO B 21 -12.36 -7.91 -30.79
C PRO B 21 -11.75 -8.37 -32.14
N TYR B 22 -10.69 -7.70 -32.61
CA TYR B 22 -10.06 -8.01 -33.89
C TYR B 22 -9.47 -9.40 -34.00
N ALA B 23 -9.60 -10.01 -35.17
CA ALA B 23 -8.89 -11.25 -35.50
C ALA B 23 -7.42 -10.94 -35.84
N ASP B 24 -6.54 -11.89 -35.52
CA ASP B 24 -5.12 -11.70 -35.75
C ASP B 24 -4.81 -11.79 -37.24
N TYR B 25 -3.60 -11.36 -37.56
CA TYR B 25 -3.09 -11.17 -38.92
C TYR B 25 -3.16 -12.35 -39.86
N ASN B 26 -3.73 -12.12 -41.04
CA ASN B 26 -3.42 -12.89 -42.25
C ASN B 26 -3.48 -11.99 -43.49
N LYS B 27 -2.75 -12.36 -44.55
CA LYS B 27 -2.56 -11.45 -45.70
C LYS B 27 -3.86 -11.02 -46.37
N SER B 28 -4.88 -11.88 -46.28
CA SER B 28 -6.24 -11.60 -46.76
C SER B 28 -6.90 -10.44 -45.99
N LEU B 29 -6.78 -10.45 -44.66
CA LEU B 29 -7.36 -9.38 -43.83
C LEU B 29 -6.52 -8.08 -43.86
N ALA B 30 -5.22 -8.23 -44.09
CA ALA B 30 -4.28 -7.10 -44.11
C ALA B 30 -4.47 -6.19 -45.31
N GLU B 31 -4.87 -6.80 -46.43
CA GLU B 31 -4.87 -6.15 -47.74
C GLU B 31 -5.68 -4.85 -47.81
N GLY B 32 -6.75 -4.78 -47.03
CA GLY B 32 -7.55 -3.56 -46.95
C GLY B 32 -6.77 -2.42 -46.33
N TYR B 33 -5.79 -2.76 -45.50
CA TYR B 33 -4.98 -1.75 -44.81
C TYR B 33 -3.72 -1.36 -45.57
N PHE B 34 -2.98 -2.34 -46.07
CA PHE B 34 -1.72 -2.05 -46.73
C PHE B 34 -1.37 -3.14 -47.74
N ASP B 35 -0.51 -2.79 -48.68
CA ASP B 35 -0.07 -3.77 -49.68
C ASP B 35 1.06 -4.68 -49.15
N ALA B 36 1.68 -5.41 -50.06
CA ALA B 36 2.81 -6.26 -49.72
C ALA B 36 4.03 -5.45 -49.23
N ALA B 37 4.12 -4.18 -49.59
CA ALA B 37 5.31 -3.41 -49.26
C ALA B 37 5.11 -2.60 -47.99
N GLY B 38 4.00 -2.88 -47.31
CA GLY B 38 3.59 -2.15 -46.11
C GLY B 38 3.17 -0.71 -46.35
N ARG B 39 2.73 -0.39 -47.57
CA ARG B 39 2.17 0.92 -47.87
C ARG B 39 0.66 0.89 -47.66
N LEU B 40 0.12 1.96 -47.08
CA LEU B 40 -1.26 1.96 -46.62
C LEU B 40 -2.20 2.22 -47.77
N THR B 41 -3.37 1.59 -47.74
CA THR B 41 -4.31 1.73 -48.84
C THR B 41 -4.97 3.10 -48.83
N PRO B 42 -5.24 3.65 -50.03
CA PRO B 42 -5.93 4.94 -50.10
C PRO B 42 -7.20 4.96 -49.27
N GLU B 43 -7.96 3.86 -49.30
CA GLU B 43 -9.21 3.82 -48.56
C GLU B 43 -8.99 4.09 -47.06
N PHE B 44 -8.19 3.23 -46.42
CA PHE B 44 -7.84 3.37 -45.01
C PHE B 44 -7.24 4.74 -44.68
N SER B 45 -6.23 5.16 -45.44
CA SER B 45 -5.61 6.46 -45.22
C SER B 45 -6.64 7.59 -45.14
N GLN B 46 -7.67 7.54 -45.98
CA GLN B 46 -8.64 8.61 -45.99
C GLN B 46 -9.31 8.69 -44.63
N ARG B 47 -9.76 7.54 -44.15
CA ARG B 47 -10.44 7.43 -42.87
C ARG B 47 -9.63 7.97 -41.71
N LEU B 48 -8.31 7.78 -41.80
CA LEU B 48 -7.38 8.32 -40.82
C LEU B 48 -7.42 9.84 -40.86
N THR B 49 -7.27 10.36 -42.07
CA THR B 49 -7.24 11.80 -42.31
C THR B 49 -8.52 12.44 -41.81
N ASN B 50 -9.63 11.74 -42.00
CA ASN B 50 -10.94 12.21 -41.49
C ASN B 50 -10.91 12.38 -40.00
N LYS B 51 -10.43 11.35 -39.32
CA LYS B 51 -10.27 11.37 -37.88
C LYS B 51 -9.31 12.48 -37.46
N ILE B 52 -8.07 12.39 -37.91
CA ILE B 52 -7.10 13.44 -37.67
C ILE B 52 -7.79 14.81 -37.73
N ARG B 53 -8.43 15.12 -38.85
CA ARG B 53 -9.01 16.45 -39.02
C ARG B 53 -10.21 16.69 -38.10
N GLU B 54 -11.05 15.68 -37.91
CA GLU B 54 -12.20 15.94 -37.03
C GLU B 54 -11.77 16.08 -35.58
N LEU B 55 -10.83 15.25 -35.12
CA LEU B 55 -10.32 15.39 -33.75
C LEU B 55 -9.64 16.74 -33.53
N LEU B 56 -8.82 17.15 -34.49
CA LEU B 56 -8.12 18.44 -34.45
C LEU B 56 -9.06 19.59 -34.18
N GLN B 57 -10.23 19.56 -34.79
CA GLN B 57 -11.23 20.55 -34.48
C GLN B 57 -11.64 20.55 -33.01
N GLN B 58 -11.86 19.37 -32.45
CA GLN B 58 -12.19 19.29 -31.04
C GLN B 58 -11.01 19.76 -30.19
N MET B 59 -9.81 19.33 -30.55
CA MET B 59 -8.62 19.75 -29.81
C MET B 59 -8.54 21.27 -29.79
N GLU B 60 -8.64 21.86 -30.97
CA GLU B 60 -8.51 23.30 -31.09
C GLU B 60 -9.53 24.01 -30.22
N ARG B 61 -10.73 23.46 -30.17
CA ARG B 61 -11.78 24.03 -29.34
C ARG B 61 -11.50 23.82 -27.85
N GLY B 62 -11.14 22.61 -27.45
CA GLY B 62 -10.85 22.33 -26.05
C GLY B 62 -9.73 23.15 -25.41
N LEU B 63 -8.64 23.31 -26.15
CA LEU B 63 -7.49 24.08 -25.69
C LEU B 63 -7.84 25.52 -25.33
N LYS B 64 -8.94 26.04 -25.88
CA LYS B 64 -9.36 27.39 -25.53
C LYS B 64 -9.56 27.47 -24.03
N SER B 65 -9.67 26.30 -23.40
CA SER B 65 -9.94 26.20 -21.98
C SER B 65 -8.79 25.63 -21.16
N ALA B 66 -7.70 25.26 -21.81
CA ALA B 66 -6.58 24.61 -21.15
C ALA B 66 -5.88 25.61 -20.23
N ASP B 67 -5.20 25.09 -19.20
CA ASP B 67 -4.42 25.90 -18.27
C ASP B 67 -3.48 26.84 -19.04
N PRO B 68 -3.66 28.15 -18.85
CA PRO B 68 -2.88 29.12 -19.63
C PRO B 68 -1.38 29.03 -19.36
N ARG B 69 -1.01 28.52 -18.19
CA ARG B 69 0.39 28.61 -17.75
C ARG B 69 1.10 27.26 -17.60
N ASP B 70 0.49 26.19 -18.10
CA ASP B 70 1.24 24.94 -18.23
C ASP B 70 1.72 24.86 -19.65
N GLY B 71 2.99 25.17 -19.86
CA GLY B 71 3.61 25.11 -21.17
C GLY B 71 4.45 23.85 -21.36
N THR B 72 4.16 22.79 -20.61
CA THR B 72 4.96 21.58 -20.73
C THR B 72 4.74 20.89 -22.08
N GLY B 73 5.58 19.91 -22.38
CA GLY B 73 5.38 19.06 -23.54
C GLY B 73 4.44 17.93 -23.17
N TYR B 74 4.69 17.35 -22.00
CA TYR B 74 3.83 16.33 -21.41
C TYR B 74 2.33 16.70 -21.43
N THR B 75 1.98 17.83 -20.82
CA THR B 75 0.56 18.18 -20.73
C THR B 75 0.26 19.61 -21.17
N GLY B 76 1.24 20.29 -21.75
CA GLY B 76 1.07 21.71 -21.97
C GLY B 76 1.25 22.11 -23.41
N TRP B 77 1.46 23.41 -23.62
CA TRP B 77 1.53 24.00 -24.95
C TRP B 77 2.70 23.47 -25.79
N ALA B 78 3.86 23.30 -25.18
CA ALA B 78 4.99 22.74 -25.91
C ALA B 78 4.61 21.45 -26.63
N GLY B 79 3.72 20.67 -26.00
CA GLY B 79 3.35 19.36 -26.52
C GLY B 79 2.57 19.55 -27.80
N ILE B 80 1.61 20.46 -27.75
CA ILE B 80 0.81 20.81 -28.91
C ILE B 80 1.70 21.25 -30.08
N ALA B 81 2.56 22.23 -29.85
CA ALA B 81 3.55 22.64 -30.87
C ALA B 81 4.28 21.44 -31.50
N VAL B 82 4.71 20.49 -30.66
CA VAL B 82 5.27 19.23 -31.14
C VAL B 82 4.35 18.53 -32.13
N LEU B 83 3.05 18.51 -31.82
CA LEU B 83 2.08 17.84 -32.67
C LEU B 83 2.05 18.55 -34.01
N TYR B 84 1.75 19.85 -33.94
CA TYR B 84 1.62 20.66 -35.13
C TYR B 84 2.85 20.72 -36.03
N LEU B 85 4.05 20.54 -35.47
CA LEU B 85 5.26 20.46 -36.30
C LEU B 85 5.33 19.13 -37.02
N HIS B 86 4.92 18.09 -36.33
CA HIS B 86 4.79 16.76 -36.91
C HIS B 86 3.69 16.77 -37.98
N LEU B 87 2.62 17.53 -37.72
CA LEU B 87 1.50 17.59 -38.66
C LEU B 87 1.98 18.32 -39.90
N TYR B 88 2.65 19.44 -39.66
CA TYR B 88 3.24 20.21 -40.74
C TYR B 88 4.16 19.35 -41.59
N ASP B 89 4.71 18.31 -40.98
CA ASP B 89 5.65 17.48 -41.70
C ASP B 89 5.00 16.41 -42.57
N VAL B 90 3.91 15.82 -42.09
CA VAL B 90 3.16 14.84 -42.88
C VAL B 90 2.23 15.52 -43.90
N PHE B 91 1.74 16.72 -43.57
CA PHE B 91 0.71 17.36 -44.39
C PHE B 91 1.08 18.59 -45.22
N GLY B 92 2.17 19.28 -44.84
CA GLY B 92 2.66 20.47 -45.55
C GLY B 92 1.76 21.69 -45.48
N ASP B 93 0.72 21.63 -44.65
CA ASP B 93 -0.22 22.75 -44.56
C ASP B 93 0.38 23.92 -43.75
N PRO B 94 0.55 25.08 -44.41
CA PRO B 94 1.08 26.28 -43.77
C PRO B 94 0.29 26.70 -42.54
N ALA B 95 -0.97 26.28 -42.42
CA ALA B 95 -1.78 26.71 -41.28
C ALA B 95 -1.32 26.01 -40.01
N TYR B 96 -0.71 24.83 -40.22
CA TYR B 96 -0.20 24.00 -39.14
C TYR B 96 1.05 24.61 -38.52
N LEU B 97 1.96 25.06 -39.39
CA LEU B 97 3.18 25.73 -38.95
C LEU B 97 2.83 26.99 -38.16
N GLN B 98 1.88 27.74 -38.68
CA GLN B 98 1.40 28.93 -37.97
C GLN B 98 0.80 28.58 -36.61
N LEU B 99 0.03 27.49 -36.54
CA LEU B 99 -0.53 27.06 -35.27
C LEU B 99 0.60 26.76 -34.29
N ALA B 100 1.54 25.93 -34.73
CA ALA B 100 2.71 25.58 -33.93
C ALA B 100 3.41 26.82 -33.35
N HIS B 101 3.51 27.89 -34.14
CA HIS B 101 4.12 29.13 -33.69
C HIS B 101 3.31 29.80 -32.58
N GLY B 102 1.99 29.78 -32.70
CA GLY B 102 1.11 30.33 -31.67
C GLY B 102 1.29 29.66 -30.32
N TYR B 103 1.53 28.35 -30.35
CA TYR B 103 1.65 27.56 -29.13
C TYR B 103 3.04 27.62 -28.50
N VAL B 104 4.09 27.60 -29.33
CA VAL B 104 5.44 27.87 -28.87
C VAL B 104 5.49 29.18 -28.09
N LYS B 105 5.01 30.25 -28.71
CA LYS B 105 4.93 31.56 -28.06
C LYS B 105 4.30 31.41 -26.70
N GLN B 106 3.20 30.66 -26.63
CA GLN B 106 2.49 30.50 -25.37
C GLN B 106 3.32 29.78 -24.32
N SER B 107 3.98 28.70 -24.72
CA SER B 107 4.85 27.92 -23.81
C SER B 107 6.06 28.71 -23.29
N LEU B 108 6.60 29.60 -24.11
CA LEU B 108 7.72 30.43 -23.66
C LEU B 108 7.36 31.36 -22.51
N ASN B 109 6.07 31.57 -22.25
CA ASN B 109 5.65 32.30 -21.06
C ASN B 109 5.53 31.43 -19.84
N CYS B 110 5.97 30.17 -19.93
CA CYS B 110 5.74 29.24 -18.84
C CYS B 110 7.02 28.72 -18.22
N LEU B 111 8.15 29.24 -18.67
CA LEU B 111 9.46 28.84 -18.16
C LEU B 111 9.49 29.04 -16.65
N THR B 112 10.07 28.08 -15.92
CA THR B 112 10.12 28.15 -14.46
C THR B 112 11.46 27.77 -13.84
N LYS B 113 12.46 27.46 -14.68
CA LYS B 113 13.80 26.99 -14.23
C LYS B 113 13.74 25.90 -13.15
N ARG B 114 12.66 25.14 -13.10
CA ARG B 114 12.50 24.12 -12.08
C ARG B 114 12.57 22.69 -12.62
N SER B 115 12.96 22.53 -13.89
CA SER B 115 13.24 21.21 -14.47
C SER B 115 13.99 21.24 -15.81
N ILE B 116 14.61 20.12 -16.13
CA ILE B 116 15.54 20.05 -17.26
C ILE B 116 15.10 19.21 -18.47
N THR B 117 13.91 18.60 -18.40
CA THR B 117 13.49 17.68 -19.46
C THR B 117 12.67 18.31 -20.59
N PHE B 118 12.62 17.58 -21.70
CA PHE B 118 11.74 17.88 -22.83
C PHE B 118 10.28 17.81 -22.38
N LEU B 119 9.91 16.71 -21.74
CA LEU B 119 8.53 16.49 -21.40
C LEU B 119 8.02 17.44 -20.31
N CYS B 120 8.86 17.74 -19.32
CA CYS B 120 8.36 18.40 -18.12
C CYS B 120 9.07 19.65 -17.65
N GLY B 121 10.11 20.08 -18.36
CA GLY B 121 10.86 21.23 -17.91
C GLY B 121 11.14 22.20 -19.05
N ASP B 122 11.83 23.28 -18.73
CA ASP B 122 12.15 24.29 -19.73
C ASP B 122 12.74 23.78 -21.05
N ALA B 123 13.33 22.59 -21.04
CA ALA B 123 13.93 22.04 -22.26
C ALA B 123 12.90 21.83 -23.38
N GLY B 124 11.69 21.39 -23.04
CA GLY B 124 10.59 21.33 -24.00
C GLY B 124 10.43 22.64 -24.75
N PRO B 125 9.78 23.63 -24.13
CA PRO B 125 9.56 24.92 -24.78
C PRO B 125 10.78 25.46 -25.54
N LEU B 126 11.99 25.12 -25.10
CA LEU B 126 13.20 25.70 -25.70
C LEU B 126 13.65 24.97 -26.95
N ALA B 127 13.77 23.65 -26.86
CA ALA B 127 14.15 22.84 -28.01
C ALA B 127 13.09 23.02 -29.09
N VAL B 128 11.83 22.80 -28.73
CA VAL B 128 10.74 22.98 -29.68
C VAL B 128 10.76 24.37 -30.32
N ALA B 129 10.79 25.42 -29.50
CA ALA B 129 10.88 26.76 -30.05
C ALA B 129 12.04 26.88 -31.02
N ALA B 130 13.15 26.26 -30.69
CA ALA B 130 14.33 26.43 -31.51
C ALA B 130 14.07 25.91 -32.91
N VAL B 131 13.55 24.68 -33.01
CA VAL B 131 13.35 24.08 -34.34
C VAL B 131 12.26 24.85 -35.09
N LEU B 132 11.24 25.31 -34.37
CA LEU B 132 10.20 26.10 -35.02
C LEU B 132 10.82 27.33 -35.69
N TYR B 133 11.64 28.07 -34.96
CA TYR B 133 12.25 29.29 -35.49
C TYR B 133 13.18 29.03 -36.67
N HIS B 134 13.81 27.86 -36.68
CA HIS B 134 14.70 27.49 -37.77
C HIS B 134 13.92 27.27 -39.05
N LYS B 135 12.74 26.65 -38.90
CA LYS B 135 11.85 26.41 -40.03
C LYS B 135 11.20 27.70 -40.53
N MET B 136 11.09 28.68 -39.64
CA MET B 136 10.57 30.00 -40.02
C MET B 136 11.69 30.99 -40.36
N ASN B 137 12.88 30.47 -40.67
CA ASN B 137 14.06 31.28 -41.05
C ASN B 137 14.40 32.43 -40.12
N ASN B 138 14.27 32.19 -38.82
CA ASN B 138 14.52 33.21 -37.81
C ASN B 138 15.69 32.73 -36.95
N GLU B 139 16.88 32.71 -37.53
CA GLU B 139 18.03 32.15 -36.85
C GLU B 139 18.36 32.90 -35.58
N LYS B 140 18.01 34.19 -35.57
CA LYS B 140 18.32 35.06 -34.44
C LYS B 140 17.69 34.55 -33.15
N GLN B 141 16.50 33.95 -33.27
CA GLN B 141 15.79 33.44 -32.11
C GLN B 141 15.76 31.92 -32.11
N ALA B 142 16.38 31.36 -33.14
CA ALA B 142 16.83 29.98 -33.11
C ALA B 142 17.90 29.80 -32.05
N GLU B 143 18.98 30.55 -32.27
CA GLU B 143 20.17 30.47 -31.44
C GLU B 143 19.90 31.00 -30.07
N ASP B 144 19.13 32.07 -30.00
CA ASP B 144 18.75 32.57 -28.69
C ASP B 144 18.22 31.44 -27.84
N CYS B 145 17.70 30.44 -28.52
CA CYS B 145 17.10 29.30 -27.84
C CYS B 145 18.10 28.22 -27.51
N ILE B 146 18.98 27.92 -28.47
CA ILE B 146 19.93 26.84 -28.30
C ILE B 146 20.82 27.10 -27.10
N THR B 147 21.22 28.36 -26.94
CA THR B 147 22.13 28.73 -25.87
C THR B 147 21.46 28.64 -24.50
N ARG B 148 20.20 29.08 -24.43
CA ARG B 148 19.44 28.98 -23.18
C ARG B 148 19.17 27.53 -22.80
N LEU B 149 19.15 26.64 -23.79
CA LEU B 149 18.92 25.23 -23.55
C LEU B 149 20.20 24.54 -23.12
N ILE B 150 21.34 25.05 -23.60
CA ILE B 150 22.62 24.49 -23.21
C ILE B 150 22.89 24.79 -21.74
N HIS B 151 22.76 26.05 -21.33
CA HIS B 151 23.08 26.47 -19.97
C HIS B 151 21.97 26.06 -18.98
N LEU B 152 21.26 25.00 -19.34
CA LEU B 152 20.10 24.58 -18.56
C LEU B 152 20.37 23.41 -17.62
N ASN B 153 21.35 22.58 -17.92
CA ASN B 153 21.69 21.54 -16.96
C ASN B 153 22.25 22.17 -15.69
N LYS B 154 22.99 23.25 -15.88
CA LYS B 154 23.47 24.08 -14.76
C LYS B 154 22.47 24.26 -13.60
N ILE B 155 21.18 24.43 -13.88
CA ILE B 155 20.19 24.69 -12.81
C ILE B 155 19.91 23.55 -11.82
N ASP B 156 20.24 22.31 -12.20
CA ASP B 156 20.09 21.17 -11.28
C ASP B 156 21.16 20.09 -11.48
N PRO B 157 22.34 20.26 -10.82
CA PRO B 157 23.43 19.27 -10.82
C PRO B 157 23.08 17.94 -10.15
N HIS B 158 21.89 17.83 -9.57
CA HIS B 158 21.47 16.64 -8.83
C HIS B 158 20.23 15.93 -9.38
N ALA B 159 19.71 16.40 -10.50
CA ALA B 159 18.53 15.82 -11.15
C ALA B 159 18.64 14.29 -11.25
N PRO B 160 17.49 13.57 -11.22
CA PRO B 160 17.50 12.12 -11.42
C PRO B 160 17.98 11.75 -12.82
N ASN B 161 17.84 10.50 -13.21
CA ASN B 161 18.26 10.10 -14.55
C ASN B 161 17.17 9.76 -15.57
N GLU B 162 15.95 9.54 -15.08
CA GLU B 162 14.82 8.99 -15.84
C GLU B 162 14.14 10.03 -16.74
N MET B 163 13.31 9.56 -17.67
CA MET B 163 12.68 10.40 -18.69
C MET B 163 12.01 11.70 -18.26
N LEU B 164 10.99 11.62 -17.41
CA LEU B 164 10.17 12.79 -17.10
C LEU B 164 10.93 13.95 -16.46
N TYR B 165 11.80 13.64 -15.49
CA TYR B 165 12.53 14.67 -14.74
C TYR B 165 14.04 14.58 -14.82
N GLY B 166 14.54 13.49 -15.40
CA GLY B 166 15.96 13.15 -15.34
C GLY B 166 16.88 13.61 -16.46
N ARG B 167 18.03 12.97 -16.55
CA ARG B 167 19.09 13.40 -17.48
C ARG B 167 18.84 13.01 -18.94
N ILE B 168 18.50 11.75 -19.21
CA ILE B 168 18.01 11.34 -20.54
C ILE B 168 16.90 12.26 -21.10
N GLY B 169 15.90 12.57 -20.27
CA GLY B 169 14.87 13.54 -20.65
C GLY B 169 15.42 14.87 -21.14
N TYR B 170 16.47 15.36 -20.50
CA TYR B 170 17.18 16.54 -21.00
C TYR B 170 17.93 16.20 -22.28
N ILE B 171 18.54 15.02 -22.30
CA ILE B 171 19.25 14.52 -23.46
C ILE B 171 18.40 14.62 -24.71
N TYR B 172 17.18 14.10 -24.64
CA TYR B 172 16.29 14.03 -25.81
C TYR B 172 16.09 15.41 -26.42
N ALA B 173 15.84 16.39 -25.56
CA ALA B 173 15.75 17.77 -26.02
C ALA B 173 16.94 18.14 -26.92
N LEU B 174 18.14 17.64 -26.58
CA LEU B 174 19.35 17.98 -27.33
C LEU B 174 19.35 17.31 -28.70
N LEU B 175 19.09 16.02 -28.72
CA LEU B 175 18.96 15.26 -29.95
C LEU B 175 17.85 15.84 -30.83
N PHE B 176 16.73 16.17 -30.20
CA PHE B 176 15.61 16.76 -30.93
C PHE B 176 16.03 18.02 -31.67
N VAL B 177 16.90 18.81 -31.08
CA VAL B 177 17.48 19.94 -31.81
C VAL B 177 18.45 19.48 -32.93
N ASN B 178 19.39 18.59 -32.61
CA ASN B 178 20.38 18.15 -33.59
C ASN B 178 19.78 17.50 -34.82
N LYS B 179 18.74 16.70 -34.61
CA LYS B 179 18.13 16.00 -35.73
C LYS B 179 17.29 16.91 -36.62
N ASN B 180 16.61 17.90 -36.04
CA ASN B 180 15.75 18.79 -36.81
C ASN B 180 16.51 19.98 -37.43
N PHE B 181 17.72 20.21 -36.97
CA PHE B 181 18.59 21.15 -37.65
C PHE B 181 19.42 20.44 -38.71
N GLY B 182 19.51 19.12 -38.57
CA GLY B 182 20.33 18.27 -39.47
C GLY B 182 21.83 18.43 -39.33
N VAL B 183 22.28 19.46 -38.61
CA VAL B 183 23.71 19.73 -38.39
C VAL B 183 24.12 19.48 -36.93
N GLU B 184 25.28 19.97 -36.54
CA GLU B 184 25.76 19.72 -35.19
C GLU B 184 25.52 20.90 -34.27
N LYS B 185 24.27 21.26 -34.04
CA LYS B 185 23.96 22.54 -33.41
C LYS B 185 24.41 22.56 -31.96
N ILE B 186 24.33 21.37 -31.35
CA ILE B 186 24.70 21.14 -29.95
C ILE B 186 25.91 20.20 -29.82
N PRO B 187 27.05 20.76 -29.37
CA PRO B 187 28.33 20.07 -29.18
C PRO B 187 28.16 18.62 -28.77
N GLN B 188 28.83 17.72 -29.47
CA GLN B 188 28.75 16.32 -29.12
C GLN B 188 29.30 16.09 -27.71
N SER B 189 30.39 16.78 -27.39
CA SER B 189 31.01 16.72 -26.07
C SER B 189 29.95 16.86 -24.98
N HIS B 190 29.29 18.01 -24.97
CA HIS B 190 28.18 18.34 -24.08
C HIS B 190 27.28 17.15 -23.79
N ILE B 191 26.77 16.52 -24.85
CA ILE B 191 25.87 15.39 -24.70
C ILE B 191 26.55 14.23 -23.98
N GLN B 192 27.72 13.84 -24.46
CA GLN B 192 28.31 12.60 -23.99
C GLN B 192 28.91 12.72 -22.59
N GLN B 193 29.16 13.96 -22.16
CA GLN B 193 29.59 14.16 -20.78
C GLN B 193 28.41 14.13 -19.80
N ILE B 194 27.21 14.51 -20.22
CA ILE B 194 26.04 14.27 -19.38
C ILE B 194 25.73 12.79 -19.39
N CYS B 195 26.16 12.10 -20.45
CA CYS B 195 26.06 10.65 -20.49
C CYS B 195 27.03 10.08 -19.47
N GLU B 196 28.22 10.67 -19.43
CA GLU B 196 29.25 10.33 -18.45
C GLU B 196 28.70 10.41 -17.02
N THR B 197 28.11 11.56 -16.67
CA THR B 197 27.51 11.78 -15.36
C THR B 197 26.50 10.69 -15.03
N ILE B 198 25.70 10.29 -16.01
CA ILE B 198 24.63 9.33 -15.73
C ILE B 198 25.16 7.89 -15.58
N LEU B 199 26.25 7.58 -16.29
CA LEU B 199 26.88 6.26 -16.19
C LEU B 199 27.48 6.00 -14.82
N THR B 200 28.33 6.91 -14.36
CA THR B 200 29.04 6.74 -13.09
C THR B 200 28.05 6.76 -11.93
N SER B 201 27.04 7.63 -12.04
CA SER B 201 25.91 7.63 -11.12
C SER B 201 25.30 6.24 -10.94
N GLY B 202 25.16 5.51 -12.04
CA GLY B 202 24.56 4.19 -12.03
C GLY B 202 25.34 3.14 -11.28
N GLU B 203 26.67 3.16 -11.42
CA GLU B 203 27.51 2.18 -10.75
C GLU B 203 27.79 2.56 -9.28
N ASN B 204 27.83 3.86 -9.02
CA ASN B 204 27.79 4.37 -7.64
C ASN B 204 26.64 3.76 -6.89
N LEU B 205 25.44 3.97 -7.44
CA LEU B 205 24.22 3.63 -6.76
C LEU B 205 24.11 2.12 -6.63
N ALA B 206 24.63 1.40 -7.61
CA ALA B 206 24.61 -0.05 -7.56
C ALA B 206 25.59 -0.59 -6.52
N ARG B 207 26.58 0.23 -6.19
CA ARG B 207 27.57 -0.11 -5.19
C ARG B 207 27.00 0.21 -3.82
N LYS B 208 26.45 1.42 -3.65
CA LYS B 208 25.84 1.83 -2.39
C LYS B 208 24.72 0.90 -1.93
N ARG B 209 24.10 0.21 -2.88
CA ARG B 209 23.09 -0.78 -2.57
C ARG B 209 23.75 -2.10 -2.90
N ASN B 210 23.16 -3.23 -2.55
CA ASN B 210 23.89 -4.45 -2.87
C ASN B 210 23.63 -4.96 -4.29
N PHE B 211 24.01 -4.17 -5.28
CA PHE B 211 23.62 -4.51 -6.66
C PHE B 211 24.73 -4.98 -7.60
N THR B 212 25.90 -4.33 -7.56
CA THR B 212 26.94 -4.55 -8.57
C THR B 212 27.05 -6.00 -9.08
N ALA B 213 26.99 -6.98 -8.17
CA ALA B 213 27.06 -8.40 -8.56
C ALA B 213 25.83 -8.93 -9.35
N LYS B 214 24.71 -8.22 -9.28
CA LYS B 214 23.52 -8.61 -10.03
C LYS B 214 23.31 -7.67 -11.21
N SER B 215 23.57 -6.40 -11.01
CA SER B 215 23.41 -5.41 -12.07
C SER B 215 24.42 -4.29 -11.89
N PRO B 216 25.47 -4.29 -12.72
CA PRO B 216 26.55 -3.31 -12.69
C PRO B 216 26.08 -1.86 -12.50
N LEU B 217 24.89 -1.54 -13.00
CA LEU B 217 24.27 -0.21 -12.84
C LEU B 217 22.94 -0.29 -12.12
N MET B 218 22.53 0.86 -11.58
CA MET B 218 21.23 0.98 -10.92
C MET B 218 20.78 2.43 -10.77
N TYR B 219 19.46 2.60 -10.83
CA TYR B 219 18.83 3.92 -10.80
C TYR B 219 17.56 3.91 -9.98
N GLU B 220 17.07 5.11 -9.69
CA GLU B 220 15.88 5.27 -8.88
C GLU B 220 15.36 6.68 -9.02
N TRP B 221 14.07 6.83 -8.78
CA TRP B 221 13.43 8.13 -8.79
C TRP B 221 12.28 8.09 -7.78
N TYR B 222 12.04 9.22 -7.12
CA TYR B 222 10.99 9.28 -6.13
C TYR B 222 10.93 8.00 -5.30
N GLN B 223 12.10 7.58 -4.83
CA GLN B 223 12.25 6.51 -3.82
C GLN B 223 11.88 5.10 -4.27
N GLU B 224 11.73 4.88 -5.56
CA GLU B 224 11.56 3.52 -6.05
C GLU B 224 12.61 3.11 -7.08
N TYR B 225 12.72 1.80 -7.27
CA TYR B 225 13.46 1.26 -8.39
C TYR B 225 12.48 1.07 -9.55
N TYR B 226 12.30 2.14 -10.30
CA TYR B 226 11.41 2.13 -11.46
C TYR B 226 12.01 1.35 -12.62
N VAL B 227 11.21 0.43 -13.15
CA VAL B 227 11.64 -0.49 -14.18
C VAL B 227 11.35 0.06 -15.57
N GLY B 228 10.18 0.68 -15.70
CA GLY B 228 9.66 1.14 -16.99
C GLY B 228 10.39 2.24 -17.74
N ALA B 229 9.72 2.76 -18.77
CA ALA B 229 10.32 3.74 -19.67
C ALA B 229 10.19 5.18 -19.19
N ALA B 230 9.09 5.49 -18.49
CA ALA B 230 8.84 6.86 -18.09
C ALA B 230 9.76 7.29 -16.96
N HIS B 231 9.92 6.43 -15.97
CA HIS B 231 10.57 6.84 -14.73
C HIS B 231 11.74 5.94 -14.37
N GLY B 232 11.99 4.93 -15.19
CA GLY B 232 12.92 3.90 -14.75
C GLY B 232 13.97 3.38 -15.71
N LEU B 233 14.32 2.11 -15.50
CA LEU B 233 15.50 1.49 -16.08
C LEU B 233 15.42 1.42 -17.59
N ALA B 234 14.37 0.79 -18.09
CA ALA B 234 14.17 0.58 -19.52
C ALA B 234 14.45 1.85 -20.29
N GLY B 235 13.84 2.95 -19.86
CA GLY B 235 14.05 4.21 -20.54
C GLY B 235 15.53 4.54 -20.58
N ILE B 236 16.18 4.42 -19.42
CA ILE B 236 17.57 4.82 -19.25
C ILE B 236 18.50 3.95 -20.09
N TYR B 237 18.34 2.64 -20.00
CA TYR B 237 19.19 1.74 -20.76
C TYR B 237 19.03 1.93 -22.27
N TYR B 238 17.80 2.20 -22.70
CA TYR B 238 17.49 2.48 -24.10
C TYR B 238 18.38 3.61 -24.63
N TYR B 239 18.49 4.70 -23.86
CA TYR B 239 19.30 5.82 -24.30
C TYR B 239 20.79 5.51 -24.23
N LEU B 240 21.14 4.52 -23.43
CA LEU B 240 22.55 4.20 -23.23
C LEU B 240 23.10 3.39 -24.41
N MET B 241 22.28 2.46 -24.89
CA MET B 241 22.63 1.65 -26.07
C MET B 241 22.46 2.43 -27.35
N GLN B 242 22.10 3.71 -27.22
CA GLN B 242 21.88 4.58 -28.36
C GLN B 242 23.24 5.07 -28.89
N PRO B 243 23.60 4.68 -30.14
CA PRO B 243 24.92 5.05 -30.71
C PRO B 243 25.30 6.54 -30.62
N SER B 244 24.32 7.42 -30.77
CA SER B 244 24.56 8.87 -30.76
C SER B 244 24.87 9.42 -29.37
N LEU B 245 25.08 8.54 -28.40
CA LEU B 245 25.56 8.96 -27.09
C LEU B 245 27.03 8.59 -26.94
N GLN B 246 27.47 7.62 -27.75
CA GLN B 246 28.86 7.13 -27.79
C GLN B 246 29.36 6.50 -26.53
N VAL B 247 28.82 5.34 -26.17
CA VAL B 247 29.37 4.57 -25.09
C VAL B 247 30.48 3.63 -25.61
N SER B 248 31.69 3.78 -25.09
CA SER B 248 32.77 2.87 -25.44
C SER B 248 32.23 1.44 -25.47
N GLN B 249 32.55 0.74 -26.55
CA GLN B 249 32.10 -0.64 -26.73
C GLN B 249 32.31 -1.47 -25.45
N GLY B 250 33.40 -1.22 -24.74
CA GLY B 250 33.74 -2.00 -23.55
C GLY B 250 32.73 -1.79 -22.44
N LYS B 251 32.44 -0.52 -22.17
CA LYS B 251 31.46 -0.13 -21.15
C LYS B 251 30.05 -0.59 -21.51
N LEU B 252 29.74 -0.56 -22.80
CA LEU B 252 28.49 -1.08 -23.33
C LEU B 252 28.26 -2.55 -22.95
N HIS B 253 29.35 -3.32 -22.90
CA HIS B 253 29.31 -4.76 -22.59
C HIS B 253 29.47 -5.07 -21.10
N SER B 254 30.27 -4.27 -20.40
CA SER B 254 30.60 -4.52 -19.00
C SER B 254 29.59 -3.90 -18.05
N LEU B 255 29.05 -2.75 -18.43
CA LEU B 255 28.13 -1.99 -17.59
C LEU B 255 26.66 -2.20 -17.96
N VAL B 256 26.26 -1.69 -19.12
CA VAL B 256 24.86 -1.71 -19.52
C VAL B 256 24.35 -3.11 -19.87
N LYS B 257 25.06 -3.80 -20.75
CA LYS B 257 24.60 -5.12 -21.15
C LYS B 257 24.06 -5.96 -19.97
N PRO B 258 24.85 -6.11 -18.88
CA PRO B 258 24.32 -7.01 -17.84
C PRO B 258 23.23 -6.38 -16.98
N SER B 259 23.18 -5.04 -16.94
CA SER B 259 22.09 -4.31 -16.31
C SER B 259 20.76 -4.59 -17.03
N VAL B 260 20.78 -4.42 -18.35
CA VAL B 260 19.65 -4.77 -19.20
C VAL B 260 19.20 -6.18 -18.88
N ASP B 261 20.14 -7.11 -18.85
CA ASP B 261 19.82 -8.50 -18.56
C ASP B 261 19.11 -8.65 -17.22
N TYR B 262 19.48 -7.82 -16.26
CA TYR B 262 18.81 -7.83 -14.97
C TYR B 262 17.32 -7.52 -15.15
N VAL B 263 17.04 -6.41 -15.84
CA VAL B 263 15.68 -6.08 -16.22
C VAL B 263 14.97 -7.27 -16.87
N CYS B 264 15.53 -7.84 -17.94
CA CYS B 264 14.82 -8.88 -18.65
C CYS B 264 14.35 -9.94 -17.70
N GLN B 265 15.16 -10.21 -16.68
CA GLN B 265 14.89 -11.30 -15.77
C GLN B 265 13.76 -10.95 -14.79
N LEU B 266 13.42 -9.66 -14.76
CA LEU B 266 12.25 -9.14 -14.02
C LEU B 266 10.88 -9.42 -14.66
N LYS B 267 10.88 -9.90 -15.90
CA LYS B 267 9.69 -10.32 -16.63
C LYS B 267 8.72 -11.09 -15.74
N PHE B 268 7.43 -10.80 -15.83
CA PHE B 268 6.45 -11.66 -15.18
C PHE B 268 6.24 -12.96 -15.96
N PRO B 269 5.56 -13.94 -15.34
CA PRO B 269 5.15 -15.12 -16.10
C PRO B 269 4.25 -14.79 -17.29
N SER B 270 3.81 -13.54 -17.38
CA SER B 270 2.89 -13.11 -18.42
C SER B 270 3.60 -12.55 -19.64
N GLY B 271 4.84 -12.08 -19.44
CA GLY B 271 5.58 -11.38 -20.49
C GLY B 271 5.64 -9.90 -20.16
N ASN B 272 4.78 -9.49 -19.23
CA ASN B 272 4.73 -8.11 -18.79
C ASN B 272 5.76 -7.86 -17.68
N TYR B 273 5.85 -6.61 -17.21
CA TYR B 273 6.91 -6.19 -16.31
C TYR B 273 6.35 -5.41 -15.12
N PRO B 274 6.96 -5.57 -13.95
CA PRO B 274 6.50 -4.80 -12.80
C PRO B 274 6.92 -3.33 -12.92
N PRO B 275 6.11 -2.41 -12.36
CA PRO B 275 6.50 -0.99 -12.35
C PRO B 275 7.80 -0.70 -11.60
N CYS B 276 7.94 -1.30 -10.41
CA CYS B 276 9.13 -1.20 -9.55
C CYS B 276 9.71 -2.55 -9.26
N ILE B 277 11.00 -2.60 -8.96
CA ILE B 277 11.64 -3.87 -8.57
C ILE B 277 10.92 -4.44 -7.35
N GLY B 278 10.68 -5.75 -7.38
CA GLY B 278 9.99 -6.40 -6.28
C GLY B 278 8.48 -6.28 -6.26
N ASP B 279 7.90 -5.65 -7.29
CA ASP B 279 6.44 -5.62 -7.43
C ASP B 279 5.92 -7.00 -7.85
N ASN B 280 4.84 -7.45 -7.22
CA ASN B 280 4.23 -8.74 -7.54
C ASN B 280 2.88 -8.60 -8.25
N ARG B 281 2.50 -7.37 -8.57
CA ARG B 281 1.19 -7.08 -9.14
C ARG B 281 1.30 -6.87 -10.65
N ASP B 282 0.86 -7.86 -11.42
CA ASP B 282 0.86 -7.80 -12.88
C ASP B 282 -0.42 -7.14 -13.41
N LEU B 283 -0.40 -5.82 -13.47
CA LEU B 283 -1.62 -5.03 -13.69
C LEU B 283 -1.53 -3.98 -14.81
N LEU B 284 -0.36 -3.38 -14.99
CA LEU B 284 -0.26 -2.16 -15.79
C LEU B 284 0.37 -2.42 -17.13
N VAL B 285 -0.33 -2.04 -18.20
CA VAL B 285 0.20 -2.22 -19.55
C VAL B 285 0.30 -0.86 -20.27
N HIS B 286 1.27 -0.05 -19.86
CA HIS B 286 1.43 1.31 -20.36
C HIS B 286 2.80 1.54 -20.95
N TRP B 287 2.98 2.67 -21.62
CA TRP B 287 4.33 3.03 -22.02
C TRP B 287 5.15 3.36 -20.76
N CYS B 288 4.53 4.07 -19.84
CA CYS B 288 5.20 4.47 -18.61
C CYS B 288 5.48 3.27 -17.70
N HIS B 289 4.55 2.30 -17.66
CA HIS B 289 4.69 1.10 -16.84
C HIS B 289 4.25 -0.19 -17.54
N GLY B 290 5.23 -1.04 -17.85
CA GLY B 290 4.96 -2.33 -18.46
C GLY B 290 5.65 -2.53 -19.79
N ALA B 291 5.19 -3.56 -20.51
CA ALA B 291 5.71 -3.95 -21.82
C ALA B 291 5.81 -2.81 -22.82
N PRO B 292 4.73 -2.00 -22.97
CA PRO B 292 4.77 -1.00 -24.04
C PRO B 292 5.95 -0.03 -23.91
N GLY B 293 6.55 0.05 -22.73
CA GLY B 293 7.72 0.91 -22.50
C GLY B 293 9.05 0.16 -22.47
N VAL B 294 9.02 -1.07 -21.96
CA VAL B 294 10.21 -1.89 -21.86
C VAL B 294 10.68 -2.28 -23.24
N ILE B 295 9.70 -2.60 -24.09
CA ILE B 295 9.92 -3.09 -25.45
C ILE B 295 11.03 -2.34 -26.22
N TYR B 296 11.18 -1.05 -26.01
CA TYR B 296 12.14 -0.28 -26.79
C TYR B 296 13.54 -0.68 -26.40
N MET B 297 13.74 -0.84 -25.10
CA MET B 297 14.98 -1.38 -24.60
C MET B 297 15.21 -2.74 -25.26
N LEU B 298 14.28 -3.68 -25.08
CA LEU B 298 14.40 -4.99 -25.72
C LEU B 298 14.80 -4.90 -27.21
N ILE B 299 14.20 -3.95 -27.94
CA ILE B 299 14.51 -3.74 -29.36
C ILE B 299 15.94 -3.22 -29.59
N GLN B 300 16.28 -2.13 -28.90
CA GLN B 300 17.58 -1.51 -29.07
C GLN B 300 18.69 -2.44 -28.60
N ALA B 301 18.32 -3.38 -27.73
CA ALA B 301 19.27 -4.38 -27.25
C ALA B 301 19.66 -5.24 -28.42
N TYR B 302 18.65 -5.80 -29.09
CA TYR B 302 18.87 -6.66 -30.24
C TYR B 302 19.63 -5.94 -31.35
N LYS B 303 19.22 -4.71 -31.64
CA LYS B 303 19.89 -3.91 -32.66
C LYS B 303 21.39 -3.84 -32.40
N VAL B 304 21.78 -4.01 -31.14
CA VAL B 304 23.15 -3.71 -30.70
C VAL B 304 23.94 -4.96 -30.36
N PHE B 305 23.29 -5.90 -29.67
CA PHE B 305 23.96 -7.11 -29.18
C PHE B 305 23.50 -8.34 -29.95
N ARG B 306 22.67 -8.11 -30.95
CA ARG B 306 22.25 -9.17 -31.88
C ARG B 306 22.11 -10.57 -31.25
N GLU B 307 21.35 -10.67 -30.18
CA GLU B 307 21.16 -11.97 -29.54
C GLU B 307 19.69 -12.37 -29.49
N GLU B 308 19.41 -13.59 -29.95
CA GLU B 308 18.05 -14.10 -30.07
C GLU B 308 17.13 -13.75 -28.87
N LYS B 309 17.62 -13.98 -27.66
CA LYS B 309 16.83 -13.74 -26.45
C LYS B 309 16.16 -12.35 -26.36
N TYR B 310 16.85 -11.31 -26.82
CA TYR B 310 16.26 -9.97 -26.77
C TYR B 310 15.07 -9.86 -27.72
N LEU B 311 15.32 -9.96 -29.02
CA LEU B 311 14.27 -9.99 -30.05
C LEU B 311 13.13 -10.87 -29.58
N CYS B 312 13.48 -11.95 -28.92
CA CYS B 312 12.49 -12.88 -28.43
C CYS B 312 11.53 -12.28 -27.43
N ASP B 313 12.08 -11.58 -26.45
CA ASP B 313 11.27 -11.00 -25.38
C ASP B 313 10.32 -9.93 -25.89
N ALA B 314 10.77 -9.16 -26.88
CA ALA B 314 9.89 -8.20 -27.56
C ALA B 314 8.68 -8.89 -28.21
N TYR B 315 8.92 -10.01 -28.87
CA TYR B 315 7.81 -10.77 -29.46
C TYR B 315 6.80 -11.08 -28.38
N GLN B 316 7.32 -11.29 -27.18
CA GLN B 316 6.50 -11.68 -26.05
C GLN B 316 5.76 -10.45 -25.49
N CYS B 317 6.44 -9.30 -25.51
CA CYS B 317 5.79 -8.02 -25.22
C CYS B 317 4.57 -7.81 -26.09
N ALA B 318 4.81 -7.72 -27.40
CA ALA B 318 3.77 -7.47 -28.39
C ALA B 318 2.56 -8.38 -28.19
N ASP B 319 2.78 -9.62 -27.79
CA ASP B 319 1.63 -10.49 -27.54
C ASP B 319 0.77 -10.04 -26.34
N VAL B 320 1.43 -9.62 -25.26
CA VAL B 320 0.80 -9.05 -24.08
C VAL B 320 -0.01 -7.79 -24.46
N ILE B 321 0.63 -6.90 -25.21
CA ILE B 321 0.01 -5.66 -25.61
C ILE B 321 -1.16 -5.93 -26.54
N TRP B 322 -0.98 -6.89 -27.46
CA TRP B 322 -2.05 -7.32 -28.35
C TRP B 322 -3.20 -7.92 -27.55
N GLN B 323 -2.91 -8.49 -26.39
CA GLN B 323 -3.99 -9.16 -25.71
C GLN B 323 -4.69 -8.23 -24.74
N TYR B 324 -3.93 -7.27 -24.21
CA TYR B 324 -4.27 -6.56 -22.98
C TYR B 324 -4.01 -5.06 -23.10
N GLY B 325 -3.56 -4.63 -24.27
CA GLY B 325 -3.07 -3.27 -24.43
C GLY B 325 -4.11 -2.26 -24.88
N LEU B 326 -5.35 -2.73 -25.02
CA LEU B 326 -6.46 -1.83 -25.36
C LEU B 326 -7.20 -1.38 -24.09
N LEU B 327 -6.90 -0.16 -23.65
CA LEU B 327 -7.02 0.21 -22.24
C LEU B 327 -8.35 0.85 -21.81
N LYS B 328 -9.06 0.19 -20.90
CA LYS B 328 -10.21 0.80 -20.25
C LYS B 328 -9.85 2.21 -19.82
N LYS B 329 -8.55 2.47 -19.67
CA LYS B 329 -8.08 3.72 -19.12
C LYS B 329 -8.26 4.84 -20.13
N GLY B 330 -8.31 4.46 -21.41
CA GLY B 330 -8.37 5.47 -22.49
C GLY B 330 -7.32 5.36 -23.60
N TYR B 331 -7.14 6.46 -24.32
CA TYR B 331 -6.56 6.42 -25.69
C TYR B 331 -5.22 7.11 -25.88
N GLY B 332 -4.53 7.47 -24.80
CA GLY B 332 -3.34 8.34 -24.87
C GLY B 332 -2.00 7.69 -25.19
N LEU B 333 -0.93 8.44 -25.03
CA LEU B 333 0.43 7.94 -25.26
C LEU B 333 1.09 7.33 -24.02
N CYS B 334 1.17 8.11 -22.94
CA CYS B 334 1.74 7.65 -21.67
C CYS B 334 1.08 6.33 -21.25
N HIS B 335 -0.24 6.31 -21.17
CA HIS B 335 -0.94 5.11 -20.75
C HIS B 335 -2.26 4.99 -21.50
N GLY B 336 -2.19 4.73 -22.80
CA GLY B 336 -3.37 4.71 -23.67
C GLY B 336 -3.22 3.72 -24.80
N SER B 337 -4.26 3.57 -25.60
CA SER B 337 -4.23 2.55 -26.64
C SER B 337 -3.31 2.98 -27.76
N ALA B 338 -3.24 4.30 -27.95
CA ALA B 338 -2.43 4.91 -28.98
C ALA B 338 -0.99 4.53 -28.70
N GLY B 339 -0.50 4.99 -27.55
CA GLY B 339 0.88 4.72 -27.11
C GLY B 339 1.19 3.25 -27.22
N ASN B 340 0.26 2.41 -26.79
CA ASN B 340 0.44 0.97 -26.93
C ASN B 340 0.70 0.56 -28.39
N ALA B 341 -0.09 1.09 -29.31
CA ALA B 341 0.07 0.72 -30.71
C ALA B 341 1.49 1.02 -31.24
N TYR B 342 2.12 2.07 -30.73
CA TYR B 342 3.48 2.40 -31.13
C TYR B 342 4.47 1.24 -30.90
N ALA B 343 4.22 0.45 -29.86
CA ALA B 343 5.07 -0.70 -29.61
C ALA B 343 5.10 -1.59 -30.86
N PHE B 344 3.91 -1.87 -31.38
CA PHE B 344 3.74 -2.69 -32.58
C PHE B 344 4.51 -2.10 -33.73
N LEU B 345 4.32 -0.81 -33.94
CA LEU B 345 5.03 -0.13 -34.99
C LEU B 345 6.52 -0.42 -34.84
N THR B 346 7.02 -0.28 -33.61
CA THR B 346 8.43 -0.40 -33.33
C THR B 346 9.04 -1.74 -33.70
N LEU B 347 8.38 -2.80 -33.24
CA LEU B 347 8.74 -4.15 -33.63
C LEU B 347 8.75 -4.25 -35.16
N TYR B 348 7.62 -3.86 -35.76
CA TYR B 348 7.50 -3.86 -37.21
C TYR B 348 8.68 -3.20 -37.93
N ASN B 349 9.08 -2.01 -37.48
CA ASN B 349 10.14 -1.30 -38.18
C ASN B 349 11.53 -1.92 -38.06
N LEU B 350 11.63 -3.02 -37.34
CA LEU B 350 12.90 -3.72 -37.19
C LEU B 350 12.77 -5.08 -37.86
N THR B 351 11.66 -5.73 -37.55
CA THR B 351 11.34 -7.06 -38.03
C THR B 351 10.96 -7.11 -39.53
N GLN B 352 10.41 -6.00 -40.05
CA GLN B 352 9.64 -5.95 -41.33
C GLN B 352 8.46 -6.92 -41.42
N ASP B 353 8.12 -7.53 -40.30
CA ASP B 353 7.03 -8.49 -40.24
C ASP B 353 5.69 -7.76 -40.35
N MET B 354 4.89 -8.14 -41.35
CA MET B 354 3.65 -7.42 -41.67
C MET B 354 2.59 -7.56 -40.59
N LYS B 355 2.66 -8.66 -39.86
CA LYS B 355 1.82 -8.89 -38.69
C LYS B 355 1.79 -7.68 -37.75
N TYR B 356 2.94 -7.08 -37.52
CA TYR B 356 3.02 -6.04 -36.51
C TYR B 356 2.45 -4.72 -37.02
N LEU B 357 2.82 -4.32 -38.23
CA LEU B 357 2.12 -3.21 -38.90
C LEU B 357 0.61 -3.40 -38.84
N TYR B 358 0.15 -4.65 -38.92
CA TYR B 358 -1.28 -4.95 -38.92
C TYR B 358 -1.87 -4.53 -37.60
N ARG B 359 -1.40 -5.17 -36.53
CA ARG B 359 -1.84 -4.89 -35.16
C ARG B 359 -1.92 -3.40 -34.89
N ALA B 360 -0.93 -2.66 -35.39
CA ALA B 360 -0.98 -1.21 -35.29
C ALA B 360 -2.30 -0.72 -35.86
N CYS B 361 -2.60 -1.13 -37.10
CA CYS B 361 -3.76 -0.62 -37.82
C CYS B 361 -5.03 -0.95 -37.08
N LYS B 362 -5.06 -2.15 -36.53
CA LYS B 362 -6.15 -2.57 -35.66
C LYS B 362 -6.33 -1.65 -34.46
N PHE B 363 -5.25 -1.34 -33.76
CA PHE B 363 -5.37 -0.40 -32.66
C PHE B 363 -5.86 0.92 -33.24
N ALA B 364 -5.20 1.40 -34.29
CA ALA B 364 -5.69 2.57 -35.03
C ALA B 364 -7.21 2.49 -35.25
N GLU B 365 -7.68 1.30 -35.60
CA GLU B 365 -9.10 1.07 -35.83
C GLU B 365 -9.86 1.47 -34.57
N TRP B 366 -9.41 0.93 -33.44
CA TRP B 366 -10.02 1.15 -32.14
C TRP B 366 -10.07 2.63 -31.77
N CYS B 367 -9.07 3.37 -32.24
CA CYS B 367 -9.01 4.78 -31.97
C CYS B 367 -9.94 5.54 -32.89
N LEU B 368 -10.25 4.96 -34.04
CA LEU B 368 -11.15 5.65 -34.93
C LEU B 368 -12.52 5.74 -34.28
N GLU B 369 -12.77 4.87 -33.30
CA GLU B 369 -14.02 4.90 -32.58
C GLU B 369 -13.86 5.66 -31.26
N TYR B 370 -12.85 6.51 -31.22
CA TYR B 370 -12.57 7.36 -30.06
C TYR B 370 -13.81 7.84 -29.34
N GLY B 371 -13.92 7.51 -28.06
CA GLY B 371 -14.98 8.06 -27.23
C GLY B 371 -16.24 7.25 -27.35
N GLU B 372 -16.18 6.13 -28.06
CA GLU B 372 -17.36 5.26 -28.16
C GLU B 372 -17.27 4.01 -27.31
N HIS B 373 -16.43 4.01 -26.28
CA HIS B 373 -16.12 2.79 -25.55
C HIS B 373 -16.32 2.93 -24.07
N GLY B 374 -16.73 4.12 -23.64
CA GLY B 374 -17.03 4.33 -22.23
C GLY B 374 -15.81 4.65 -21.38
N CYS B 375 -14.73 5.05 -22.01
CA CYS B 375 -13.56 5.44 -21.25
C CYS B 375 -13.72 6.73 -20.48
N ARG B 376 -12.92 6.90 -19.43
CA ARG B 376 -12.87 8.16 -18.71
C ARG B 376 -12.25 9.22 -19.61
N THR B 377 -12.52 10.48 -19.28
CA THR B 377 -11.88 11.58 -19.94
C THR B 377 -10.56 11.79 -19.23
N PRO B 378 -9.48 12.05 -20.00
CA PRO B 378 -8.20 12.33 -19.38
C PRO B 378 -8.27 13.55 -18.48
N ASP B 379 -7.36 13.63 -17.51
CA ASP B 379 -7.22 14.81 -16.65
C ASP B 379 -7.04 16.09 -17.47
N THR B 380 -6.14 16.03 -18.46
CA THR B 380 -6.06 17.08 -19.48
C THR B 380 -6.40 16.50 -20.87
N PRO B 381 -7.68 16.62 -21.27
CA PRO B 381 -8.23 15.87 -22.41
C PRO B 381 -7.53 16.16 -23.74
N PHE B 382 -6.81 17.25 -23.83
CA PHE B 382 -6.29 17.62 -25.13
C PHE B 382 -4.76 17.62 -25.27
N SER B 383 -4.08 17.24 -24.19
CA SER B 383 -2.62 17.30 -24.11
C SER B 383 -1.99 16.18 -24.91
N LEU B 384 -0.70 16.35 -25.18
CA LEU B 384 0.04 15.37 -25.95
C LEU B 384 0.05 14.03 -25.23
N PHE B 385 0.50 13.99 -23.98
CA PHE B 385 0.70 12.70 -23.32
C PHE B 385 -0.49 12.08 -22.56
N GLU B 386 -1.46 12.89 -22.13
CA GLU B 386 -2.62 12.32 -21.46
C GLU B 386 -3.86 12.25 -22.34
N GLY B 387 -3.92 13.13 -23.34
CA GLY B 387 -5.14 13.41 -24.07
C GLY B 387 -5.07 13.26 -25.57
N MET B 388 -5.86 14.07 -26.26
CA MET B 388 -6.18 13.92 -27.67
C MET B 388 -5.00 14.21 -28.62
N ALA B 389 -4.22 15.23 -28.31
CA ALA B 389 -3.12 15.58 -29.18
C ALA B 389 -2.24 14.36 -29.47
N GLY B 390 -2.22 13.43 -28.52
CA GLY B 390 -1.39 12.24 -28.69
C GLY B 390 -2.00 11.21 -29.61
N THR B 391 -3.27 10.92 -29.37
CA THR B 391 -4.02 10.03 -30.23
C THR B 391 -3.91 10.50 -31.68
N ILE B 392 -4.05 11.80 -31.89
CA ILE B 392 -3.92 12.40 -33.22
C ILE B 392 -2.51 12.20 -33.77
N TYR B 393 -1.50 12.52 -32.95
CA TYR B 393 -0.12 12.36 -33.37
C TYR B 393 0.08 10.99 -33.99
N PHE B 394 -0.47 9.99 -33.30
CA PHE B 394 -0.25 8.61 -33.66
C PHE B 394 -0.86 8.29 -35.02
N LEU B 395 -2.07 8.79 -35.26
CA LEU B 395 -2.75 8.48 -36.49
C LEU B 395 -2.01 9.15 -37.64
N ALA B 396 -1.60 10.38 -37.42
CA ALA B 396 -0.90 11.09 -38.46
C ALA B 396 0.42 10.38 -38.71
N ASP B 397 0.94 9.71 -37.69
CA ASP B 397 2.26 9.10 -37.84
C ASP B 397 2.12 7.77 -38.57
N LEU B 398 0.99 7.12 -38.38
CA LEU B 398 0.73 5.84 -39.00
C LEU B 398 0.75 5.96 -40.52
N LEU B 399 0.32 7.13 -41.01
CA LEU B 399 0.24 7.42 -42.44
C LEU B 399 1.44 6.89 -43.24
N VAL B 400 2.66 7.20 -42.77
CA VAL B 400 3.88 6.60 -43.30
C VAL B 400 4.50 5.73 -42.19
N PRO B 401 4.08 4.47 -42.12
CA PRO B 401 4.37 3.64 -40.95
C PRO B 401 5.85 3.44 -40.77
N THR B 402 6.55 3.36 -41.89
CA THR B 402 8.01 3.19 -41.91
C THR B 402 8.74 4.32 -41.13
N LYS B 403 8.23 5.55 -41.22
CA LYS B 403 8.80 6.70 -40.52
C LYS B 403 8.17 7.02 -39.14
N ALA B 404 7.33 6.11 -38.62
CA ALA B 404 6.63 6.37 -37.36
C ALA B 404 7.49 6.17 -36.13
N ARG B 405 7.32 7.04 -35.14
CA ARG B 405 8.26 7.12 -34.05
C ARG B 405 7.55 7.73 -32.86
N PHE B 406 7.54 6.99 -31.74
CA PHE B 406 6.91 7.43 -30.48
C PHE B 406 7.50 8.76 -30.06
N PRO B 407 6.71 9.83 -30.13
CA PRO B 407 7.11 11.23 -29.93
C PRO B 407 7.77 11.51 -28.58
N ALA B 408 8.63 12.52 -28.56
CA ALA B 408 9.36 12.93 -27.36
C ALA B 408 10.38 11.91 -26.83
N PHE B 409 10.44 10.74 -27.48
CA PHE B 409 11.18 9.66 -26.85
C PHE B 409 11.95 8.79 -27.85
N GLU B 410 11.24 8.17 -28.78
CA GLU B 410 11.84 7.03 -29.51
C GLU B 410 13.22 7.14 -30.15
N LEU B 411 13.51 8.21 -30.87
CA LEU B 411 14.85 8.34 -31.49
C LEU B 411 15.07 7.46 -32.72
N GLU C 11 7.63 -8.02 20.02
CA GLU C 11 7.27 -7.08 18.92
C GLU C 11 7.16 -5.63 19.39
N PHE C 12 6.03 -5.28 20.01
CA PHE C 12 5.79 -3.90 20.42
C PHE C 12 6.61 -3.48 21.60
N MET C 13 7.38 -2.42 21.44
CA MET C 13 8.05 -1.81 22.57
C MET C 13 8.08 -2.68 23.79
N ALA C 14 6.99 -2.66 24.52
CA ALA C 14 6.91 -3.44 25.72
C ALA C 14 7.67 -4.72 25.48
N GLN C 15 7.49 -5.33 24.33
CA GLN C 15 7.86 -6.70 24.17
C GLN C 15 9.28 -6.80 23.69
N ARG C 16 9.88 -5.65 23.42
CA ARG C 16 11.28 -5.54 23.01
C ARG C 16 12.21 -5.07 24.15
N ALA C 17 11.62 -4.80 25.32
CA ALA C 17 12.40 -4.28 26.43
C ALA C 17 12.18 -5.11 27.69
N PHE C 18 13.26 -5.31 28.45
CA PHE C 18 13.15 -5.93 29.76
C PHE C 18 12.38 -4.94 30.62
N PRO C 19 11.53 -5.43 31.53
CA PRO C 19 10.83 -4.49 32.40
C PRO C 19 11.83 -3.89 33.36
N ASN C 20 11.80 -2.57 33.52
CA ASN C 20 12.74 -1.87 34.38
C ASN C 20 12.55 -2.21 35.87
N PRO C 21 13.54 -2.89 36.50
CA PRO C 21 13.37 -3.32 37.89
C PRO C 21 13.60 -2.22 38.91
N TYR C 22 14.30 -1.16 38.52
CA TYR C 22 14.72 -0.13 39.46
C TYR C 22 13.61 0.81 39.89
N ALA C 23 13.61 1.16 41.17
CA ALA C 23 12.71 2.18 41.69
C ALA C 23 13.19 3.52 41.15
N ASP C 24 12.26 4.41 40.87
CA ASP C 24 12.60 5.72 40.32
C ASP C 24 13.25 6.63 41.39
N TYR C 25 13.92 7.68 40.94
CA TYR C 25 14.72 8.55 41.80
C TYR C 25 14.03 9.08 43.05
N ASN C 26 14.72 8.98 44.18
CA ASN C 26 14.49 9.86 45.33
C ASN C 26 15.81 10.21 46.04
N LYS C 27 15.83 11.40 46.64
CA LYS C 27 17.03 12.00 47.25
C LYS C 27 17.80 11.01 48.10
N SER C 28 17.06 10.13 48.75
CA SER C 28 17.64 9.12 49.61
C SER C 28 18.39 8.06 48.80
N LEU C 29 17.67 7.37 47.90
CA LEU C 29 18.26 6.32 47.08
C LEU C 29 19.41 6.82 46.21
N ALA C 30 19.45 8.14 46.00
CA ALA C 30 20.46 8.77 45.15
C ALA C 30 21.85 8.81 45.81
N GLU C 31 21.86 8.92 47.13
CA GLU C 31 23.08 9.10 47.93
C GLU C 31 24.09 8.01 47.73
N GLY C 32 23.63 6.80 47.44
CA GLY C 32 24.52 5.67 47.19
C GLY C 32 25.32 5.83 45.91
N TYR C 33 24.90 6.77 45.07
CA TYR C 33 25.48 6.94 43.74
C TYR C 33 26.29 8.22 43.61
N PHE C 34 25.79 9.30 44.20
CA PHE C 34 26.47 10.58 44.09
C PHE C 34 26.00 11.59 45.15
N ASP C 35 26.74 12.69 45.28
CA ASP C 35 26.44 13.68 46.31
C ASP C 35 25.82 14.92 45.70
N ALA C 36 25.40 15.83 46.56
CA ALA C 36 24.69 17.04 46.14
C ALA C 36 25.41 17.84 45.04
N ALA C 37 26.71 17.61 44.87
CA ALA C 37 27.49 18.30 43.83
C ALA C 37 27.51 17.49 42.54
N GLY C 38 26.85 16.32 42.58
CA GLY C 38 26.77 15.43 41.43
C GLY C 38 28.05 14.65 41.18
N ARG C 39 28.77 14.37 42.26
CA ARG C 39 30.02 13.63 42.19
C ARG C 39 29.66 12.23 42.61
N LEU C 40 29.97 11.25 41.76
CA LEU C 40 29.68 9.86 42.07
C LEU C 40 30.51 9.41 43.25
N THR C 41 29.85 8.83 44.26
CA THR C 41 30.58 8.21 45.36
C THR C 41 31.75 7.37 44.83
N PRO C 42 32.92 7.47 45.49
CA PRO C 42 34.10 6.70 45.11
C PRO C 42 33.79 5.22 45.08
N GLU C 43 32.86 4.81 45.94
CA GLU C 43 32.35 3.45 46.02
C GLU C 43 31.77 3.04 44.67
N PHE C 44 30.91 3.91 44.13
CA PHE C 44 30.28 3.63 42.85
C PHE C 44 31.27 3.77 41.69
N SER C 45 31.98 4.92 41.66
CA SER C 45 33.12 5.13 40.77
C SER C 45 33.99 3.88 40.69
N GLN C 46 34.23 3.29 41.84
CA GLN C 46 35.14 2.17 41.95
C GLN C 46 34.60 0.99 41.16
N ARG C 47 33.35 0.62 41.43
CA ARG C 47 32.69 -0.45 40.68
C ARG C 47 32.68 -0.22 39.16
N LEU C 48 32.32 0.98 38.74
CA LEU C 48 32.34 1.33 37.32
C LEU C 48 33.74 1.04 36.77
N THR C 49 34.77 1.56 37.44
CA THR C 49 36.13 1.36 36.98
C THR C 49 36.53 -0.11 36.94
N ASN C 50 36.12 -0.90 37.93
CA ASN C 50 36.48 -2.31 37.93
C ASN C 50 35.91 -3.02 36.71
N LYS C 51 34.58 -3.00 36.62
CA LYS C 51 33.84 -3.46 35.44
C LYS C 51 34.55 -3.03 34.15
N ILE C 52 34.86 -1.74 34.03
CA ILE C 52 35.55 -1.27 32.84
C ILE C 52 36.78 -2.12 32.51
N ARG C 53 37.68 -2.30 33.49
CA ARG C 53 38.95 -3.01 33.29
C ARG C 53 38.72 -4.47 32.90
N GLU C 54 37.65 -5.03 33.47
CA GLU C 54 37.25 -6.40 33.24
C GLU C 54 36.88 -6.56 31.77
N LEU C 55 35.94 -5.72 31.35
CA LEU C 55 35.40 -5.76 29.98
C LEU C 55 36.48 -5.44 28.96
N LEU C 56 37.34 -4.47 29.28
CA LEU C 56 38.49 -4.19 28.43
C LEU C 56 39.31 -5.45 28.12
N GLN C 57 39.45 -6.34 29.10
CA GLN C 57 40.16 -7.58 28.85
C GLN C 57 39.37 -8.45 27.86
N GLN C 58 38.09 -8.66 28.16
CA GLN C 58 37.20 -9.47 27.33
C GLN C 58 37.21 -8.93 25.90
N MET C 59 37.08 -7.61 25.80
CA MET C 59 37.07 -6.98 24.50
C MET C 59 38.39 -7.20 23.79
N GLU C 60 39.50 -7.03 24.49
CA GLU C 60 40.81 -7.08 23.84
C GLU C 60 41.12 -8.47 23.27
N ARG C 61 40.57 -9.51 23.93
CA ARG C 61 40.66 -10.88 23.42
C ARG C 61 39.82 -11.04 22.16
N GLY C 62 38.50 -10.95 22.30
CA GLY C 62 37.58 -10.95 21.16
C GLY C 62 38.08 -10.16 19.96
N LEU C 63 38.56 -8.94 20.19
CA LEU C 63 39.08 -8.09 19.12
C LEU C 63 40.12 -8.76 18.26
N LYS C 64 40.79 -9.77 18.78
CA LYS C 64 41.90 -10.35 18.05
C LYS C 64 41.38 -11.11 16.85
N SER C 65 40.17 -11.64 16.97
CA SER C 65 39.51 -12.31 15.86
C SER C 65 38.34 -11.51 15.24
N ALA C 66 38.50 -10.20 15.12
CA ALA C 66 37.52 -9.38 14.43
C ALA C 66 38.01 -9.11 13.02
N ASP C 67 37.10 -8.95 12.07
CA ASP C 67 37.44 -8.69 10.68
C ASP C 67 38.56 -7.65 10.49
N PRO C 68 39.73 -8.09 9.99
CA PRO C 68 40.86 -7.17 9.79
C PRO C 68 40.57 -6.07 8.79
N ARG C 69 39.60 -6.31 7.90
CA ARG C 69 39.31 -5.42 6.78
C ARG C 69 38.66 -4.08 7.18
N ASP C 70 37.85 -4.12 8.24
CA ASP C 70 36.96 -3.03 8.62
C ASP C 70 37.63 -1.97 9.48
N GLY C 71 37.93 -0.82 8.91
CA GLY C 71 38.59 0.22 9.68
C GLY C 71 37.65 1.28 10.24
N THR C 72 36.35 1.07 10.04
CA THR C 72 35.34 2.11 10.30
C THR C 72 35.16 2.43 11.77
N GLY C 73 34.83 3.68 12.06
CA GLY C 73 34.40 4.11 13.39
C GLY C 73 33.26 3.25 13.93
N TYR C 74 32.25 3.03 13.10
CA TYR C 74 31.02 2.38 13.53
C TYR C 74 31.28 0.95 13.99
N THR C 75 32.05 0.18 13.22
CA THR C 75 32.23 -1.24 13.53
C THR C 75 33.68 -1.72 13.61
N GLY C 76 34.65 -0.86 13.36
CA GLY C 76 36.05 -1.31 13.25
C GLY C 76 37.14 -0.47 13.91
N TRP C 77 38.37 -0.70 13.48
CA TRP C 77 39.56 -0.20 14.17
C TRP C 77 39.54 1.27 14.64
N ALA C 78 39.13 2.20 13.78
CA ALA C 78 38.99 3.57 14.23
C ALA C 78 38.01 3.74 15.39
N GLY C 79 36.97 2.90 15.45
CA GLY C 79 36.00 2.95 16.54
C GLY C 79 36.61 2.60 17.88
N ILE C 80 37.41 1.54 17.88
CA ILE C 80 38.22 1.16 19.04
C ILE C 80 39.24 2.24 19.41
N ALA C 81 39.84 2.89 18.42
CA ALA C 81 40.82 3.92 18.74
C ALA C 81 40.13 5.13 19.36
N VAL C 82 38.86 5.32 19.00
CA VAL C 82 38.09 6.39 19.61
C VAL C 82 37.91 6.05 21.08
N LEU C 83 37.75 4.76 21.36
CA LEU C 83 37.54 4.34 22.74
C LEU C 83 38.76 4.68 23.55
N TYR C 84 39.91 4.17 23.13
CA TYR C 84 41.15 4.35 23.86
C TYR C 84 41.53 5.82 23.96
N LEU C 85 41.19 6.60 22.96
CA LEU C 85 41.51 8.01 23.04
C LEU C 85 40.69 8.68 24.14
N HIS C 86 39.48 8.17 24.37
CA HIS C 86 38.56 8.68 25.40
C HIS C 86 39.03 8.17 26.74
N LEU C 87 39.35 6.88 26.78
CA LEU C 87 39.88 6.22 27.98
C LEU C 87 41.14 6.88 28.52
N TYR C 88 42.07 7.18 27.62
CA TYR C 88 43.28 7.89 27.98
C TYR C 88 42.92 9.20 28.66
N ASP C 89 41.98 9.93 28.07
CA ASP C 89 41.54 11.16 28.69
C ASP C 89 40.85 11.06 30.06
N VAL C 90 40.22 9.94 30.38
CA VAL C 90 39.60 9.89 31.71
C VAL C 90 40.54 9.33 32.78
N PHE C 91 41.41 8.39 32.38
CA PHE C 91 42.28 7.69 33.33
C PHE C 91 43.74 8.14 33.38
N GLY C 92 44.26 8.69 32.29
CA GLY C 92 45.65 9.16 32.24
C GLY C 92 46.67 8.09 31.93
N ASP C 93 46.22 6.84 31.83
CA ASP C 93 47.12 5.71 31.64
C ASP C 93 47.75 5.70 30.24
N PRO C 94 49.09 5.87 30.14
CA PRO C 94 49.60 6.13 28.79
C PRO C 94 49.61 4.89 27.91
N ALA C 95 49.31 3.73 28.51
CA ALA C 95 49.18 2.50 27.74
C ALA C 95 47.97 2.59 26.79
N TYR C 96 47.08 3.54 27.06
CA TYR C 96 45.86 3.67 26.28
C TYR C 96 46.20 4.45 25.03
N LEU C 97 46.98 5.50 25.22
CA LEU C 97 47.52 6.24 24.11
C LEU C 97 48.23 5.25 23.20
N GLN C 98 48.91 4.29 23.80
CA GLN C 98 49.64 3.30 23.01
C GLN C 98 48.67 2.44 22.21
N LEU C 99 47.74 1.78 22.92
CA LEU C 99 46.69 0.99 22.27
C LEU C 99 46.09 1.74 21.07
N ALA C 100 45.53 2.92 21.34
CA ALA C 100 44.96 3.77 20.27
C ALA C 100 45.88 3.91 19.07
N HIS C 101 47.16 4.17 19.31
CA HIS C 101 48.09 4.37 18.21
C HIS C 101 48.14 3.13 17.28
N GLY C 102 48.00 1.95 17.86
CA GLY C 102 48.06 0.71 17.12
C GLY C 102 46.73 0.30 16.50
N TYR C 103 45.72 1.14 16.69
CA TYR C 103 44.42 0.85 16.08
C TYR C 103 44.22 1.84 14.94
N VAL C 104 44.64 3.07 15.18
CA VAL C 104 44.73 4.08 14.14
C VAL C 104 45.54 3.56 12.96
N LYS C 105 46.75 3.07 13.23
CA LYS C 105 47.57 2.52 12.17
C LYS C 105 46.83 1.39 11.47
N GLN C 106 46.19 0.54 12.26
CA GLN C 106 45.52 -0.65 11.75
C GLN C 106 44.29 -0.29 10.93
N SER C 107 43.79 0.92 11.12
CA SER C 107 42.61 1.33 10.35
C SER C 107 43.03 2.13 9.12
N LEU C 108 44.19 2.79 9.21
CA LEU C 108 44.68 3.55 8.08
C LEU C 108 45.05 2.67 6.88
N ASN C 109 45.00 1.36 7.06
CA ASN C 109 45.16 0.42 5.94
C ASN C 109 43.83 -0.15 5.43
N CYS C 110 42.76 0.64 5.52
CA CYS C 110 41.42 0.17 5.20
C CYS C 110 40.66 1.21 4.43
N LEU C 111 41.34 2.31 4.12
CA LEU C 111 40.72 3.40 3.36
C LEU C 111 40.17 2.84 2.06
N THR C 112 38.86 2.88 1.91
CA THR C 112 38.23 2.35 0.69
C THR C 112 37.82 3.46 -0.27
N LYS C 113 38.02 4.70 0.15
CA LYS C 113 37.63 5.90 -0.64
C LYS C 113 36.14 5.93 -1.03
N ARG C 114 35.32 5.18 -0.30
CA ARG C 114 33.91 5.00 -0.66
C ARG C 114 32.98 6.01 0.00
N SER C 115 33.17 6.21 1.30
CA SER C 115 32.26 7.01 2.13
C SER C 115 33.00 8.27 2.64
N ILE C 116 32.27 9.26 3.16
CA ILE C 116 32.92 10.50 3.59
C ILE C 116 32.73 10.81 5.08
N THR C 117 32.26 9.84 5.86
CA THR C 117 31.89 10.13 7.23
C THR C 117 32.86 9.54 8.22
N PHE C 118 32.82 10.13 9.41
CA PHE C 118 33.56 9.70 10.58
C PHE C 118 33.18 8.26 10.91
N LEU C 119 31.89 8.01 11.01
CA LEU C 119 31.41 6.72 11.47
C LEU C 119 31.60 5.59 10.48
N CYS C 120 31.47 5.88 9.18
CA CYS C 120 31.47 4.82 8.17
C CYS C 120 32.44 4.98 7.02
N GLY C 121 33.16 6.10 6.96
CA GLY C 121 34.08 6.32 5.84
C GLY C 121 35.54 6.61 6.16
N ASP C 122 36.25 7.09 5.15
CA ASP C 122 37.66 7.42 5.29
C ASP C 122 37.89 8.55 6.29
N ALA C 123 36.84 9.27 6.64
CA ALA C 123 36.98 10.40 7.56
C ALA C 123 37.13 9.98 9.02
N GLY C 124 36.79 8.73 9.33
CA GLY C 124 36.93 8.26 10.69
C GLY C 124 38.40 8.10 10.97
N PRO C 125 39.02 7.11 10.32
CA PRO C 125 40.47 6.93 10.31
C PRO C 125 41.26 8.23 10.17
N LEU C 126 40.90 9.11 9.25
CA LEU C 126 41.72 10.30 9.06
C LEU C 126 41.64 11.27 10.23
N ALA C 127 40.43 11.53 10.71
CA ALA C 127 40.23 12.51 11.78
C ALA C 127 40.77 12.00 13.11
N VAL C 128 40.57 10.71 13.39
CA VAL C 128 41.15 10.15 14.60
C VAL C 128 42.68 10.23 14.51
N ALA C 129 43.26 9.55 13.52
CA ALA C 129 44.70 9.60 13.30
C ALA C 129 45.27 11.00 13.51
N ALA C 130 44.65 12.00 12.89
CA ALA C 130 45.15 13.36 13.00
C ALA C 130 45.26 13.83 14.45
N VAL C 131 44.26 13.56 15.28
CA VAL C 131 44.37 13.99 16.67
C VAL C 131 45.30 13.07 17.45
N LEU C 132 45.29 11.77 17.14
CA LEU C 132 46.20 10.87 17.83
C LEU C 132 47.64 11.30 17.59
N TYR C 133 48.00 11.52 16.34
CA TYR C 133 49.35 11.96 15.98
C TYR C 133 49.71 13.28 16.66
N HIS C 134 48.75 14.21 16.74
CA HIS C 134 48.95 15.46 17.46
C HIS C 134 49.25 15.20 18.93
N LYS C 135 48.53 14.27 19.54
CA LYS C 135 48.77 13.90 20.93
C LYS C 135 50.08 13.14 21.10
N MET C 136 50.92 13.15 20.08
CA MET C 136 52.20 12.46 20.13
C MET C 136 53.29 13.31 19.46
N ASN C 137 53.11 14.63 19.54
CA ASN C 137 54.03 15.62 18.94
C ASN C 137 54.60 15.21 17.56
N ASN C 138 53.74 14.56 16.79
CA ASN C 138 54.04 14.10 15.44
C ASN C 138 53.32 15.02 14.45
N GLU C 139 53.79 16.25 14.35
CA GLU C 139 53.14 17.27 13.53
C GLU C 139 53.23 16.99 12.03
N LYS C 140 54.21 16.16 11.63
CA LYS C 140 54.34 15.73 10.25
C LYS C 140 53.16 14.86 9.82
N GLN C 141 52.89 13.83 10.61
CA GLN C 141 51.84 12.87 10.31
C GLN C 141 50.45 13.46 10.54
N ALA C 142 50.31 14.24 11.62
CA ALA C 142 49.05 14.90 11.93
C ALA C 142 48.60 15.76 10.76
N GLU C 143 49.39 16.79 10.47
CA GLU C 143 49.13 17.73 9.37
C GLU C 143 48.88 16.99 8.05
N ASP C 144 49.47 15.80 7.93
CA ASP C 144 49.26 14.93 6.78
C ASP C 144 47.80 14.53 6.62
N CYS C 145 47.26 13.93 7.67
CA CYS C 145 45.86 13.50 7.73
C CYS C 145 44.91 14.64 7.43
N ILE C 146 45.20 15.79 8.02
CA ILE C 146 44.37 16.98 7.87
C ILE C 146 44.14 17.37 6.40
N THR C 147 45.18 17.35 5.58
CA THR C 147 44.99 17.71 4.17
C THR C 147 44.17 16.64 3.44
N ARG C 148 44.44 15.36 3.70
CA ARG C 148 43.67 14.31 3.04
C ARG C 148 42.20 14.32 3.47
N LEU C 149 41.93 14.84 4.66
CA LEU C 149 40.59 14.87 5.19
C LEU C 149 39.74 15.95 4.54
N ILE C 150 40.40 17.05 4.16
CA ILE C 150 39.72 18.14 3.46
C ILE C 150 39.32 17.75 2.04
N HIS C 151 40.24 17.12 1.30
CA HIS C 151 39.95 16.70 -0.08
C HIS C 151 38.93 15.57 -0.10
N LEU C 152 38.63 15.03 1.07
CA LEU C 152 37.76 13.86 1.17
C LEU C 152 36.30 14.14 0.81
N ASN C 153 35.87 15.39 0.92
CA ASN C 153 34.47 15.71 0.61
C ASN C 153 34.17 15.56 -0.88
N LYS C 154 35.22 15.67 -1.70
CA LYS C 154 35.10 15.54 -3.15
C LYS C 154 34.79 14.12 -3.62
N ILE C 155 35.28 13.11 -2.89
CA ILE C 155 35.08 11.70 -3.30
C ILE C 155 33.62 11.25 -3.49
N ASP C 156 32.67 12.11 -3.17
CA ASP C 156 31.27 11.81 -3.46
C ASP C 156 30.52 13.04 -3.92
N PRO C 157 30.02 12.99 -5.16
CA PRO C 157 29.44 14.20 -5.73
C PRO C 157 28.10 14.51 -5.07
N HIS C 158 27.24 13.51 -4.94
CA HIS C 158 25.86 13.67 -4.49
C HIS C 158 25.58 12.75 -3.29
N ALA C 159 26.22 13.05 -2.16
CA ALA C 159 26.13 12.20 -0.98
C ALA C 159 24.84 12.49 -0.20
N PRO C 160 24.40 11.53 0.65
CA PRO C 160 23.22 11.81 1.48
C PRO C 160 23.52 12.96 2.45
N ASN C 161 22.55 13.35 3.27
CA ASN C 161 22.82 14.45 4.18
C ASN C 161 23.01 14.03 5.62
N GLU C 162 22.81 12.74 5.91
CA GLU C 162 22.68 12.31 7.29
C GLU C 162 23.96 11.82 7.97
N MET C 163 23.83 11.23 9.15
CA MET C 163 24.95 10.96 10.04
C MET C 163 25.84 9.82 9.58
N LEU C 164 25.27 8.67 9.25
CA LEU C 164 26.11 7.52 8.94
C LEU C 164 26.81 7.53 7.58
N TYR C 165 26.20 8.13 6.57
CA TYR C 165 26.78 8.15 5.22
C TYR C 165 26.82 9.52 4.57
N GLY C 166 26.18 10.50 5.20
CA GLY C 166 25.95 11.79 4.55
C GLY C 166 26.84 12.92 5.03
N ARG C 167 26.38 14.15 4.76
CA ARG C 167 27.20 15.32 5.00
C ARG C 167 27.47 15.65 6.46
N ILE C 168 26.49 15.47 7.34
CA ILE C 168 26.74 15.82 8.73
C ILE C 168 27.74 14.84 9.30
N GLY C 169 27.62 13.58 8.89
CA GLY C 169 28.62 12.56 9.19
C GLY C 169 30.05 12.98 8.87
N TYR C 170 30.22 13.79 7.83
CA TYR C 170 31.52 14.32 7.47
C TYR C 170 31.85 15.52 8.35
N ILE C 171 30.94 16.47 8.42
CA ILE C 171 31.09 17.60 9.34
C ILE C 171 31.60 17.19 10.72
N TYR C 172 30.99 16.18 11.32
CA TYR C 172 31.47 15.76 12.63
C TYR C 172 32.99 15.54 12.61
N ALA C 173 33.49 14.69 11.70
CA ALA C 173 34.94 14.56 11.47
C ALA C 173 35.69 15.89 11.50
N LEU C 174 35.18 16.89 10.80
CA LEU C 174 35.82 18.21 10.83
C LEU C 174 35.85 18.81 12.22
N LEU C 175 34.69 18.90 12.85
CA LEU C 175 34.56 19.52 14.17
C LEU C 175 35.35 18.76 15.22
N PHE C 176 35.33 17.44 15.09
CA PHE C 176 36.08 16.55 15.95
C PHE C 176 37.57 16.89 15.99
N VAL C 177 38.15 17.11 14.81
CA VAL C 177 39.51 17.62 14.69
C VAL C 177 39.65 18.99 15.36
N ASN C 178 38.94 20.00 14.86
CA ASN C 178 38.98 21.34 15.46
C ASN C 178 38.85 21.38 16.99
N LYS C 179 38.05 20.48 17.57
CA LYS C 179 37.84 20.42 19.01
C LYS C 179 39.14 20.01 19.68
N ASN C 180 39.62 18.81 19.35
CA ASN C 180 40.82 18.24 19.99
C ASN C 180 42.13 18.96 19.65
N PHE C 181 42.09 19.81 18.64
CA PHE C 181 43.06 20.88 18.50
C PHE C 181 42.44 22.15 19.12
N GLY C 182 43.12 22.69 20.11
CA GLY C 182 42.67 23.94 20.73
C GLY C 182 42.40 24.99 19.67
N VAL C 183 42.98 24.80 18.49
CA VAL C 183 42.94 25.81 17.44
C VAL C 183 42.03 25.33 16.32
N GLU C 184 41.38 26.26 15.63
CA GLU C 184 40.59 25.92 14.46
C GLU C 184 41.52 25.47 13.34
N LYS C 185 41.71 24.16 13.21
CA LYS C 185 42.64 23.62 12.24
C LYS C 185 42.02 23.56 10.86
N ILE C 186 40.75 23.17 10.81
CA ILE C 186 40.03 23.11 9.54
C ILE C 186 39.24 24.40 9.41
N PRO C 187 39.41 25.11 8.27
CA PRO C 187 38.92 26.48 8.15
C PRO C 187 37.39 26.63 8.24
N GLN C 188 36.97 27.61 9.04
CA GLN C 188 35.57 27.87 9.28
C GLN C 188 34.73 27.84 8.01
N SER C 189 35.25 28.45 6.95
CA SER C 189 34.52 28.62 5.71
C SER C 189 34.22 27.28 5.02
N HIS C 190 35.18 26.37 5.04
CA HIS C 190 35.00 25.06 4.41
C HIS C 190 33.85 24.30 5.08
N ILE C 191 33.68 24.52 6.37
CA ILE C 191 32.55 23.95 7.09
C ILE C 191 31.29 24.70 6.68
N GLN C 192 31.27 26.01 6.93
CA GLN C 192 30.06 26.81 6.70
C GLN C 192 29.56 26.72 5.25
N GLN C 193 30.45 26.42 4.30
CA GLN C 193 30.00 26.29 2.92
C GLN C 193 29.37 24.92 2.64
N ILE C 194 29.92 23.86 3.23
CA ILE C 194 29.29 22.54 3.13
C ILE C 194 27.91 22.58 3.80
N CYS C 195 27.79 23.37 4.85
CA CYS C 195 26.53 23.57 5.55
C CYS C 195 25.49 24.16 4.61
N GLU C 196 25.92 25.13 3.80
CA GLU C 196 25.03 25.78 2.83
C GLU C 196 24.54 24.83 1.77
N THR C 197 25.34 23.84 1.41
CA THR C 197 24.87 22.90 0.41
C THR C 197 23.85 21.92 1.02
N ILE C 198 23.90 21.70 2.33
CA ILE C 198 22.89 20.80 2.93
C ILE C 198 21.54 21.52 3.10
N LEU C 199 21.60 22.83 3.37
CA LEU C 199 20.40 23.67 3.41
C LEU C 199 19.69 23.74 2.06
N THR C 200 20.45 24.01 1.00
CA THR C 200 19.86 24.19 -0.32
C THR C 200 19.38 22.84 -0.86
N SER C 201 20.03 21.75 -0.46
CA SER C 201 19.53 20.41 -0.79
C SER C 201 18.27 20.13 -0.01
N GLY C 202 18.16 20.77 1.14
CA GLY C 202 17.07 20.45 2.02
C GLY C 202 15.80 21.10 1.54
N GLU C 203 15.95 22.31 0.99
CA GLU C 203 14.79 23.05 0.54
C GLU C 203 14.47 22.78 -0.94
N ASN C 204 15.31 22.00 -1.60
CA ASN C 204 14.97 21.55 -2.93
C ASN C 204 14.05 20.36 -2.85
N LEU C 205 14.44 19.37 -2.06
CA LEU C 205 13.60 18.20 -1.85
C LEU C 205 12.24 18.64 -1.32
N ALA C 206 12.24 19.57 -0.38
CA ALA C 206 11.01 20.14 0.18
C ALA C 206 10.06 20.65 -0.92
N ARG C 207 10.64 21.33 -1.92
CA ARG C 207 9.87 21.84 -3.04
C ARG C 207 9.46 20.70 -3.97
N LYS C 208 10.43 20.08 -4.63
CA LYS C 208 10.13 18.93 -5.48
C LYS C 208 9.06 18.02 -4.86
N ARG C 209 9.10 17.86 -3.53
CA ARG C 209 8.20 16.93 -2.88
C ARG C 209 6.93 17.60 -2.33
N ASN C 210 6.86 18.92 -2.51
CA ASN C 210 5.73 19.75 -2.05
C ASN C 210 5.46 19.52 -0.57
N PHE C 211 6.42 19.94 0.24
CA PHE C 211 6.40 19.69 1.67
C PHE C 211 6.35 21.00 2.41
N THR C 212 6.58 22.09 1.69
CA THR C 212 6.85 23.37 2.34
C THR C 212 5.68 23.93 3.12
N ALA C 213 4.47 23.43 2.85
CA ALA C 213 3.33 23.79 3.68
C ALA C 213 3.63 23.51 5.15
N LYS C 214 4.25 22.36 5.40
CA LYS C 214 4.55 21.91 6.77
C LYS C 214 6.04 21.90 7.14
N SER C 215 6.92 21.80 6.15
CA SER C 215 8.34 21.72 6.41
C SER C 215 9.18 22.37 5.32
N PRO C 216 9.68 23.58 5.57
CA PRO C 216 10.57 24.25 4.63
C PRO C 216 11.69 23.37 4.09
N LEU C 217 12.09 22.35 4.85
CA LEU C 217 13.20 21.48 4.48
C LEU C 217 12.77 20.04 4.51
N MET C 218 13.42 19.19 3.72
CA MET C 218 13.16 17.76 3.73
C MET C 218 14.37 17.00 3.18
N TYR C 219 14.54 15.75 3.63
CA TYR C 219 15.74 14.95 3.34
C TYR C 219 15.38 13.48 3.29
N GLU C 220 16.22 12.69 2.65
CA GLU C 220 15.95 11.26 2.55
C GLU C 220 17.23 10.48 2.36
N TRP C 221 17.18 9.21 2.75
CA TRP C 221 18.29 8.31 2.57
C TRP C 221 17.70 6.91 2.36
N TYR C 222 18.32 6.11 1.50
CA TYR C 222 17.87 4.74 1.20
C TYR C 222 16.35 4.69 1.07
N GLN C 223 15.83 5.57 0.20
CA GLN C 223 14.42 5.51 -0.25
C GLN C 223 13.34 5.71 0.83
N GLU C 224 13.70 6.40 1.92
CA GLU C 224 12.74 6.73 2.97
C GLU C 224 13.01 8.12 3.53
N TYR C 225 11.95 8.77 4.02
CA TYR C 225 12.12 9.97 4.82
C TYR C 225 12.37 9.54 6.25
N TYR C 226 13.65 9.40 6.61
CA TYR C 226 14.05 9.00 7.96
C TYR C 226 13.90 10.12 8.97
N VAL C 227 13.60 9.74 10.19
CA VAL C 227 13.15 10.71 11.16
C VAL C 227 14.20 10.89 12.24
N GLY C 228 14.84 9.78 12.60
CA GLY C 228 15.75 9.70 13.73
C GLY C 228 17.14 10.28 13.53
N ALA C 229 18.04 9.83 14.39
CA ALA C 229 19.33 10.47 14.53
C ALA C 229 20.41 9.90 13.59
N ALA C 230 20.37 8.59 13.36
CA ALA C 230 21.40 7.90 12.59
C ALA C 230 21.30 8.31 11.15
N HIS C 231 20.09 8.21 10.63
CA HIS C 231 19.86 8.34 9.19
C HIS C 231 18.95 9.50 8.81
N GLY C 232 18.46 10.22 9.81
CA GLY C 232 17.27 11.04 9.63
C GLY C 232 17.29 12.53 9.86
N LEU C 233 16.11 13.06 10.17
CA LEU C 233 15.88 14.48 10.22
C LEU C 233 16.46 15.02 11.50
N ALA C 234 16.04 14.39 12.60
CA ALA C 234 16.48 14.73 13.94
C ALA C 234 18.00 14.97 13.99
N GLY C 235 18.76 14.04 13.43
CA GLY C 235 20.21 14.18 13.29
C GLY C 235 20.59 15.46 12.58
N ILE C 236 20.11 15.62 11.36
CA ILE C 236 20.40 16.80 10.55
C ILE C 236 19.98 18.12 11.22
N TYR C 237 18.77 18.17 11.79
CA TYR C 237 18.28 19.43 12.33
C TYR C 237 19.05 19.74 13.59
N TYR C 238 19.27 18.71 14.40
CA TYR C 238 20.16 18.83 15.54
C TYR C 238 21.50 19.47 15.15
N TYR C 239 22.07 19.05 14.03
CA TYR C 239 23.32 19.66 13.57
C TYR C 239 23.13 21.09 13.10
N LEU C 240 22.14 21.34 12.24
CA LEU C 240 21.95 22.70 11.74
C LEU C 240 21.71 23.73 12.83
N MET C 241 21.42 23.27 14.04
CA MET C 241 21.19 24.18 15.15
C MET C 241 22.46 24.45 15.97
N GLN C 242 23.52 23.69 15.70
CA GLN C 242 24.81 23.89 16.35
C GLN C 242 25.40 25.23 15.93
N PRO C 243 25.76 26.09 16.90
CA PRO C 243 26.39 27.36 16.55
C PRO C 243 27.69 27.21 15.78
N SER C 244 28.33 26.03 15.89
CA SER C 244 29.55 25.71 15.16
C SER C 244 29.37 25.84 13.65
N LEU C 245 28.20 25.42 13.18
CA LEU C 245 27.87 25.46 11.75
C LEU C 245 27.45 26.86 11.33
N GLN C 246 27.30 27.75 12.31
CA GLN C 246 26.86 29.16 12.14
C GLN C 246 25.81 29.53 11.10
N VAL C 247 24.63 28.90 11.15
CA VAL C 247 23.55 29.26 10.24
C VAL C 247 22.91 30.61 10.63
N SER C 248 22.77 31.49 9.65
CA SER C 248 22.24 32.84 9.90
C SER C 248 20.98 32.82 10.78
N GLN C 249 20.90 33.77 11.70
CA GLN C 249 19.76 33.90 12.61
C GLN C 249 18.42 33.73 11.89
N GLY C 250 18.29 34.35 10.71
CA GLY C 250 17.05 34.32 9.95
C GLY C 250 16.71 32.95 9.42
N LYS C 251 17.68 32.32 8.77
CA LYS C 251 17.50 30.96 8.26
C LYS C 251 17.12 29.94 9.35
N LEU C 252 17.49 30.20 10.59
CA LEU C 252 17.13 29.31 11.68
C LEU C 252 15.62 29.31 11.94
N HIS C 253 15.01 30.49 11.82
CA HIS C 253 13.59 30.66 12.11
C HIS C 253 12.68 30.37 10.93
N SER C 254 13.15 30.74 9.75
CA SER C 254 12.36 30.60 8.53
C SER C 254 12.41 29.17 8.02
N LEU C 255 13.53 28.49 8.23
CA LEU C 255 13.75 27.19 7.61
C LEU C 255 13.79 26.04 8.63
N VAL C 256 14.73 26.13 9.58
CA VAL C 256 15.01 25.05 10.51
C VAL C 256 13.89 24.85 11.52
N LYS C 257 13.49 25.92 12.20
CA LYS C 257 12.51 25.80 13.28
C LYS C 257 11.24 25.02 12.86
N PRO C 258 10.61 25.42 11.73
CA PRO C 258 9.38 24.77 11.31
C PRO C 258 9.63 23.33 10.84
N SER C 259 10.77 23.10 10.20
CA SER C 259 11.17 21.74 9.84
C SER C 259 11.32 20.89 11.10
N VAL C 260 11.89 21.49 12.15
CA VAL C 260 11.98 20.84 13.45
C VAL C 260 10.58 20.60 14.02
N ASP C 261 9.76 21.66 14.02
CA ASP C 261 8.39 21.55 14.52
C ASP C 261 7.65 20.40 13.87
N TYR C 262 7.91 20.19 12.59
CA TYR C 262 7.28 19.13 11.84
C TYR C 262 7.62 17.77 12.44
N VAL C 263 8.89 17.59 12.81
CA VAL C 263 9.36 16.34 13.39
C VAL C 263 8.71 16.10 14.75
N CYS C 264 8.44 17.18 15.48
CA CYS C 264 7.71 17.07 16.73
C CYS C 264 6.30 16.53 16.51
N GLN C 265 5.68 17.00 15.44
CA GLN C 265 4.32 16.60 15.09
C GLN C 265 4.24 15.12 14.82
N LEU C 266 5.35 14.50 14.42
CA LEU C 266 5.37 13.07 14.10
C LEU C 266 5.34 12.18 15.34
N LYS C 267 5.52 12.79 16.50
CA LYS C 267 5.60 12.06 17.76
C LYS C 267 4.39 11.15 18.01
N PHE C 268 4.65 9.84 18.08
CA PHE C 268 3.70 8.83 18.54
C PHE C 268 3.05 9.19 19.88
N PRO C 269 1.83 8.67 20.15
CA PRO C 269 1.13 8.86 21.43
C PRO C 269 2.04 8.62 22.64
N SER C 270 2.61 7.43 22.74
CA SER C 270 3.51 7.09 23.84
C SER C 270 4.62 8.09 24.12
N GLY C 271 5.07 8.84 23.12
CA GLY C 271 6.15 9.78 23.31
C GLY C 271 7.33 9.49 22.41
N ASN C 272 7.42 8.24 21.96
CA ASN C 272 8.46 7.83 21.02
C ASN C 272 8.28 8.44 19.64
N TYR C 273 9.14 8.04 18.70
CA TYR C 273 9.09 8.55 17.35
C TYR C 273 9.27 7.39 16.40
N PRO C 274 8.49 7.40 15.30
CA PRO C 274 8.63 6.42 14.21
C PRO C 274 9.94 6.65 13.44
N PRO C 275 10.43 5.60 12.77
CA PRO C 275 11.70 5.64 12.03
C PRO C 275 11.66 6.53 10.78
N CYS C 276 10.65 6.33 9.94
CA CYS C 276 10.42 7.17 8.77
C CYS C 276 9.04 7.77 8.80
N ILE C 277 8.90 8.88 8.08
CA ILE C 277 7.60 9.52 7.91
C ILE C 277 6.61 8.44 7.49
N GLY C 278 5.49 8.37 8.21
CA GLY C 278 4.41 7.44 7.89
C GLY C 278 4.56 6.00 8.34
N ASP C 279 5.44 5.74 9.31
CA ASP C 279 5.44 4.46 10.00
C ASP C 279 4.35 4.52 11.06
N ASN C 280 3.66 3.41 11.29
CA ASN C 280 2.52 3.46 12.20
C ASN C 280 2.68 2.61 13.44
N ARG C 281 3.47 1.54 13.36
CA ARG C 281 3.69 0.73 14.55
C ARG C 281 4.91 1.17 15.38
N ASP C 282 4.68 1.29 16.69
CA ASP C 282 5.58 1.91 17.67
C ASP C 282 6.56 0.87 18.21
N LEU C 283 7.78 0.85 17.66
CA LEU C 283 8.66 -0.28 17.90
C LEU C 283 10.01 0.04 18.52
N LEU C 284 10.71 1.00 17.93
CA LEU C 284 12.13 1.12 18.18
C LEU C 284 12.42 2.23 19.17
N VAL C 285 13.07 1.86 20.27
CA VAL C 285 13.55 2.84 21.24
C VAL C 285 15.09 2.84 21.14
N HIS C 286 15.61 3.52 20.13
CA HIS C 286 17.03 3.46 19.85
C HIS C 286 17.62 4.82 19.65
N TRP C 287 18.93 4.91 19.78
CA TRP C 287 19.59 6.06 19.20
C TRP C 287 19.36 6.17 17.68
N CYS C 288 19.38 5.05 16.93
CA CYS C 288 19.33 5.18 15.46
C CYS C 288 17.97 5.66 14.99
N HIS C 289 16.95 5.06 15.58
CA HIS C 289 15.55 5.43 15.38
C HIS C 289 14.84 5.41 16.72
N GLY C 290 14.19 6.53 17.06
CA GLY C 290 13.33 6.59 18.22
C GLY C 290 13.69 7.73 19.13
N ALA C 291 13.06 7.76 20.30
CA ALA C 291 13.21 8.88 21.22
C ALA C 291 14.65 9.00 21.68
N PRO C 292 15.32 7.85 21.92
CA PRO C 292 16.69 8.03 22.42
C PRO C 292 17.57 8.72 21.38
N GLY C 293 17.07 8.94 20.18
CA GLY C 293 17.83 9.69 19.19
C GLY C 293 17.26 11.08 18.86
N VAL C 294 15.98 11.31 19.18
CA VAL C 294 15.26 12.55 18.80
C VAL C 294 15.57 13.54 19.92
N ILE C 295 15.97 12.97 21.06
CA ILE C 295 16.20 13.85 22.21
C ILE C 295 17.18 15.01 21.88
N TYR C 296 18.41 14.72 21.39
CA TYR C 296 19.36 15.78 20.96
C TYR C 296 18.71 16.90 20.19
N MET C 297 17.99 16.57 19.14
CA MET C 297 17.26 17.60 18.42
C MET C 297 16.35 18.43 19.36
N LEU C 298 15.56 17.76 20.23
CA LEU C 298 14.68 18.54 21.13
C LEU C 298 15.50 19.40 22.07
N ILE C 299 16.41 18.79 22.85
CA ILE C 299 17.14 19.63 23.82
C ILE C 299 17.79 20.81 23.08
N GLN C 300 18.45 20.54 21.94
CA GLN C 300 19.15 21.57 21.21
C GLN C 300 18.18 22.66 20.82
N ALA C 301 17.03 22.25 20.27
CA ALA C 301 16.00 23.21 19.91
C ALA C 301 15.57 24.06 21.10
N TYR C 302 15.59 23.48 22.30
CA TYR C 302 15.23 24.26 23.48
C TYR C 302 16.34 25.23 23.86
N LYS C 303 17.58 24.78 23.77
CA LYS C 303 18.73 25.68 23.97
C LYS C 303 18.66 26.89 23.04
N VAL C 304 18.34 26.67 21.77
CA VAL C 304 18.39 27.75 20.79
C VAL C 304 17.14 28.63 20.71
N PHE C 305 15.96 28.04 20.82
CA PHE C 305 14.72 28.80 20.67
C PHE C 305 14.06 29.10 22.00
N ARG C 306 14.49 28.42 23.05
CA ARG C 306 14.05 28.77 24.38
C ARG C 306 12.52 28.71 24.49
N GLU C 307 11.93 27.62 24.01
CA GLU C 307 10.48 27.47 24.07
C GLU C 307 10.07 26.21 24.83
N GLU C 308 9.20 26.38 25.80
CA GLU C 308 8.80 25.31 26.72
C GLU C 308 8.42 24.00 26.02
N LYS C 309 7.93 24.08 24.78
CA LYS C 309 7.46 22.89 24.09
C LYS C 309 8.60 21.89 23.84
N TYR C 310 9.76 22.37 23.40
CA TYR C 310 10.89 21.49 23.07
C TYR C 310 11.44 20.74 24.28
N LEU C 311 11.34 21.38 25.44
CA LEU C 311 11.80 20.79 26.67
C LEU C 311 10.82 19.73 27.16
N CYS C 312 9.52 19.99 27.06
CA CYS C 312 8.55 18.96 27.42
C CYS C 312 8.76 17.71 26.61
N ASP C 313 8.93 17.89 25.30
CA ASP C 313 9.21 16.77 24.41
C ASP C 313 10.51 16.04 24.77
N ALA C 314 11.43 16.72 25.44
CA ALA C 314 12.60 16.03 26.01
C ALA C 314 12.24 15.20 27.26
N TYR C 315 11.61 15.81 28.27
CA TYR C 315 11.15 15.04 29.45
C TYR C 315 10.33 13.83 28.99
N GLN C 316 9.48 14.09 28.00
CA GLN C 316 8.70 13.08 27.32
C GLN C 316 9.55 11.88 26.92
N CYS C 317 10.62 12.13 26.16
CA CYS C 317 11.55 11.09 25.74
C CYS C 317 12.07 10.32 26.93
N ALA C 318 12.54 11.07 27.92
CA ALA C 318 13.20 10.50 29.07
C ALA C 318 12.37 9.38 29.62
N ASP C 319 11.10 9.70 29.86
CA ASP C 319 10.14 8.74 30.40
C ASP C 319 9.90 7.51 29.51
N VAL C 320 9.89 7.72 28.19
CA VAL C 320 9.87 6.57 27.27
C VAL C 320 11.11 5.69 27.43
N ILE C 321 12.29 6.32 27.40
CA ILE C 321 13.53 5.56 27.52
C ILE C 321 13.60 4.95 28.91
N TRP C 322 13.32 5.75 29.95
CA TRP C 322 13.19 5.19 31.30
C TRP C 322 12.33 3.91 31.39
N GLN C 323 11.18 3.89 30.72
CA GLN C 323 10.31 2.72 30.79
C GLN C 323 10.68 1.57 29.84
N TYR C 324 11.16 1.87 28.64
CA TYR C 324 11.38 0.83 27.63
C TYR C 324 12.81 0.73 27.09
N GLY C 325 13.73 1.48 27.70
CA GLY C 325 15.09 1.60 27.18
C GLY C 325 16.02 0.43 27.42
N LEU C 326 15.63 -0.50 28.28
CA LEU C 326 16.46 -1.66 28.57
C LEU C 326 16.23 -2.74 27.52
N LEU C 327 16.99 -2.73 26.44
CA LEU C 327 16.53 -3.42 25.25
C LEU C 327 17.03 -4.83 25.25
N LYS C 328 16.18 -5.77 24.85
CA LYS C 328 16.60 -7.15 24.63
C LYS C 328 17.64 -7.18 23.52
N LYS C 329 17.71 -6.10 22.76
CA LYS C 329 18.62 -6.03 21.61
C LYS C 329 20.08 -6.09 22.09
N GLY C 330 20.41 -5.37 23.16
CA GLY C 330 21.75 -5.42 23.72
C GLY C 330 22.11 -4.19 24.54
N TYR C 331 23.40 -4.05 24.85
CA TYR C 331 23.86 -2.96 25.71
C TYR C 331 24.54 -1.86 24.91
N GLY C 332 24.73 -2.10 23.62
CA GLY C 332 25.43 -1.18 22.73
C GLY C 332 24.90 0.24 22.68
N LEU C 333 25.48 1.00 21.76
CA LEU C 333 25.33 2.43 21.73
C LEU C 333 24.38 2.95 20.67
N CYS C 334 24.09 2.14 19.65
CA CYS C 334 23.34 2.62 18.50
C CYS C 334 21.93 2.11 18.62
N HIS C 335 21.83 0.92 19.16
CA HIS C 335 20.56 0.37 19.59
C HIS C 335 20.87 -0.48 20.81
N GLY C 336 21.03 0.20 21.94
CA GLY C 336 21.35 -0.47 23.21
C GLY C 336 21.06 0.32 24.47
N SER C 337 21.22 -0.35 25.61
CA SER C 337 20.96 0.31 26.88
C SER C 337 21.95 1.44 27.12
N ALA C 338 23.23 1.19 26.85
CA ALA C 338 24.24 2.25 26.97
C ALA C 338 23.83 3.46 26.16
N GLY C 339 23.48 3.22 24.90
CA GLY C 339 23.09 4.27 23.97
C GLY C 339 21.97 5.06 24.57
N ASN C 340 20.93 4.35 24.97
CA ASN C 340 19.75 4.97 25.54
C ASN C 340 20.09 5.81 26.76
N ALA C 341 20.92 5.27 27.64
CA ALA C 341 21.31 5.97 28.87
C ALA C 341 21.88 7.37 28.64
N TYR C 342 22.45 7.61 27.47
CA TYR C 342 22.94 8.96 27.18
C TYR C 342 21.79 9.96 27.18
N ALA C 343 20.65 9.56 26.63
CA ALA C 343 19.41 10.35 26.77
C ALA C 343 19.28 11.07 28.12
N PHE C 344 19.31 10.29 29.20
CA PHE C 344 19.38 10.79 30.57
C PHE C 344 20.46 11.83 30.87
N LEU C 345 21.70 11.50 30.50
CA LEU C 345 22.81 12.42 30.67
C LEU C 345 22.48 13.72 29.96
N THR C 346 22.02 13.65 28.72
CA THR C 346 21.86 14.90 27.96
C THR C 346 20.87 15.81 28.69
N LEU C 347 19.76 15.22 29.13
CA LEU C 347 18.73 15.94 29.85
C LEU C 347 19.30 16.50 31.15
N TYR C 348 19.98 15.64 31.90
CA TYR C 348 20.70 16.05 33.11
C TYR C 348 21.62 17.26 32.89
N ASN C 349 22.47 17.20 31.88
CA ASN C 349 23.41 18.30 31.66
C ASN C 349 22.78 19.62 31.24
N LEU C 350 21.56 19.58 30.70
CA LEU C 350 20.84 20.81 30.41
C LEU C 350 20.12 21.32 31.66
N THR C 351 19.52 20.38 32.39
CA THR C 351 18.60 20.69 33.47
C THR C 351 19.26 20.83 34.86
N GLN C 352 20.23 19.94 35.16
CA GLN C 352 20.77 19.78 36.51
C GLN C 352 19.83 18.99 37.40
N ASP C 353 18.84 18.35 36.80
CA ASP C 353 17.89 17.57 37.56
C ASP C 353 18.52 16.23 37.94
N MET C 354 18.94 16.14 39.19
CA MET C 354 19.62 14.93 39.68
C MET C 354 18.88 13.63 39.35
N LYS C 355 17.57 13.72 39.16
CA LYS C 355 16.79 12.57 38.69
C LYS C 355 17.43 11.91 37.47
N TYR C 356 17.90 12.70 36.51
CA TYR C 356 18.41 12.12 35.27
C TYR C 356 19.78 11.47 35.40
N LEU C 357 20.63 12.02 36.27
CA LEU C 357 21.85 11.35 36.68
C LEU C 357 21.49 9.98 37.27
N TYR C 358 20.57 9.99 38.22
CA TYR C 358 20.10 8.76 38.82
C TYR C 358 19.76 7.71 37.77
N ARG C 359 19.04 8.10 36.74
CA ARG C 359 18.59 7.14 35.74
C ARG C 359 19.76 6.57 34.97
N ALA C 360 20.65 7.46 34.53
CA ALA C 360 21.89 7.06 33.87
C ALA C 360 22.63 6.04 34.73
N CYS C 361 22.72 6.32 36.04
CA CYS C 361 23.39 5.43 36.99
C CYS C 361 22.73 4.06 37.10
N LYS C 362 21.40 4.03 37.13
CA LYS C 362 20.66 2.76 37.20
C LYS C 362 20.79 1.95 35.92
N PHE C 363 20.92 2.65 34.79
CA PHE C 363 21.16 2.00 33.52
C PHE C 363 22.58 1.44 33.48
N ALA C 364 23.53 2.16 34.08
CA ALA C 364 24.90 1.63 34.14
C ALA C 364 24.92 0.41 35.01
N GLU C 365 24.10 0.45 36.07
CA GLU C 365 23.90 -0.67 36.99
C GLU C 365 23.45 -1.90 36.20
N TRP C 366 22.54 -1.70 35.26
CA TRP C 366 22.17 -2.77 34.33
C TRP C 366 23.40 -3.24 33.54
N CYS C 367 24.15 -2.30 32.98
CA CYS C 367 25.31 -2.68 32.20
C CYS C 367 26.36 -3.45 32.96
N LEU C 368 26.49 -3.21 34.26
CA LEU C 368 27.45 -3.96 35.07
C LEU C 368 27.17 -5.47 35.08
N GLU C 369 25.90 -5.83 34.93
CA GLU C 369 25.50 -7.23 34.77
C GLU C 369 25.60 -7.69 33.32
N TYR C 370 26.44 -7.03 32.54
CA TYR C 370 26.66 -7.34 31.13
C TYR C 370 26.64 -8.82 30.89
N GLY C 371 25.86 -9.26 29.90
CA GLY C 371 25.86 -10.66 29.49
C GLY C 371 25.07 -11.62 30.37
N GLU C 372 24.23 -11.08 31.26
CA GLU C 372 23.45 -11.95 32.15
C GLU C 372 21.94 -11.91 31.95
N HIS C 373 21.50 -11.55 30.74
CA HIS C 373 20.12 -11.23 30.50
C HIS C 373 19.60 -11.99 29.28
N GLY C 374 20.51 -12.71 28.63
CA GLY C 374 20.17 -13.45 27.42
C GLY C 374 20.02 -12.58 26.19
N CYS C 375 20.65 -11.41 26.17
CA CYS C 375 20.66 -10.64 24.95
C CYS C 375 21.40 -11.36 23.84
N ARG C 376 21.07 -11.06 22.59
CA ARG C 376 21.77 -11.62 21.44
C ARG C 376 23.18 -11.07 21.31
N THR C 377 24.06 -11.85 20.68
CA THR C 377 25.38 -11.36 20.31
C THR C 377 25.25 -10.42 19.13
N PRO C 378 25.80 -9.21 19.25
CA PRO C 378 25.91 -8.33 18.08
C PRO C 378 26.80 -8.87 16.94
N ASP C 379 26.62 -8.34 15.73
CA ASP C 379 27.39 -8.78 14.58
C ASP C 379 28.89 -8.48 14.75
N THR C 380 29.21 -7.26 15.14
CA THR C 380 30.54 -6.97 15.64
C THR C 380 30.40 -6.75 17.15
N PRO C 381 30.64 -7.81 17.96
CA PRO C 381 30.31 -7.82 19.38
C PRO C 381 31.28 -6.99 20.23
N PHE C 382 32.27 -6.39 19.59
CA PHE C 382 33.24 -5.64 20.36
C PHE C 382 33.39 -4.19 19.89
N SER C 383 32.80 -3.90 18.74
CA SER C 383 32.87 -2.59 18.08
C SER C 383 32.32 -1.42 18.88
N LEU C 384 32.59 -0.22 18.39
CA LEU C 384 32.12 0.96 19.09
C LEU C 384 30.59 1.06 19.20
N PHE C 385 29.87 0.79 18.10
CA PHE C 385 28.46 1.14 18.02
C PHE C 385 27.50 -0.03 18.17
N GLU C 386 27.95 -1.22 17.81
CA GLU C 386 27.17 -2.42 18.07
C GLU C 386 27.74 -3.13 19.27
N GLY C 387 29.07 -3.01 19.42
CA GLY C 387 29.84 -3.87 20.31
C GLY C 387 30.32 -3.30 21.64
N MET C 388 31.06 -4.13 22.36
CA MET C 388 31.42 -3.91 23.75
C MET C 388 32.02 -2.54 23.99
N ALA C 389 32.92 -2.14 23.08
CA ALA C 389 33.60 -0.83 23.15
C ALA C 389 32.66 0.29 23.57
N GLY C 390 31.51 0.37 22.89
CA GLY C 390 30.48 1.33 23.25
C GLY C 390 29.94 1.28 24.68
N THR C 391 29.77 0.09 25.23
CA THR C 391 29.39 0.04 26.64
C THR C 391 30.51 0.60 27.53
N ILE C 392 31.70 0.03 27.42
CA ILE C 392 32.91 0.58 28.03
C ILE C 392 32.99 2.10 27.86
N TYR C 393 32.83 2.58 26.63
CA TYR C 393 32.87 4.01 26.41
C TYR C 393 31.97 4.70 27.41
N PHE C 394 30.70 4.31 27.39
CA PHE C 394 29.68 4.90 28.25
C PHE C 394 30.06 4.80 29.71
N LEU C 395 30.43 3.58 30.13
CA LEU C 395 30.72 3.36 31.54
C LEU C 395 31.75 4.37 31.99
N ALA C 396 32.78 4.55 31.16
CA ALA C 396 33.87 5.45 31.49
C ALA C 396 33.40 6.89 31.46
N ASP C 397 32.43 7.18 30.61
CA ASP C 397 32.01 8.57 30.48
C ASP C 397 31.24 9.01 31.71
N LEU C 398 30.45 8.08 32.23
CA LEU C 398 29.58 8.30 33.39
C LEU C 398 30.38 8.84 34.57
N LEU C 399 31.63 8.41 34.67
CA LEU C 399 32.55 8.88 35.72
C LEU C 399 32.57 10.40 35.88
N VAL C 400 32.48 11.13 34.79
CA VAL C 400 32.51 12.59 34.89
C VAL C 400 31.30 13.10 34.12
N PRO C 401 30.10 12.89 34.71
CA PRO C 401 28.81 13.00 34.03
C PRO C 401 28.76 14.32 33.31
N THR C 402 29.30 15.32 33.97
CA THR C 402 29.24 16.66 33.46
C THR C 402 29.94 16.83 32.08
N LYS C 403 30.91 15.97 31.77
CA LYS C 403 31.64 16.08 30.51
C LYS C 403 31.26 14.98 29.51
N ALA C 404 30.32 14.12 29.93
CA ALA C 404 29.88 12.99 29.12
C ALA C 404 29.21 13.44 27.83
N ARG C 405 29.49 12.69 26.76
CA ARG C 405 28.99 13.09 25.46
C ARG C 405 28.77 11.80 24.66
N PHE C 406 27.62 11.69 23.99
CA PHE C 406 27.25 10.48 23.23
C PHE C 406 28.20 10.60 22.07
N PRO C 407 29.13 9.63 21.96
CA PRO C 407 30.35 9.81 21.16
C PRO C 407 30.09 9.72 19.66
N ALA C 408 30.72 10.62 18.91
CA ALA C 408 30.58 10.59 17.45
C ALA C 408 29.29 11.28 17.02
N PHE C 409 28.48 11.69 17.99
CA PHE C 409 27.23 12.42 17.69
C PHE C 409 27.15 13.77 18.41
N GLU C 410 27.36 13.74 19.72
CA GLU C 410 26.94 14.85 20.55
C GLU C 410 27.62 16.17 20.30
N LEU C 411 28.90 16.28 20.55
CA LEU C 411 29.45 17.62 20.53
C LEU C 411 28.39 18.54 21.07
N MET D 13 10.90 -18.84 5.64
CA MET D 13 10.24 -20.17 5.59
C MET D 13 11.15 -21.24 6.16
N ALA D 14 12.38 -21.26 5.66
CA ALA D 14 13.40 -22.19 6.13
C ALA D 14 13.61 -22.12 7.65
N GLN D 15 13.33 -20.94 8.23
CA GLN D 15 13.62 -20.68 9.64
C GLN D 15 12.40 -20.90 10.53
N ARG D 16 11.30 -21.37 9.95
CA ARG D 16 10.15 -21.79 10.73
C ARG D 16 10.15 -23.31 10.80
N ALA D 17 11.14 -23.92 10.17
CA ALA D 17 11.24 -25.37 10.13
C ALA D 17 12.52 -25.85 10.80
N PHE D 18 12.49 -27.05 11.34
CA PHE D 18 13.70 -27.74 11.76
C PHE D 18 14.18 -28.41 10.50
N PRO D 19 15.47 -28.26 10.14
CA PRO D 19 15.95 -28.97 8.97
C PRO D 19 15.68 -30.48 9.09
N ASN D 20 15.07 -31.07 8.06
CA ASN D 20 14.72 -32.49 8.08
C ASN D 20 15.96 -33.36 8.27
N PRO D 21 16.04 -34.10 9.40
CA PRO D 21 17.23 -34.90 9.67
C PRO D 21 17.25 -36.27 8.96
N TYR D 22 16.18 -36.64 8.28
CA TYR D 22 16.07 -38.00 7.74
C TYR D 22 16.46 -38.11 6.29
N ALA D 23 17.15 -39.20 5.95
CA ALA D 23 17.44 -39.52 4.57
C ALA D 23 16.12 -39.82 3.89
N ASP D 24 16.02 -39.54 2.59
CA ASP D 24 14.77 -39.78 1.89
C ASP D 24 14.59 -41.27 1.62
N TYR D 25 13.46 -41.65 1.04
CA TYR D 25 13.06 -43.03 0.94
C TYR D 25 13.90 -43.87 0.00
N ASN D 26 14.34 -45.03 0.51
CA ASN D 26 14.81 -46.15 -0.32
C ASN D 26 14.26 -47.48 0.21
N LYS D 27 13.97 -48.40 -0.71
CA LYS D 27 13.33 -49.70 -0.43
C LYS D 27 13.90 -50.38 0.83
N SER D 28 15.19 -50.18 1.05
CA SER D 28 15.87 -50.75 2.19
C SER D 28 15.51 -50.04 3.51
N LEU D 29 15.49 -48.71 3.51
CA LEU D 29 15.14 -47.96 4.72
C LEU D 29 13.67 -48.08 5.13
N ALA D 30 12.82 -48.46 4.19
CA ALA D 30 11.39 -48.64 4.46
C ALA D 30 11.15 -49.99 5.12
N GLU D 31 12.13 -50.88 4.97
CA GLU D 31 12.17 -52.17 5.64
C GLU D 31 11.61 -52.09 7.06
N GLY D 32 12.23 -51.22 7.86
CA GLY D 32 11.87 -51.02 9.26
C GLY D 32 10.40 -50.75 9.53
N TYR D 33 9.74 -50.02 8.62
CA TYR D 33 8.42 -49.48 8.88
C TYR D 33 7.25 -50.30 8.34
N PHE D 34 7.39 -50.85 7.15
CA PHE D 34 6.27 -51.55 6.54
C PHE D 34 6.73 -52.49 5.43
N ASP D 35 5.87 -53.43 5.05
CA ASP D 35 6.21 -54.36 3.99
C ASP D 35 5.78 -53.82 2.62
N ALA D 36 6.18 -54.51 1.56
CA ALA D 36 5.94 -54.03 0.19
C ALA D 36 4.50 -53.65 -0.07
N ALA D 37 3.58 -54.21 0.71
CA ALA D 37 2.14 -53.91 0.61
C ALA D 37 1.70 -52.68 1.43
N GLY D 38 2.65 -51.97 2.02
CA GLY D 38 2.33 -50.80 2.83
C GLY D 38 1.73 -51.12 4.19
N ARG D 39 1.78 -52.38 4.59
CA ARG D 39 1.35 -52.79 5.93
C ARG D 39 2.51 -52.61 6.90
N LEU D 40 2.23 -52.04 8.07
CA LEU D 40 3.28 -51.65 9.00
C LEU D 40 3.82 -52.82 9.80
N THR D 41 5.14 -52.80 10.02
CA THR D 41 5.80 -53.78 10.87
C THR D 41 5.25 -53.75 12.29
N PRO D 42 5.14 -54.92 12.93
CA PRO D 42 4.70 -55.02 14.32
C PRO D 42 5.64 -54.24 15.24
N GLU D 43 6.93 -54.31 14.95
CA GLU D 43 7.92 -53.56 15.73
C GLU D 43 7.53 -52.06 15.79
N PHE D 44 7.32 -51.45 14.63
CA PHE D 44 7.05 -50.01 14.55
C PHE D 44 5.65 -49.67 15.07
N SER D 45 4.67 -50.46 14.66
CA SER D 45 3.32 -50.40 15.22
C SER D 45 3.30 -50.41 16.75
N GLN D 46 4.18 -51.19 17.35
CA GLN D 46 4.26 -51.23 18.81
C GLN D 46 4.72 -49.89 19.35
N ARG D 47 5.69 -49.29 18.69
CA ARG D 47 6.20 -48.01 19.14
C ARG D 47 5.15 -46.93 19.05
N LEU D 48 4.35 -46.96 17.99
CA LEU D 48 3.28 -45.99 17.81
C LEU D 48 2.31 -46.14 18.96
N THR D 49 1.89 -47.38 19.21
CA THR D 49 0.90 -47.67 20.23
C THR D 49 1.40 -47.19 21.58
N ASN D 50 2.70 -47.41 21.84
CA ASN D 50 3.28 -47.02 23.09
C ASN D 50 3.09 -45.52 23.27
N LYS D 51 3.54 -44.78 22.26
CA LYS D 51 3.49 -43.32 22.29
C LYS D 51 2.07 -42.81 22.45
N ILE D 52 1.14 -43.43 21.73
CA ILE D 52 -0.25 -43.05 21.81
C ILE D 52 -0.70 -43.11 23.26
N ARG D 53 -0.43 -44.23 23.92
CA ARG D 53 -0.94 -44.47 25.26
C ARG D 53 -0.31 -43.56 26.32
N GLU D 54 0.95 -43.20 26.11
CA GLU D 54 1.68 -42.30 27.01
C GLU D 54 1.01 -40.94 26.93
N LEU D 55 0.73 -40.50 25.71
CA LEU D 55 0.24 -39.15 25.49
C LEU D 55 -1.19 -39.04 26.00
N LEU D 56 -2.01 -40.03 25.69
CA LEU D 56 -3.36 -40.09 26.25
C LEU D 56 -3.34 -39.71 27.73
N GLN D 57 -2.37 -40.23 28.48
CA GLN D 57 -2.27 -39.90 29.89
C GLN D 57 -2.07 -38.40 30.15
N GLN D 58 -1.00 -37.83 29.60
CA GLN D 58 -0.71 -36.40 29.71
C GLN D 58 -1.92 -35.57 29.31
N MET D 59 -2.48 -35.90 28.16
CA MET D 59 -3.70 -35.27 27.72
C MET D 59 -4.73 -35.27 28.83
N GLU D 60 -5.09 -36.44 29.33
CA GLU D 60 -6.14 -36.53 30.35
C GLU D 60 -5.85 -35.68 31.58
N ARG D 61 -4.59 -35.59 31.96
CA ARG D 61 -4.19 -34.75 33.10
C ARG D 61 -4.43 -33.26 32.82
N GLY D 62 -3.87 -32.76 31.72
CA GLY D 62 -4.06 -31.37 31.28
C GLY D 62 -5.50 -30.97 30.97
N LEU D 63 -6.28 -31.89 30.40
CA LEU D 63 -7.69 -31.64 30.13
C LEU D 63 -8.52 -31.37 31.38
N LYS D 64 -7.90 -31.50 32.55
CA LYS D 64 -8.57 -31.10 33.77
C LYS D 64 -8.45 -29.58 33.93
N SER D 65 -7.36 -29.01 33.44
CA SER D 65 -7.15 -27.55 33.42
C SER D 65 -7.81 -26.85 32.24
N ALA D 66 -8.09 -27.59 31.17
CA ALA D 66 -8.69 -27.00 29.98
C ALA D 66 -9.97 -26.22 30.29
N ASP D 67 -10.04 -25.00 29.76
CA ASP D 67 -11.24 -24.16 29.86
C ASP D 67 -12.53 -24.95 29.65
N PRO D 68 -13.41 -24.95 30.67
CA PRO D 68 -14.65 -25.73 30.57
C PRO D 68 -15.69 -25.08 29.66
N ARG D 69 -15.52 -23.79 29.37
CA ARG D 69 -16.49 -23.06 28.55
C ARG D 69 -16.53 -23.55 27.10
N ASP D 70 -15.37 -23.97 26.58
CA ASP D 70 -15.15 -24.24 25.16
C ASP D 70 -15.46 -25.67 24.75
N GLY D 71 -16.55 -25.87 24.02
CA GLY D 71 -16.95 -27.21 23.59
C GLY D 71 -16.78 -27.44 22.11
N THR D 72 -15.91 -26.64 21.49
CA THR D 72 -15.68 -26.67 20.04
C THR D 72 -14.73 -27.78 19.59
N GLY D 73 -15.09 -28.44 18.48
CA GLY D 73 -14.20 -29.39 17.80
C GLY D 73 -12.76 -28.86 17.79
N TYR D 74 -12.55 -27.76 17.08
CA TYR D 74 -11.23 -27.16 16.94
C TYR D 74 -10.39 -27.16 18.23
N THR D 75 -10.89 -26.58 19.31
CA THR D 75 -10.08 -26.45 20.55
C THR D 75 -10.73 -26.93 21.87
N GLY D 76 -11.86 -27.63 21.80
CA GLY D 76 -12.54 -28.05 23.02
C GLY D 76 -13.22 -29.41 23.03
N TRP D 77 -14.07 -29.60 24.04
CA TRP D 77 -14.68 -30.90 24.39
C TRP D 77 -15.19 -31.71 23.18
N ALA D 78 -15.91 -31.08 22.28
CA ALA D 78 -16.32 -31.79 21.08
C ALA D 78 -15.15 -32.47 20.36
N GLY D 79 -14.00 -31.80 20.29
CA GLY D 79 -12.88 -32.31 19.53
C GLY D 79 -12.34 -33.57 20.17
N ILE D 80 -12.10 -33.47 21.48
CA ILE D 80 -11.69 -34.63 22.26
C ILE D 80 -12.60 -35.83 22.01
N ALA D 81 -13.91 -35.64 22.10
CA ALA D 81 -14.83 -36.75 21.81
C ALA D 81 -14.60 -37.37 20.43
N VAL D 82 -14.11 -36.57 19.48
CA VAL D 82 -13.83 -37.06 18.12
C VAL D 82 -12.62 -37.99 18.16
N LEU D 83 -11.65 -37.63 18.99
CA LEU D 83 -10.46 -38.44 19.17
C LEU D 83 -10.88 -39.82 19.69
N TYR D 84 -11.47 -39.85 20.88
CA TYR D 84 -11.88 -41.12 21.44
C TYR D 84 -12.78 -41.93 20.53
N LEU D 85 -13.56 -41.27 19.69
CA LEU D 85 -14.47 -42.00 18.85
C LEU D 85 -13.68 -42.69 17.73
N HIS D 86 -12.60 -42.04 17.32
CA HIS D 86 -11.66 -42.59 16.36
C HIS D 86 -10.84 -43.69 17.05
N LEU D 87 -10.40 -43.38 18.26
CA LEU D 87 -9.68 -44.33 19.11
C LEU D 87 -10.49 -45.59 19.36
N TYR D 88 -11.74 -45.43 19.75
CA TYR D 88 -12.60 -46.58 20.01
C TYR D 88 -12.80 -47.33 18.71
N ASP D 89 -12.52 -46.66 17.61
CA ASP D 89 -12.74 -47.32 16.35
C ASP D 89 -11.61 -48.25 15.95
N VAL D 90 -10.37 -47.90 16.32
CA VAL D 90 -9.22 -48.71 15.93
C VAL D 90 -8.81 -49.74 16.98
N PHE D 91 -9.01 -49.42 18.25
CA PHE D 91 -8.66 -50.33 19.35
C PHE D 91 -9.85 -51.10 19.89
N GLY D 92 -11.04 -50.68 19.52
CA GLY D 92 -12.28 -51.32 19.99
C GLY D 92 -12.41 -51.43 21.50
N ASP D 93 -11.80 -50.50 22.23
CA ASP D 93 -11.81 -50.52 23.69
C ASP D 93 -13.00 -49.76 24.30
N PRO D 94 -13.93 -50.49 24.95
CA PRO D 94 -15.09 -49.89 25.64
C PRO D 94 -14.81 -48.61 26.42
N ALA D 95 -13.72 -48.59 27.19
CA ALA D 95 -13.31 -47.39 27.93
C ALA D 95 -13.25 -46.12 27.06
N TYR D 96 -12.79 -46.27 25.81
CA TYR D 96 -12.72 -45.15 24.87
C TYR D 96 -14.10 -44.65 24.49
N LEU D 97 -15.00 -45.58 24.21
CA LEU D 97 -16.40 -45.23 24.00
C LEU D 97 -17.01 -44.52 25.20
N GLN D 98 -16.57 -44.86 26.41
CA GLN D 98 -17.03 -44.19 27.63
C GLN D 98 -16.52 -42.75 27.73
N LEU D 99 -15.20 -42.58 27.61
CA LEU D 99 -14.55 -41.27 27.58
C LEU D 99 -15.17 -40.33 26.53
N ALA D 100 -15.48 -40.87 25.35
CA ALA D 100 -16.16 -40.09 24.33
C ALA D 100 -17.45 -39.51 24.91
N HIS D 101 -18.42 -40.39 25.22
CA HIS D 101 -19.70 -40.04 25.85
C HIS D 101 -19.65 -38.87 26.87
N GLY D 102 -18.69 -38.92 27.78
CA GLY D 102 -18.58 -37.90 28.84
C GLY D 102 -18.07 -36.57 28.31
N TYR D 103 -17.42 -36.62 27.16
CA TYR D 103 -16.88 -35.40 26.55
C TYR D 103 -17.92 -34.77 25.65
N VAL D 104 -18.79 -35.62 25.10
CA VAL D 104 -19.91 -35.12 24.29
C VAL D 104 -20.88 -34.43 25.22
N LYS D 105 -21.30 -35.15 26.27
CA LYS D 105 -22.14 -34.60 27.33
C LYS D 105 -21.63 -33.21 27.75
N GLN D 106 -20.34 -33.13 28.06
CA GLN D 106 -19.71 -31.88 28.44
C GLN D 106 -19.95 -30.79 27.40
N SER D 107 -19.53 -31.05 26.17
CA SER D 107 -19.65 -30.09 25.07
C SER D 107 -21.10 -29.74 24.76
N LEU D 108 -22.04 -30.62 25.11
CA LEU D 108 -23.45 -30.34 24.84
C LEU D 108 -24.06 -29.18 25.64
N ASN D 109 -23.43 -28.80 26.75
CA ASN D 109 -23.80 -27.59 27.47
C ASN D 109 -22.81 -26.49 27.16
N CYS D 110 -22.35 -26.47 25.92
CA CYS D 110 -21.43 -25.43 25.42
C CYS D 110 -21.99 -24.75 24.17
N LEU D 111 -23.25 -25.04 23.85
CA LEU D 111 -23.91 -24.44 22.70
C LEU D 111 -24.08 -22.93 22.90
N THR D 112 -23.54 -22.15 21.96
CA THR D 112 -23.67 -20.69 22.00
C THR D 112 -24.58 -20.18 20.89
N LYS D 113 -25.06 -21.09 20.06
CA LYS D 113 -25.93 -20.74 18.92
C LYS D 113 -25.33 -19.80 17.86
N ARG D 114 -24.07 -19.38 18.06
CA ARG D 114 -23.40 -18.47 17.14
C ARG D 114 -22.99 -18.88 15.71
N SER D 115 -22.13 -19.91 15.66
CA SER D 115 -21.45 -20.32 14.43
C SER D 115 -22.06 -21.67 14.05
N ILE D 116 -21.99 -22.03 12.77
CA ILE D 116 -22.66 -23.25 12.29
C ILE D 116 -21.75 -24.41 11.83
N THR D 117 -20.45 -24.35 12.14
CA THR D 117 -19.52 -25.37 11.61
C THR D 117 -19.20 -26.48 12.61
N PHE D 118 -18.83 -27.62 12.05
CA PHE D 118 -18.36 -28.77 12.82
C PHE D 118 -17.23 -28.37 13.76
N LEU D 119 -16.22 -27.70 13.23
CA LEU D 119 -15.06 -27.33 14.03
C LEU D 119 -15.31 -26.23 15.06
N CYS D 120 -15.97 -25.15 14.66
CA CYS D 120 -16.11 -23.98 15.53
C CYS D 120 -17.49 -23.67 16.06
N GLY D 121 -18.52 -24.28 15.47
CA GLY D 121 -19.88 -23.97 15.88
C GLY D 121 -20.55 -25.12 16.57
N ASP D 122 -21.84 -24.96 16.84
CA ASP D 122 -22.61 -25.97 17.55
C ASP D 122 -22.74 -27.28 16.76
N ALA D 123 -22.42 -27.24 15.47
CA ALA D 123 -22.61 -28.42 14.62
C ALA D 123 -21.66 -29.56 15.01
N GLY D 124 -20.53 -29.19 15.62
CA GLY D 124 -19.61 -30.17 16.14
C GLY D 124 -20.27 -30.97 17.24
N PRO D 125 -20.49 -30.35 18.41
CA PRO D 125 -21.17 -31.01 19.51
C PRO D 125 -22.39 -31.80 19.03
N LEU D 126 -23.17 -31.22 18.12
CA LEU D 126 -24.41 -31.87 17.72
C LEU D 126 -24.19 -33.15 16.92
N ALA D 127 -23.37 -33.07 15.88
CA ALA D 127 -23.17 -34.22 15.00
C ALA D 127 -22.35 -35.29 15.70
N VAL D 128 -21.37 -34.85 16.47
CA VAL D 128 -20.54 -35.79 17.20
C VAL D 128 -21.44 -36.58 18.15
N ALA D 129 -22.27 -35.86 18.91
CA ALA D 129 -23.27 -36.48 19.78
C ALA D 129 -24.11 -37.48 19.02
N ALA D 130 -24.58 -37.08 17.84
CA ALA D 130 -25.52 -37.90 17.09
C ALA D 130 -24.98 -39.31 16.80
N VAL D 131 -23.67 -39.43 16.55
CA VAL D 131 -23.12 -40.75 16.24
C VAL D 131 -22.76 -41.49 17.53
N LEU D 132 -22.22 -40.80 18.52
CA LEU D 132 -21.93 -41.45 19.78
C LEU D 132 -23.20 -42.11 20.31
N TYR D 133 -24.33 -41.40 20.20
CA TYR D 133 -25.61 -41.93 20.67
C TYR D 133 -26.06 -43.16 19.90
N HIS D 134 -25.94 -43.11 18.58
CA HIS D 134 -26.29 -44.23 17.73
C HIS D 134 -25.47 -45.47 18.11
N LYS D 135 -24.18 -45.26 18.38
CA LYS D 135 -23.28 -46.35 18.78
C LYS D 135 -23.62 -46.95 20.14
N MET D 136 -24.25 -46.16 21.01
CA MET D 136 -24.65 -46.65 22.32
C MET D 136 -26.12 -47.04 22.31
N ASN D 137 -26.63 -47.34 21.12
CA ASN D 137 -28.05 -47.69 20.88
C ASN D 137 -29.10 -46.80 21.53
N ASN D 138 -29.11 -45.53 21.16
CA ASN D 138 -29.98 -44.55 21.78
C ASN D 138 -30.64 -43.70 20.70
N GLU D 139 -31.49 -44.34 19.89
CA GLU D 139 -32.10 -43.70 18.72
C GLU D 139 -32.89 -42.47 19.09
N LYS D 140 -33.75 -42.60 20.11
CA LYS D 140 -34.60 -41.50 20.60
C LYS D 140 -33.77 -40.23 20.87
N GLN D 141 -32.66 -40.39 21.58
CA GLN D 141 -31.77 -39.29 21.92
C GLN D 141 -30.92 -38.80 20.75
N ALA D 142 -30.55 -39.70 19.84
CA ALA D 142 -29.75 -39.33 18.67
C ALA D 142 -30.59 -38.62 17.62
N GLU D 143 -31.83 -39.05 17.47
CA GLU D 143 -32.76 -38.47 16.50
C GLU D 143 -33.08 -37.02 16.89
N ASP D 144 -33.09 -36.76 18.20
CA ASP D 144 -33.21 -35.41 18.74
C ASP D 144 -32.09 -34.53 18.23
N CYS D 145 -30.92 -35.14 18.00
CA CYS D 145 -29.75 -34.43 17.54
C CYS D 145 -29.79 -34.18 16.05
N ILE D 146 -30.13 -35.22 15.29
CA ILE D 146 -30.16 -35.07 13.86
C ILE D 146 -31.10 -33.92 13.48
N THR D 147 -32.35 -33.95 13.94
CA THR D 147 -33.29 -32.87 13.64
C THR D 147 -32.88 -31.50 14.22
N ARG D 148 -32.21 -31.49 15.37
CA ARG D 148 -31.70 -30.26 15.96
C ARG D 148 -30.67 -29.61 15.05
N LEU D 149 -29.81 -30.45 14.45
CA LEU D 149 -28.69 -30.02 13.62
C LEU D 149 -29.15 -29.53 12.25
N ILE D 150 -30.18 -30.19 11.71
CA ILE D 150 -30.73 -29.81 10.42
C ILE D 150 -31.21 -28.35 10.47
N HIS D 151 -31.87 -27.97 11.56
CA HIS D 151 -32.38 -26.61 11.70
C HIS D 151 -31.26 -25.59 11.91
N LEU D 152 -30.10 -26.07 12.32
CA LEU D 152 -29.01 -25.18 12.72
C LEU D 152 -28.61 -24.10 11.71
N ASN D 153 -28.64 -24.39 10.42
CA ASN D 153 -28.13 -23.45 9.41
C ASN D 153 -28.92 -22.15 9.31
N LYS D 154 -30.21 -22.24 9.62
CA LYS D 154 -31.10 -21.09 9.61
C LYS D 154 -30.88 -20.23 10.85
N ILE D 155 -29.62 -19.97 11.20
CA ILE D 155 -29.30 -19.06 12.31
C ILE D 155 -28.22 -18.09 11.87
N ASP D 156 -27.89 -18.14 10.59
CA ASP D 156 -26.93 -17.24 9.97
C ASP D 156 -27.16 -17.21 8.46
N PRO D 157 -27.87 -16.19 7.96
CA PRO D 157 -28.16 -16.14 6.53
C PRO D 157 -26.97 -15.61 5.70
N HIS D 158 -26.29 -14.58 6.17
CA HIS D 158 -25.04 -14.11 5.55
C HIS D 158 -23.85 -14.82 6.20
N ALA D 159 -23.89 -16.15 6.20
CA ALA D 159 -22.80 -16.96 6.72
C ALA D 159 -21.76 -17.06 5.62
N PRO D 160 -20.45 -17.16 5.99
CA PRO D 160 -19.40 -17.25 4.96
C PRO D 160 -19.34 -18.63 4.33
N ASN D 161 -18.26 -18.92 3.62
CA ASN D 161 -18.25 -20.14 2.81
C ASN D 161 -17.15 -21.14 3.16
N GLU D 162 -16.24 -20.76 4.05
CA GLU D 162 -15.05 -21.56 4.27
C GLU D 162 -15.22 -22.63 5.35
N MET D 163 -14.14 -23.35 5.62
CA MET D 163 -14.20 -24.50 6.50
C MET D 163 -14.50 -24.16 7.96
N LEU D 164 -13.79 -23.19 8.52
CA LEU D 164 -13.88 -22.95 9.98
C LEU D 164 -15.15 -22.30 10.52
N TYR D 165 -15.73 -21.35 9.79
CA TYR D 165 -16.95 -20.66 10.21
C TYR D 165 -18.04 -20.62 9.15
N GLY D 166 -17.85 -21.36 8.06
CA GLY D 166 -18.71 -21.17 6.92
C GLY D 166 -19.43 -22.41 6.41
N ARG D 167 -19.94 -22.32 5.20
CA ARG D 167 -20.88 -23.32 4.73
C ARG D 167 -20.31 -24.74 4.65
N ILE D 168 -19.09 -24.89 4.11
CA ILE D 168 -18.51 -26.22 3.96
C ILE D 168 -18.20 -26.88 5.29
N GLY D 169 -17.83 -26.09 6.29
CA GLY D 169 -17.63 -26.64 7.63
C GLY D 169 -18.91 -27.12 8.27
N TYR D 170 -20.04 -26.66 7.76
CA TYR D 170 -21.32 -27.11 8.23
C TYR D 170 -21.69 -28.35 7.44
N ILE D 171 -21.41 -28.31 6.15
CA ILE D 171 -21.65 -29.48 5.32
C ILE D 171 -20.97 -30.69 5.92
N TYR D 172 -19.78 -30.48 6.46
CA TYR D 172 -19.00 -31.60 6.97
C TYR D 172 -19.78 -32.30 8.07
N ALA D 173 -20.27 -31.54 9.03
CA ALA D 173 -21.11 -32.08 10.10
C ALA D 173 -22.20 -32.99 9.54
N LEU D 174 -22.79 -32.58 8.42
CA LEU D 174 -23.84 -33.37 7.82
C LEU D 174 -23.28 -34.69 7.29
N LEU D 175 -22.24 -34.60 6.47
CA LEU D 175 -21.64 -35.78 5.83
C LEU D 175 -21.08 -36.74 6.87
N PHE D 176 -20.55 -36.17 7.95
CA PHE D 176 -20.02 -36.91 9.08
C PHE D 176 -21.08 -37.85 9.62
N VAL D 177 -22.30 -37.34 9.75
CA VAL D 177 -23.41 -38.19 10.13
C VAL D 177 -23.59 -39.26 9.07
N ASN D 178 -24.03 -38.89 7.87
CA ASN D 178 -24.21 -39.86 6.78
C ASN D 178 -23.17 -41.00 6.70
N LYS D 179 -21.89 -40.66 6.88
CA LYS D 179 -20.81 -41.64 6.84
C LYS D 179 -20.94 -42.64 7.99
N ASN D 180 -21.07 -42.16 9.22
CA ASN D 180 -21.20 -43.04 10.39
C ASN D 180 -22.57 -43.68 10.63
N PHE D 181 -23.50 -43.57 9.68
CA PHE D 181 -24.81 -44.18 9.87
C PHE D 181 -25.14 -45.19 8.78
N GLY D 182 -24.35 -45.18 7.70
CA GLY D 182 -24.63 -46.02 6.53
C GLY D 182 -25.80 -45.45 5.75
N VAL D 183 -26.96 -45.36 6.42
CA VAL D 183 -28.19 -44.82 5.83
C VAL D 183 -28.07 -43.32 5.59
N GLU D 184 -28.84 -42.83 4.62
CA GLU D 184 -28.86 -41.40 4.27
C GLU D 184 -29.64 -40.60 5.32
N LYS D 185 -29.07 -40.46 6.50
CA LYS D 185 -29.79 -39.87 7.62
C LYS D 185 -29.99 -38.36 7.58
N ILE D 186 -29.33 -37.69 6.65
CA ILE D 186 -29.61 -36.28 6.37
C ILE D 186 -30.03 -36.15 4.91
N PRO D 187 -31.25 -35.62 4.65
CA PRO D 187 -31.77 -35.61 3.30
C PRO D 187 -30.78 -35.03 2.30
N GLN D 188 -30.58 -35.77 1.20
CA GLN D 188 -29.78 -35.33 0.06
C GLN D 188 -30.15 -33.90 -0.30
N SER D 189 -31.42 -33.70 -0.65
CA SER D 189 -31.99 -32.37 -0.92
C SER D 189 -31.35 -31.23 -0.14
N HIS D 190 -31.22 -31.40 1.18
CA HIS D 190 -30.76 -30.33 2.05
C HIS D 190 -29.29 -30.02 1.85
N ILE D 191 -28.52 -30.99 1.37
CA ILE D 191 -27.11 -30.78 1.09
C ILE D 191 -26.95 -30.06 -0.25
N GLN D 192 -27.46 -30.66 -1.32
CA GLN D 192 -27.34 -30.05 -2.65
C GLN D 192 -27.88 -28.62 -2.68
N GLN D 193 -28.73 -28.27 -1.73
CA GLN D 193 -29.30 -26.92 -1.75
C GLN D 193 -28.44 -25.91 -0.99
N ILE D 194 -27.71 -26.36 0.02
CA ILE D 194 -26.78 -25.47 0.71
C ILE D 194 -25.50 -25.40 -0.13
N CYS D 195 -25.22 -26.49 -0.84
CA CYS D 195 -24.19 -26.44 -1.85
C CYS D 195 -24.55 -25.43 -2.93
N GLU D 196 -25.72 -25.61 -3.51
CA GLU D 196 -26.28 -24.68 -4.51
C GLU D 196 -26.00 -23.21 -4.17
N THR D 197 -26.21 -22.82 -2.92
CA THR D 197 -26.11 -21.42 -2.58
C THR D 197 -24.67 -20.99 -2.39
N ILE D 198 -23.75 -21.94 -2.31
CA ILE D 198 -22.31 -21.63 -2.27
C ILE D 198 -21.87 -21.22 -3.67
N LEU D 199 -22.20 -22.05 -4.64
CA LEU D 199 -21.87 -21.79 -6.04
C LEU D 199 -22.30 -20.39 -6.44
N THR D 200 -23.55 -20.05 -6.15
CA THR D 200 -24.04 -18.72 -6.55
C THR D 200 -23.37 -17.55 -5.80
N SER D 201 -23.06 -17.74 -4.53
CA SER D 201 -22.29 -16.75 -3.78
C SER D 201 -20.92 -16.57 -4.41
N GLY D 202 -20.44 -17.66 -5.00
CA GLY D 202 -19.13 -17.67 -5.63
C GLY D 202 -19.19 -16.80 -6.86
N GLU D 203 -20.06 -17.18 -7.79
CA GLU D 203 -20.16 -16.44 -9.06
C GLU D 203 -20.69 -15.01 -8.90
N ASN D 204 -21.27 -14.70 -7.75
CA ASN D 204 -21.74 -13.34 -7.47
C ASN D 204 -20.61 -12.41 -7.08
N LEU D 205 -19.86 -12.83 -6.07
CA LEU D 205 -18.69 -12.09 -5.64
C LEU D 205 -17.66 -12.00 -6.77
N ALA D 206 -17.62 -13.01 -7.63
CA ALA D 206 -16.72 -12.98 -8.79
C ALA D 206 -17.16 -11.92 -9.80
N ARG D 207 -18.47 -11.70 -9.88
CA ARG D 207 -19.04 -10.67 -10.74
C ARG D 207 -18.93 -9.28 -10.11
N LYS D 208 -19.26 -9.13 -8.83
CA LYS D 208 -19.20 -7.81 -8.19
C LYS D 208 -17.77 -7.30 -8.15
N ARG D 209 -16.86 -8.23 -7.93
CA ARG D 209 -15.45 -7.96 -8.13
C ARG D 209 -15.27 -8.28 -9.62
N ASN D 210 -14.10 -8.08 -10.18
CA ASN D 210 -14.05 -8.38 -11.59
C ASN D 210 -13.11 -9.55 -11.90
N PHE D 211 -13.50 -10.74 -11.43
CA PHE D 211 -12.63 -11.90 -11.38
C PHE D 211 -12.93 -12.87 -12.50
N THR D 212 -14.15 -12.77 -13.00
CA THR D 212 -14.63 -13.59 -14.10
C THR D 212 -13.56 -13.97 -15.17
N ALA D 213 -12.76 -13.01 -15.65
CA ALA D 213 -11.72 -13.34 -16.64
C ALA D 213 -10.73 -14.45 -16.26
N LYS D 214 -10.34 -14.51 -14.98
CA LYS D 214 -9.43 -15.55 -14.51
C LYS D 214 -10.07 -16.59 -13.59
N SER D 215 -11.26 -16.31 -13.08
CA SER D 215 -11.89 -17.20 -12.10
C SER D 215 -13.39 -17.02 -12.08
N PRO D 216 -14.14 -17.98 -12.64
CA PRO D 216 -15.61 -17.93 -12.54
C PRO D 216 -16.17 -17.71 -11.12
N LEU D 217 -15.53 -18.29 -10.11
CA LEU D 217 -15.98 -18.17 -8.72
C LEU D 217 -14.95 -17.43 -7.89
N MET D 218 -15.40 -16.87 -6.78
CA MET D 218 -14.50 -16.23 -5.82
C MET D 218 -15.19 -16.14 -4.46
N TYR D 219 -14.41 -16.11 -3.39
CA TYR D 219 -14.96 -16.19 -2.04
C TYR D 219 -14.03 -15.41 -1.15
N GLU D 220 -14.51 -14.99 0.01
CA GLU D 220 -13.64 -14.28 0.92
C GLU D 220 -14.13 -14.42 2.34
N TRP D 221 -13.23 -14.14 3.29
CA TRP D 221 -13.51 -14.26 4.71
C TRP D 221 -12.62 -13.29 5.49
N TYR D 222 -13.13 -12.77 6.60
CA TYR D 222 -12.42 -11.77 7.42
C TYR D 222 -11.54 -10.84 6.57
N GLN D 223 -12.14 -10.18 5.57
CA GLN D 223 -11.55 -9.07 4.82
C GLN D 223 -10.39 -9.43 3.90
N GLU D 224 -10.33 -10.70 3.53
CA GLU D 224 -9.28 -11.26 2.67
C GLU D 224 -9.82 -12.36 1.78
N TYR D 225 -9.19 -12.53 0.61
CA TYR D 225 -9.44 -13.71 -0.22
C TYR D 225 -8.43 -14.78 0.16
N TYR D 226 -8.78 -15.64 1.11
CA TYR D 226 -7.88 -16.69 1.58
C TYR D 226 -7.75 -17.86 0.61
N VAL D 227 -6.50 -18.20 0.28
CA VAL D 227 -6.26 -19.32 -0.62
C VAL D 227 -6.35 -20.67 0.10
N GLY D 228 -5.94 -20.69 1.38
CA GLY D 228 -5.84 -21.92 2.20
C GLY D 228 -7.05 -22.85 2.28
N ALA D 229 -6.86 -23.96 3.00
CA ALA D 229 -7.91 -24.95 3.23
C ALA D 229 -8.79 -24.55 4.40
N ALA D 230 -8.16 -23.97 5.41
CA ALA D 230 -8.87 -23.56 6.62
C ALA D 230 -9.87 -22.43 6.35
N HIS D 231 -9.41 -21.40 5.66
CA HIS D 231 -10.22 -20.19 5.54
C HIS D 231 -10.55 -19.84 4.10
N GLY D 232 -10.16 -20.68 3.15
CA GLY D 232 -10.26 -20.22 1.78
C GLY D 232 -10.69 -21.14 0.66
N LEU D 233 -10.29 -20.71 -0.53
CA LEU D 233 -10.66 -21.30 -1.81
C LEU D 233 -10.41 -22.81 -1.90
N ALA D 234 -9.25 -23.23 -1.41
CA ALA D 234 -8.80 -24.61 -1.56
C ALA D 234 -9.79 -25.54 -0.90
N GLY D 235 -10.13 -25.21 0.35
CA GLY D 235 -11.13 -25.97 1.10
C GLY D 235 -12.41 -25.98 0.29
N ILE D 236 -12.87 -24.79 -0.05
CA ILE D 236 -14.14 -24.63 -0.75
C ILE D 236 -14.18 -25.50 -1.99
N TYR D 237 -13.15 -25.39 -2.83
CA TYR D 237 -13.17 -26.13 -4.09
C TYR D 237 -13.08 -27.63 -3.84
N TYR D 238 -12.22 -28.03 -2.89
CA TYR D 238 -12.08 -29.42 -2.50
C TYR D 238 -13.47 -30.01 -2.27
N TYR D 239 -14.30 -29.32 -1.50
CA TYR D 239 -15.67 -29.77 -1.31
C TYR D 239 -16.53 -29.76 -2.57
N LEU D 240 -16.52 -28.67 -3.29
CA LEU D 240 -17.35 -28.57 -4.50
C LEU D 240 -17.06 -29.69 -5.50
N MET D 241 -15.80 -30.14 -5.56
CA MET D 241 -15.44 -31.22 -6.46
C MET D 241 -15.81 -32.60 -5.92
N GLN D 242 -16.37 -32.64 -4.71
CA GLN D 242 -16.69 -33.91 -4.09
C GLN D 242 -17.97 -34.49 -4.68
N PRO D 243 -17.91 -35.74 -5.19
CA PRO D 243 -19.05 -36.43 -5.81
C PRO D 243 -20.26 -36.40 -4.88
N SER D 244 -19.97 -36.55 -3.58
CA SER D 244 -20.94 -36.41 -2.49
C SER D 244 -21.75 -35.11 -2.54
N LEU D 245 -21.24 -34.10 -3.25
CA LEU D 245 -21.97 -32.85 -3.39
C LEU D 245 -22.46 -32.77 -4.81
N GLN D 246 -23.36 -33.68 -5.21
CA GLN D 246 -23.54 -33.93 -6.61
C GLN D 246 -23.53 -32.54 -7.18
N VAL D 247 -22.54 -32.24 -7.99
CA VAL D 247 -22.52 -30.97 -8.68
C VAL D 247 -22.30 -31.19 -10.17
N SER D 248 -23.31 -30.85 -10.97
CA SER D 248 -23.36 -31.30 -12.35
C SER D 248 -22.05 -31.19 -13.11
N GLN D 249 -21.79 -32.20 -13.94
CA GLN D 249 -20.63 -32.17 -14.84
C GLN D 249 -20.53 -30.80 -15.53
N GLY D 250 -21.69 -30.22 -15.84
CA GLY D 250 -21.75 -28.90 -16.47
C GLY D 250 -21.05 -27.85 -15.63
N LYS D 251 -21.65 -27.53 -14.49
CA LYS D 251 -21.12 -26.54 -13.55
C LYS D 251 -19.66 -26.84 -13.19
N LEU D 252 -19.36 -28.12 -13.07
CA LEU D 252 -18.03 -28.59 -12.71
C LEU D 252 -16.94 -28.06 -13.65
N HIS D 253 -17.21 -28.08 -14.95
CA HIS D 253 -16.20 -27.70 -15.93
C HIS D 253 -16.19 -26.20 -16.25
N SER D 254 -17.30 -25.53 -15.99
CA SER D 254 -17.42 -24.14 -16.40
C SER D 254 -17.18 -23.20 -15.23
N LEU D 255 -17.40 -23.70 -14.02
CA LEU D 255 -17.29 -22.85 -12.85
C LEU D 255 -16.13 -23.26 -11.96
N VAL D 256 -16.17 -24.47 -11.45
CA VAL D 256 -15.19 -24.88 -10.45
C VAL D 256 -13.81 -25.15 -11.07
N LYS D 257 -13.73 -25.87 -12.19
CA LYS D 257 -12.42 -26.16 -12.78
C LYS D 257 -11.55 -24.92 -13.06
N PRO D 258 -12.09 -23.93 -13.80
CA PRO D 258 -11.21 -22.77 -14.05
C PRO D 258 -10.84 -22.06 -12.76
N SER D 259 -11.75 -22.04 -11.78
CA SER D 259 -11.49 -21.44 -10.48
C SER D 259 -10.36 -22.16 -9.76
N VAL D 260 -10.34 -23.49 -9.84
CA VAL D 260 -9.26 -24.26 -9.27
C VAL D 260 -7.94 -23.89 -9.91
N ASP D 261 -7.98 -23.66 -11.22
CA ASP D 261 -6.77 -23.36 -11.98
C ASP D 261 -6.19 -22.02 -11.59
N TYR D 262 -7.06 -21.12 -11.18
CA TYR D 262 -6.60 -19.82 -10.74
C TYR D 262 -5.73 -20.01 -9.52
N VAL D 263 -6.23 -20.81 -8.58
CA VAL D 263 -5.51 -21.17 -7.36
C VAL D 263 -4.17 -21.81 -7.69
N CYS D 264 -4.14 -22.75 -8.62
CA CYS D 264 -2.89 -23.41 -8.99
C CYS D 264 -1.88 -22.39 -9.49
N GLN D 265 -2.39 -21.34 -10.11
CA GLN D 265 -1.54 -20.35 -10.74
C GLN D 265 -0.97 -19.37 -9.69
N LEU D 266 -1.50 -19.46 -8.47
CA LEU D 266 -1.00 -18.64 -7.33
C LEU D 266 0.20 -19.29 -6.61
N LYS D 267 0.55 -20.49 -7.04
CA LYS D 267 1.77 -21.19 -6.64
C LYS D 267 2.96 -20.26 -6.48
N PHE D 268 3.77 -20.46 -5.45
CA PHE D 268 5.05 -19.77 -5.32
C PHE D 268 6.11 -20.48 -6.15
N PRO D 269 7.23 -19.79 -6.46
CA PRO D 269 8.35 -20.50 -7.09
C PRO D 269 8.82 -21.74 -6.32
N SER D 270 8.82 -21.67 -4.98
CA SER D 270 9.18 -22.83 -4.14
C SER D 270 8.24 -24.02 -4.32
N GLY D 271 6.98 -23.74 -4.64
CA GLY D 271 5.94 -24.77 -4.64
C GLY D 271 4.85 -24.60 -3.58
N ASN D 272 5.09 -23.70 -2.62
CA ASN D 272 4.09 -23.35 -1.59
C ASN D 272 2.96 -22.42 -2.10
N TYR D 273 1.97 -22.12 -1.24
CA TYR D 273 0.84 -21.28 -1.63
C TYR D 273 0.70 -20.14 -0.63
N PRO D 274 0.35 -18.94 -1.11
CA PRO D 274 0.20 -17.87 -0.14
C PRO D 274 -1.11 -18.00 0.65
N PRO D 275 -1.16 -17.42 1.85
CA PRO D 275 -2.37 -17.54 2.66
C PRO D 275 -3.58 -16.87 1.98
N CYS D 276 -3.36 -15.72 1.33
CA CYS D 276 -4.35 -15.07 0.46
C CYS D 276 -3.79 -14.33 -0.76
N ILE D 277 -4.69 -13.98 -1.67
CA ILE D 277 -4.34 -13.31 -2.92
C ILE D 277 -3.50 -12.09 -2.64
N GLY D 278 -2.46 -11.89 -3.45
CA GLY D 278 -1.71 -10.65 -3.42
C GLY D 278 -0.54 -10.64 -2.46
N ASP D 279 -0.74 -11.08 -1.22
CA ASP D 279 0.40 -11.15 -0.30
C ASP D 279 1.46 -12.16 -0.79
N ASN D 280 2.74 -11.86 -0.59
CA ASN D 280 3.73 -12.72 -1.23
C ASN D 280 5.10 -12.89 -0.52
N ARG D 281 5.04 -13.08 0.80
CA ARG D 281 6.18 -13.60 1.52
C ARG D 281 5.94 -15.09 1.75
N ASP D 282 6.89 -15.93 1.34
CA ASP D 282 6.75 -17.38 1.43
C ASP D 282 7.08 -17.85 2.85
N LEU D 283 6.05 -18.00 3.69
CA LEU D 283 6.29 -18.28 5.11
C LEU D 283 5.63 -19.54 5.63
N LEU D 284 4.31 -19.64 5.48
CA LEU D 284 3.52 -20.64 6.18
C LEU D 284 3.34 -21.98 5.46
N VAL D 285 3.85 -23.05 6.06
CA VAL D 285 3.58 -24.39 5.57
C VAL D 285 2.65 -25.10 6.56
N HIS D 286 1.34 -24.83 6.46
CA HIS D 286 0.37 -25.38 7.41
C HIS D 286 -0.83 -26.01 6.72
N TRP D 287 -1.65 -26.70 7.48
CA TRP D 287 -2.90 -27.09 6.91
C TRP D 287 -3.65 -25.81 6.60
N CYS D 288 -3.75 -24.93 7.59
CA CYS D 288 -4.57 -23.72 7.40
C CYS D 288 -4.17 -22.88 6.17
N HIS D 289 -2.87 -22.60 6.03
CA HIS D 289 -2.35 -21.81 4.92
C HIS D 289 -1.08 -22.44 4.39
N GLY D 290 -1.08 -22.77 3.11
CA GLY D 290 0.10 -23.37 2.48
C GLY D 290 -0.18 -24.71 1.80
N ALA D 291 0.88 -25.34 1.33
CA ALA D 291 0.75 -26.59 0.58
C ALA D 291 0.01 -27.70 1.35
N PRO D 292 0.24 -27.82 2.67
CA PRO D 292 -0.39 -28.92 3.42
C PRO D 292 -1.93 -28.93 3.41
N GLY D 293 -2.58 -27.79 3.18
CA GLY D 293 -4.03 -27.77 2.96
C GLY D 293 -4.43 -27.70 1.49
N VAL D 294 -3.62 -27.04 0.67
CA VAL D 294 -3.92 -26.88 -0.74
C VAL D 294 -3.85 -28.25 -1.44
N ILE D 295 -2.98 -29.12 -0.94
CA ILE D 295 -2.73 -30.37 -1.63
C ILE D 295 -4.02 -31.20 -1.85
N TYR D 296 -4.99 -31.07 -0.94
CA TYR D 296 -6.23 -31.86 -1.06
C TYR D 296 -7.03 -31.44 -2.28
N MET D 297 -7.15 -30.14 -2.49
CA MET D 297 -7.78 -29.63 -3.70
C MET D 297 -7.05 -30.25 -4.89
N LEU D 298 -5.72 -30.22 -4.87
CA LEU D 298 -4.94 -30.75 -5.99
C LEU D 298 -5.22 -32.22 -6.29
N ILE D 299 -5.05 -33.10 -5.29
CA ILE D 299 -5.32 -34.53 -5.52
C ILE D 299 -6.78 -34.74 -5.94
N GLN D 300 -7.68 -33.91 -5.41
CA GLN D 300 -9.09 -34.09 -5.71
C GLN D 300 -9.37 -33.62 -7.12
N ALA D 301 -8.71 -32.52 -7.49
CA ALA D 301 -8.79 -32.03 -8.85
C ALA D 301 -8.40 -33.16 -9.77
N TYR D 302 -7.27 -33.79 -9.46
CA TYR D 302 -6.75 -34.86 -10.30
C TYR D 302 -7.70 -36.04 -10.42
N LYS D 303 -8.31 -36.45 -9.30
CA LYS D 303 -9.26 -37.55 -9.34
C LYS D 303 -10.35 -37.23 -10.36
N VAL D 304 -11.00 -36.08 -10.18
CA VAL D 304 -12.12 -35.71 -11.03
C VAL D 304 -11.74 -35.41 -12.48
N PHE D 305 -10.81 -34.48 -12.70
CA PHE D 305 -10.53 -34.05 -14.07
C PHE D 305 -9.45 -34.87 -14.77
N ARG D 306 -8.78 -35.76 -14.03
CA ARG D 306 -7.83 -36.70 -14.59
C ARG D 306 -6.70 -36.07 -15.43
N GLU D 307 -6.29 -34.86 -15.08
CA GLU D 307 -5.27 -34.15 -15.85
C GLU D 307 -3.93 -34.08 -15.13
N GLU D 308 -2.87 -34.37 -15.87
CA GLU D 308 -1.50 -34.49 -15.34
C GLU D 308 -0.97 -33.34 -14.46
N LYS D 309 -1.37 -32.11 -14.75
CA LYS D 309 -0.86 -30.93 -14.04
C LYS D 309 -1.25 -30.90 -12.57
N TYR D 310 -2.44 -31.41 -12.23
CA TYR D 310 -2.94 -31.36 -10.86
C TYR D 310 -2.14 -32.29 -9.96
N LEU D 311 -1.85 -33.49 -10.47
CA LEU D 311 -1.04 -34.48 -9.75
C LEU D 311 0.38 -33.94 -9.61
N CYS D 312 0.89 -33.45 -10.73
CA CYS D 312 2.20 -32.83 -10.76
C CYS D 312 2.39 -31.81 -9.64
N ASP D 313 1.48 -30.84 -9.57
CA ASP D 313 1.51 -29.82 -8.52
C ASP D 313 1.38 -30.40 -7.11
N ALA D 314 0.62 -31.49 -6.99
CA ALA D 314 0.44 -32.17 -5.71
C ALA D 314 1.77 -32.75 -5.25
N TYR D 315 2.54 -33.28 -6.19
CA TYR D 315 3.89 -33.73 -5.88
C TYR D 315 4.73 -32.59 -5.31
N GLN D 316 4.66 -31.43 -5.96
CA GLN D 316 5.43 -30.26 -5.55
C GLN D 316 5.20 -29.94 -4.09
N CYS D 317 3.94 -30.06 -3.68
CA CYS D 317 3.54 -29.92 -2.27
C CYS D 317 4.35 -30.84 -1.37
N ALA D 318 4.29 -32.13 -1.67
CA ALA D 318 5.03 -33.16 -0.95
C ALA D 318 6.49 -32.77 -0.71
N ASP D 319 7.17 -32.32 -1.75
CA ASP D 319 8.59 -32.00 -1.60
C ASP D 319 8.85 -30.77 -0.73
N VAL D 320 7.94 -29.79 -0.81
CA VAL D 320 7.99 -28.60 0.05
C VAL D 320 7.75 -29.00 1.51
N ILE D 321 6.68 -29.76 1.74
CA ILE D 321 6.32 -30.19 3.08
C ILE D 321 7.41 -31.08 3.64
N TRP D 322 7.88 -32.01 2.82
CA TRP D 322 9.04 -32.82 3.18
C TRP D 322 10.25 -31.97 3.56
N GLN D 323 10.42 -30.83 2.91
CA GLN D 323 11.59 -30.03 3.17
C GLN D 323 11.41 -29.05 4.32
N TYR D 324 10.22 -28.45 4.43
CA TYR D 324 9.97 -27.43 5.45
C TYR D 324 8.77 -27.69 6.37
N GLY D 325 8.25 -28.91 6.35
CA GLY D 325 7.06 -29.26 7.14
C GLY D 325 7.23 -29.45 8.64
N LEU D 326 8.46 -29.61 9.13
CA LEU D 326 8.65 -29.84 10.55
C LEU D 326 8.61 -28.52 11.30
N LEU D 327 7.47 -28.13 11.81
CA LEU D 327 7.39 -26.73 12.16
C LEU D 327 7.86 -26.56 13.57
N LYS D 328 8.58 -25.45 13.80
CA LYS D 328 8.92 -25.03 15.14
C LYS D 328 7.66 -24.67 15.88
N LYS D 329 6.57 -24.50 15.13
CA LYS D 329 5.29 -24.19 15.69
C LYS D 329 4.84 -25.35 16.59
N GLY D 330 4.99 -26.58 16.11
CA GLY D 330 4.73 -27.77 16.92
C GLY D 330 4.23 -28.99 16.18
N TYR D 331 3.36 -29.75 16.85
CA TYR D 331 3.03 -31.12 16.42
C TYR D 331 1.58 -31.24 16.02
N GLY D 332 0.89 -30.10 16.01
CA GLY D 332 -0.56 -30.10 15.84
C GLY D 332 -1.05 -30.42 14.44
N LEU D 333 -2.37 -30.39 14.29
CA LEU D 333 -2.98 -30.64 13.01
C LEU D 333 -3.10 -29.37 12.16
N CYS D 334 -3.76 -28.34 12.70
CA CYS D 334 -4.04 -27.13 11.94
C CYS D 334 -2.73 -26.53 11.42
N HIS D 335 -1.72 -26.50 12.28
CA HIS D 335 -0.43 -26.02 11.86
C HIS D 335 0.66 -26.73 12.65
N GLY D 336 0.97 -27.96 12.24
CA GLY D 336 1.99 -28.77 12.90
C GLY D 336 2.34 -30.01 12.12
N SER D 337 3.42 -30.65 12.54
CA SER D 337 3.98 -31.79 11.85
C SER D 337 2.99 -32.94 11.67
N ALA D 338 2.11 -33.12 12.65
CA ALA D 338 1.07 -34.14 12.58
C ALA D 338 0.15 -33.84 11.40
N GLY D 339 -0.42 -32.63 11.41
CA GLY D 339 -1.21 -32.15 10.28
C GLY D 339 -0.45 -32.23 8.97
N ASN D 340 0.77 -31.70 8.94
CA ASN D 340 1.54 -31.72 7.69
C ASN D 340 1.70 -33.13 7.14
N ALA D 341 1.90 -34.11 8.03
CA ALA D 341 2.14 -35.49 7.61
C ALA D 341 0.97 -36.13 6.84
N TYR D 342 -0.23 -35.62 7.05
CA TYR D 342 -1.41 -36.24 6.48
C TYR D 342 -1.41 -35.99 4.98
N ALA D 343 -0.67 -34.94 4.63
CA ALA D 343 -0.50 -34.53 3.23
C ALA D 343 0.16 -35.69 2.50
N PHE D 344 1.19 -36.24 3.12
CA PHE D 344 1.85 -37.45 2.64
C PHE D 344 0.88 -38.62 2.47
N LEU D 345 0.11 -38.90 3.50
CA LEU D 345 -0.85 -40.00 3.43
C LEU D 345 -1.83 -39.87 2.27
N THR D 346 -2.40 -38.67 2.09
CA THR D 346 -3.38 -38.48 1.04
C THR D 346 -2.78 -38.70 -0.32
N LEU D 347 -1.55 -38.25 -0.51
CA LEU D 347 -0.85 -38.50 -1.77
C LEU D 347 -0.50 -39.98 -1.95
N TYR D 348 0.04 -40.62 -0.89
CA TYR D 348 0.19 -42.07 -0.85
C TYR D 348 -1.09 -42.84 -1.20
N ASN D 349 -2.22 -42.43 -0.64
CA ASN D 349 -3.43 -43.17 -0.88
C ASN D 349 -4.01 -42.95 -2.25
N LEU D 350 -3.43 -42.01 -2.98
CA LEU D 350 -3.80 -41.80 -4.37
C LEU D 350 -2.84 -42.56 -5.27
N THR D 351 -1.56 -42.33 -5.02
CA THR D 351 -0.47 -42.79 -5.87
C THR D 351 -0.10 -44.27 -5.67
N GLN D 352 0.03 -44.70 -4.41
CA GLN D 352 0.57 -46.03 -4.02
C GLN D 352 2.08 -46.01 -3.98
N ASP D 353 2.66 -44.90 -4.39
CA ASP D 353 4.08 -44.72 -4.26
C ASP D 353 4.44 -44.79 -2.77
N MET D 354 5.28 -45.76 -2.42
CA MET D 354 5.70 -45.98 -1.03
C MET D 354 6.58 -44.85 -0.47
N LYS D 355 7.02 -43.95 -1.35
CA LYS D 355 7.82 -42.81 -0.95
C LYS D 355 7.08 -42.01 0.10
N TYR D 356 5.78 -41.82 -0.12
CA TYR D 356 5.01 -40.94 0.74
C TYR D 356 4.58 -41.61 2.05
N LEU D 357 4.42 -42.93 2.05
CA LEU D 357 4.25 -43.63 3.30
C LEU D 357 5.51 -43.42 4.13
N TYR D 358 6.66 -43.76 3.55
CA TYR D 358 7.93 -43.58 4.24
C TYR D 358 7.99 -42.18 4.87
N ARG D 359 7.56 -41.16 4.12
CA ARG D 359 7.73 -39.79 4.57
C ARG D 359 6.82 -39.53 5.75
N ALA D 360 5.61 -40.05 5.66
CA ALA D 360 4.63 -39.96 6.74
C ALA D 360 5.18 -40.61 8.00
N CYS D 361 5.78 -41.78 7.83
CA CYS D 361 6.34 -42.54 8.96
C CYS D 361 7.46 -41.78 9.64
N LYS D 362 8.33 -41.17 8.83
CA LYS D 362 9.46 -40.44 9.36
C LYS D 362 8.99 -39.20 10.10
N PHE D 363 7.92 -38.57 9.64
CA PHE D 363 7.33 -37.50 10.43
C PHE D 363 6.78 -38.02 11.76
N ALA D 364 6.10 -39.18 11.73
CA ALA D 364 5.61 -39.81 12.95
C ALA D 364 6.78 -40.06 13.88
N GLU D 365 7.89 -40.47 13.28
CA GLU D 365 9.16 -40.66 13.98
C GLU D 365 9.53 -39.39 14.73
N TRP D 366 9.29 -38.24 14.10
CA TRP D 366 9.53 -36.95 14.72
C TRP D 366 8.66 -36.74 15.95
N CYS D 367 7.41 -37.20 15.85
CA CYS D 367 6.44 -37.03 16.91
C CYS D 367 6.67 -37.88 18.13
N LEU D 368 7.24 -39.06 17.93
CA LEU D 368 7.47 -39.95 19.06
C LEU D 368 8.41 -39.27 20.04
N GLU D 369 9.14 -38.28 19.52
CA GLU D 369 9.99 -37.43 20.36
C GLU D 369 9.31 -36.12 20.79
N TYR D 370 7.99 -36.14 20.84
CA TYR D 370 7.16 -35.04 21.30
C TYR D 370 7.79 -34.32 22.49
N GLY D 371 7.95 -33.02 22.39
CA GLY D 371 8.48 -32.23 23.50
C GLY D 371 9.99 -32.13 23.63
N GLU D 372 10.73 -32.73 22.71
CA GLU D 372 12.19 -32.72 22.82
C GLU D 372 12.90 -31.83 21.81
N HIS D 373 12.16 -30.93 21.17
CA HIS D 373 12.74 -30.15 20.09
C HIS D 373 12.81 -28.68 20.44
N GLY D 374 11.98 -28.27 21.39
CA GLY D 374 11.95 -26.88 21.85
C GLY D 374 10.81 -26.05 21.28
N CYS D 375 9.73 -26.72 20.88
CA CYS D 375 8.56 -26.04 20.34
C CYS D 375 7.75 -25.33 21.44
N ARG D 376 7.17 -24.19 21.11
CA ARG D 376 6.34 -23.45 22.07
C ARG D 376 5.05 -24.22 22.40
N THR D 377 4.50 -23.95 23.57
CA THR D 377 3.26 -24.58 23.98
C THR D 377 2.12 -23.94 23.20
N PRO D 378 1.21 -24.76 22.65
CA PRO D 378 -0.03 -24.27 22.03
C PRO D 378 -0.90 -23.52 23.03
N ASP D 379 -1.80 -22.68 22.53
CA ASP D 379 -2.74 -21.98 23.39
C ASP D 379 -3.60 -23.00 24.11
N THR D 380 -4.18 -23.92 23.34
CA THR D 380 -4.85 -25.07 23.93
C THR D 380 -4.00 -26.32 23.66
N PRO D 381 -3.08 -26.64 24.59
CA PRO D 381 -2.00 -27.63 24.42
C PRO D 381 -2.50 -29.07 24.21
N PHE D 382 -3.78 -29.31 24.46
CA PHE D 382 -4.31 -30.67 24.38
C PHE D 382 -5.45 -30.82 23.37
N SER D 383 -5.73 -29.76 22.61
CA SER D 383 -6.89 -29.78 21.72
C SER D 383 -6.67 -30.57 20.44
N LEU D 384 -7.74 -30.73 19.67
CA LEU D 384 -7.68 -31.56 18.48
C LEU D 384 -6.86 -30.93 17.37
N PHE D 385 -6.96 -29.61 17.20
CA PHE D 385 -6.28 -28.94 16.07
C PHE D 385 -5.09 -28.08 16.48
N GLU D 386 -5.08 -27.65 17.73
CA GLU D 386 -3.96 -26.87 18.22
C GLU D 386 -3.00 -27.75 18.99
N GLY D 387 -3.56 -28.71 19.73
CA GLY D 387 -2.76 -29.45 20.67
C GLY D 387 -2.61 -30.95 20.48
N MET D 388 -2.42 -31.62 21.60
CA MET D 388 -1.91 -32.98 21.66
C MET D 388 -2.87 -34.02 21.09
N ALA D 389 -4.17 -33.77 21.17
CA ALA D 389 -5.14 -34.73 20.66
C ALA D 389 -4.98 -34.94 19.16
N GLY D 390 -4.52 -33.90 18.48
CA GLY D 390 -4.29 -34.01 17.03
C GLY D 390 -3.17 -35.00 16.75
N THR D 391 -2.08 -34.87 17.49
CA THR D 391 -0.95 -35.76 17.34
C THR D 391 -1.39 -37.20 17.58
N ILE D 392 -1.93 -37.48 18.76
CA ILE D 392 -2.52 -38.79 19.03
C ILE D 392 -3.47 -39.26 17.90
N TYR D 393 -4.43 -38.42 17.53
CA TYR D 393 -5.31 -38.80 16.43
C TYR D 393 -4.50 -39.37 15.25
N PHE D 394 -3.50 -38.61 14.78
CA PHE D 394 -2.67 -38.97 13.63
C PHE D 394 -1.89 -40.26 13.81
N LEU D 395 -1.16 -40.35 14.91
CA LEU D 395 -0.47 -41.60 15.23
C LEU D 395 -1.37 -42.84 15.13
N ALA D 396 -2.52 -42.81 15.80
CA ALA D 396 -3.44 -43.95 15.73
C ALA D 396 -4.00 -44.17 14.32
N ASP D 397 -4.23 -43.08 13.60
CA ASP D 397 -4.77 -43.18 12.24
C ASP D 397 -3.75 -43.87 11.37
N LEU D 398 -2.48 -43.65 11.70
CA LEU D 398 -1.38 -44.21 10.95
C LEU D 398 -1.27 -45.72 11.08
N LEU D 399 -1.89 -46.28 12.11
CA LEU D 399 -1.87 -47.73 12.35
C LEU D 399 -2.38 -48.56 11.17
N VAL D 400 -3.29 -47.98 10.38
CA VAL D 400 -3.85 -48.65 9.21
C VAL D 400 -3.89 -47.55 8.17
N PRO D 401 -2.72 -47.26 7.55
CA PRO D 401 -2.49 -46.08 6.74
C PRO D 401 -3.43 -45.92 5.55
N THR D 402 -3.88 -47.01 4.94
CA THR D 402 -4.76 -46.82 3.79
C THR D 402 -6.13 -46.26 4.19
N LYS D 403 -6.40 -46.18 5.48
CA LYS D 403 -7.65 -45.58 5.92
C LYS D 403 -7.51 -44.20 6.60
N ALA D 404 -6.26 -43.78 6.85
CA ALA D 404 -5.99 -42.46 7.40
C ALA D 404 -6.75 -41.35 6.67
N ARG D 405 -7.30 -40.41 7.43
CA ARG D 405 -8.10 -39.36 6.84
C ARG D 405 -7.82 -38.14 7.69
N PHE D 406 -7.50 -37.00 7.08
CA PHE D 406 -7.34 -35.79 7.88
C PHE D 406 -8.66 -35.46 8.56
N PRO D 407 -8.65 -35.38 9.88
CA PRO D 407 -9.87 -35.38 10.67
C PRO D 407 -10.66 -34.12 10.45
N ALA D 408 -11.96 -34.25 10.25
CA ALA D 408 -12.79 -33.08 10.33
C ALA D 408 -12.77 -32.33 9.02
N PHE D 409 -11.95 -32.81 8.10
CA PHE D 409 -11.79 -32.10 6.83
C PHE D 409 -11.77 -33.00 5.59
N GLU D 410 -11.03 -34.11 5.64
CA GLU D 410 -10.84 -34.91 4.42
C GLU D 410 -11.90 -35.95 4.32
N LEU D 411 -12.25 -36.32 3.09
CA LEU D 411 -13.36 -37.23 2.86
C LEU D 411 -12.92 -38.42 1.99
#